data_4F7V
# 
_entry.id   4F7V 
# 
_audit_conform.dict_name       mmcif_pdbx.dic 
_audit_conform.dict_version    5.379 
_audit_conform.dict_location   http://mmcif.pdb.org/dictionaries/ascii/mmcif_pdbx.dic 
# 
loop_
_database_2.database_id 
_database_2.database_code 
_database_2.pdbx_database_accession 
_database_2.pdbx_DOI 
PDB   4F7V         pdb_00004f7v 10.2210/pdb4f7v/pdb 
RCSB  RCSB072565   ?            ?                   
WWPDB D_1000072565 ?            ?                   
# 
loop_
_pdbx_database_related.db_name 
_pdbx_database_related.db_id 
_pdbx_database_related.details 
_pdbx_database_related.content_type 
PDB 1EX8 'Crystal structure of E. coli HPPK in complex with bisubstrate analogue inhibitor A4P (HP4A)' unspecified 
PDB 3UD5 'Crystal structure of E. coli HPPK in complex with bisubstrate analogue inhibitor J1A (HP19)' unspecified 
PDB 3UDE 'Crystal structure of E. coli HPPK in complex with bisubstrate analogue inhibitor J1B (HP17)' unspecified 
PDB 3UDV 'Crystal structure of E. coli HPPK in complex with bisubstrate analogue inhibitor J1C (HP18)' unspecified 
# 
_pdbx_database_status.entry_id                        4F7V 
_pdbx_database_status.status_code                     REL 
_pdbx_database_status.deposit_site                    RCSB 
_pdbx_database_status.process_site                    RCSB 
_pdbx_database_status.recvd_initial_deposition_date   2012-05-16 
_pdbx_database_status.status_code_sf                  REL 
_pdbx_database_status.status_code_mr                  ? 
_pdbx_database_status.SG_entry                        ? 
_pdbx_database_status.status_code_cs                  ? 
_pdbx_database_status.methods_development_category    ? 
_pdbx_database_status.pdb_format_compatible           Y 
_pdbx_database_status.status_code_nmr_data            ? 
# 
loop_
_audit_author.name 
_audit_author.pdbx_ordinal 
_audit_author.identifier_ORCID 
'Shaw, G.' 1 ?                   
'Shi, G.'  2 ?                   
'Ji, X.'   3 0000-0001-6942-1514 
# 
loop_
_citation.id 
_citation.title 
_citation.journal_abbrev 
_citation.journal_volume 
_citation.page_first 
_citation.page_last 
_citation.year 
_citation.journal_id_ASTM 
_citation.country 
_citation.journal_id_ISSN 
_citation.journal_id_CSD 
_citation.book_publisher 
_citation.pdbx_database_id_PubMed 
_citation.pdbx_database_id_DOI 
primary 
'Bisubstrate analog inhibitors of 6-hydroxymethyl-7,8-dihydropterin pyrophosphokinase: New lead exhibits a distinct binding mode.' 
Bioorg.Med.Chem. 20 4303 4309 2012 BMECEP UK 0968-0896 1200 ? 22727779 10.1016/j.bmc.2012.05.060 
1       
;Bisubstrate analogue inhibitors of 6-hydroxymethyl-7,8-dihydropterin pyrophosphokinase: synthesis and biochemical and crystallographic studies.
;
J.Med.Chem.      44 1364 1371 2001 JMCMAR US 0022-2623 0151 ? 11311059 ?                         
2       
'Bisubstrate analogue inhibitors of 6-hydroxymethyl-7,8-dihydropterin pyrophosphokinase: New design with improved properties.' 
Bioorg.Med.Chem. 20 47   57   2012 BMECEP UK 0968-0896 1200 ? 22169600 10.1016/j.bmc.2011.11.032 
# 
loop_
_citation_author.citation_id 
_citation_author.name 
_citation_author.ordinal 
_citation_author.identifier_ORCID 
primary 'Shi, G.'        1  ?                   
primary 'Shaw, G.'       2  ?                   
primary 'Li, Y.'         3  ?                   
primary 'Wu, Y.'         4  ?                   
primary 'Yan, H.'        5  ?                   
primary 'Ji, X.'         6  0000-0001-6942-1514 
1       'Shi, G.'        7  ?                   
1       'Blaszczyk, J.'  8  ?                   
1       'Ji, X.'         9  ?                   
1       'Yan, H.'        10 ?                   
2       'Shi, G.'        11 ?                   
2       'Shaw, G.'       12 ?                   
2       'Liang, Y.H.'    13 ?                   
2       'Subburaman, P.' 14 ?                   
2       'Li, Y.'         15 ?                   
2       'Wu, Y.'         16 ?                   
2       'Yan, H.'        17 ?                   
2       'Ji, X.'         18 ?                   
# 
_cell.entry_id           4F7V 
_cell.length_a           53.118 
_cell.length_b           70.581 
_cell.length_c           36.261 
_cell.angle_alpha        90.00 
_cell.angle_beta         90.00 
_cell.angle_gamma        90.00 
_cell.Z_PDB              4 
_cell.pdbx_unique_axis   ? 
_cell.length_a_esd       ? 
_cell.length_b_esd       ? 
_cell.length_c_esd       ? 
_cell.angle_alpha_esd    ? 
_cell.angle_beta_esd     ? 
_cell.angle_gamma_esd    ? 
# 
_symmetry.entry_id                         4F7V 
_symmetry.space_group_name_H-M             'P 21 21 2' 
_symmetry.pdbx_full_space_group_name_H-M   ? 
_symmetry.cell_setting                     ? 
_symmetry.Int_Tables_number                18 
_symmetry.space_group_name_Hall            ? 
# 
loop_
_entity.id 
_entity.type 
_entity.src_method 
_entity.pdbx_description 
_entity.formula_weight 
_entity.pdbx_number_of_molecules 
_entity.pdbx_ec 
_entity.pdbx_mutation 
_entity.pdbx_fragment 
_entity.details 
1 polymer     man '2-amino-4-hydroxy-6-hydroxymethyldihydropteridine pyrophosphokinase' 17966.535 1   2.7.6.3 ? ? ? 
2 non-polymer syn 
"5'-{[2-({N-[(2-amino-7,7-dimethyl-4-oxo-3,4,7,8-tetrahydropteridin-6-yl)carbonyl]glycyl}amino)ethyl]sulfonyl}-5'-deoxyadenosine" 
634.625   1   ?       ? ? ? 
3 water       nat water 18.015    171 ?       ? ? ? 
# 
_entity_name_com.entity_id   1 
_entity_name_com.name        
'6-hydroxymethyl-7,8-dihydropterin pyrophosphokinase, PPPK, 7,8-dihydro-6-hydroxymethylpterin-pyrophosphokinase, HPPK' 
# 
_entity_poly.entity_id                      1 
_entity_poly.type                           'polypeptide(L)' 
_entity_poly.nstd_linkage                   no 
_entity_poly.nstd_monomer                   no 
_entity_poly.pdbx_seq_one_letter_code       
;TVAYIAIGSNLASPLEQVNAALKALGDIPESHILTVSSFYRTPPLGPQDQPDYLNAAVALETSLAPEELLNHTQRIELQQ
GRVRKAERWGPRTLDLDIMLFGNEVINTERLTVPHYDMKNRGFMLWPLFEIAPELVFPDGEMLRQILHTRAFDKLNKW
;
_entity_poly.pdbx_seq_one_letter_code_can   
;TVAYIAIGSNLASPLEQVNAALKALGDIPESHILTVSSFYRTPPLGPQDQPDYLNAAVALETSLAPEELLNHTQRIELQQ
GRVRKAERWGPRTLDLDIMLFGNEVINTERLTVPHYDMKNRGFMLWPLFEIAPELVFPDGEMLRQILHTRAFDKLNKW
;
_entity_poly.pdbx_strand_id                 A 
_entity_poly.pdbx_target_identifier         ? 
# 
loop_
_entity_poly_seq.entity_id 
_entity_poly_seq.num 
_entity_poly_seq.mon_id 
_entity_poly_seq.hetero 
1 1   THR n 
1 2   VAL n 
1 3   ALA n 
1 4   TYR n 
1 5   ILE n 
1 6   ALA n 
1 7   ILE n 
1 8   GLY n 
1 9   SER n 
1 10  ASN n 
1 11  LEU n 
1 12  ALA n 
1 13  SER n 
1 14  PRO n 
1 15  LEU n 
1 16  GLU n 
1 17  GLN n 
1 18  VAL n 
1 19  ASN n 
1 20  ALA n 
1 21  ALA n 
1 22  LEU n 
1 23  LYS n 
1 24  ALA n 
1 25  LEU n 
1 26  GLY n 
1 27  ASP n 
1 28  ILE n 
1 29  PRO n 
1 30  GLU n 
1 31  SER n 
1 32  HIS n 
1 33  ILE n 
1 34  LEU n 
1 35  THR n 
1 36  VAL n 
1 37  SER n 
1 38  SER n 
1 39  PHE n 
1 40  TYR n 
1 41  ARG n 
1 42  THR n 
1 43  PRO n 
1 44  PRO n 
1 45  LEU n 
1 46  GLY n 
1 47  PRO n 
1 48  GLN n 
1 49  ASP n 
1 50  GLN n 
1 51  PRO n 
1 52  ASP n 
1 53  TYR n 
1 54  LEU n 
1 55  ASN n 
1 56  ALA n 
1 57  ALA n 
1 58  VAL n 
1 59  ALA n 
1 60  LEU n 
1 61  GLU n 
1 62  THR n 
1 63  SER n 
1 64  LEU n 
1 65  ALA n 
1 66  PRO n 
1 67  GLU n 
1 68  GLU n 
1 69  LEU n 
1 70  LEU n 
1 71  ASN n 
1 72  HIS n 
1 73  THR n 
1 74  GLN n 
1 75  ARG n 
1 76  ILE n 
1 77  GLU n 
1 78  LEU n 
1 79  GLN n 
1 80  GLN n 
1 81  GLY n 
1 82  ARG n 
1 83  VAL n 
1 84  ARG n 
1 85  LYS n 
1 86  ALA n 
1 87  GLU n 
1 88  ARG n 
1 89  TRP n 
1 90  GLY n 
1 91  PRO n 
1 92  ARG n 
1 93  THR n 
1 94  LEU n 
1 95  ASP n 
1 96  LEU n 
1 97  ASP n 
1 98  ILE n 
1 99  MET n 
1 100 LEU n 
1 101 PHE n 
1 102 GLY n 
1 103 ASN n 
1 104 GLU n 
1 105 VAL n 
1 106 ILE n 
1 107 ASN n 
1 108 THR n 
1 109 GLU n 
1 110 ARG n 
1 111 LEU n 
1 112 THR n 
1 113 VAL n 
1 114 PRO n 
1 115 HIS n 
1 116 TYR n 
1 117 ASP n 
1 118 MET n 
1 119 LYS n 
1 120 ASN n 
1 121 ARG n 
1 122 GLY n 
1 123 PHE n 
1 124 MET n 
1 125 LEU n 
1 126 TRP n 
1 127 PRO n 
1 128 LEU n 
1 129 PHE n 
1 130 GLU n 
1 131 ILE n 
1 132 ALA n 
1 133 PRO n 
1 134 GLU n 
1 135 LEU n 
1 136 VAL n 
1 137 PHE n 
1 138 PRO n 
1 139 ASP n 
1 140 GLY n 
1 141 GLU n 
1 142 MET n 
1 143 LEU n 
1 144 ARG n 
1 145 GLN n 
1 146 ILE n 
1 147 LEU n 
1 148 HIS n 
1 149 THR n 
1 150 ARG n 
1 151 ALA n 
1 152 PHE n 
1 153 ASP n 
1 154 LYS n 
1 155 LEU n 
1 156 ASN n 
1 157 LYS n 
1 158 TRP n 
# 
_entity_src_gen.entity_id                          1 
_entity_src_gen.pdbx_src_id                        1 
_entity_src_gen.pdbx_alt_source_flag               sample 
_entity_src_gen.pdbx_seq_type                      ? 
_entity_src_gen.pdbx_beg_seq_num                   ? 
_entity_src_gen.pdbx_end_seq_num                   ? 
_entity_src_gen.gene_src_common_name               ? 
_entity_src_gen.gene_src_genus                     ? 
_entity_src_gen.pdbx_gene_src_gene                 'b0142, foIK, folK, JW0138' 
_entity_src_gen.gene_src_species                   ? 
_entity_src_gen.gene_src_strain                    K12 
_entity_src_gen.gene_src_tissue                    ? 
_entity_src_gen.gene_src_tissue_fraction           ? 
_entity_src_gen.gene_src_details                   ? 
_entity_src_gen.pdbx_gene_src_fragment             ? 
_entity_src_gen.pdbx_gene_src_scientific_name      'Escherichia coli' 
_entity_src_gen.pdbx_gene_src_ncbi_taxonomy_id     83333 
_entity_src_gen.pdbx_gene_src_variant              ? 
_entity_src_gen.pdbx_gene_src_cell_line            ? 
_entity_src_gen.pdbx_gene_src_atcc                 ? 
_entity_src_gen.pdbx_gene_src_organ                ? 
_entity_src_gen.pdbx_gene_src_organelle            ? 
_entity_src_gen.pdbx_gene_src_cell                 ? 
_entity_src_gen.pdbx_gene_src_cellular_location    ? 
_entity_src_gen.host_org_common_name               ? 
_entity_src_gen.pdbx_host_org_scientific_name      'Escherichia coli' 
_entity_src_gen.pdbx_host_org_ncbi_taxonomy_id     469008 
_entity_src_gen.host_org_genus                     ? 
_entity_src_gen.pdbx_host_org_gene                 ? 
_entity_src_gen.pdbx_host_org_organ                ? 
_entity_src_gen.host_org_species                   ? 
_entity_src_gen.pdbx_host_org_tissue               ? 
_entity_src_gen.pdbx_host_org_tissue_fraction      ? 
_entity_src_gen.pdbx_host_org_strain               'BL21(DE3)' 
_entity_src_gen.pdbx_host_org_variant              ? 
_entity_src_gen.pdbx_host_org_cell_line            ? 
_entity_src_gen.pdbx_host_org_atcc                 ? 
_entity_src_gen.pdbx_host_org_culture_collection   ? 
_entity_src_gen.pdbx_host_org_cell                 ? 
_entity_src_gen.pdbx_host_org_organelle            ? 
_entity_src_gen.pdbx_host_org_cellular_location    ? 
_entity_src_gen.pdbx_host_org_vector_type          plasmid 
_entity_src_gen.pdbx_host_org_vector               ? 
_entity_src_gen.host_org_details                   ? 
_entity_src_gen.expression_system_id               ? 
_entity_src_gen.plasmid_name                       pET17b 
_entity_src_gen.plasmid_details                    ? 
_entity_src_gen.pdbx_description                   ? 
# 
_struct_ref.id                         1 
_struct_ref.db_name                    UNP 
_struct_ref.db_code                    HPPK_ECOLI 
_struct_ref.pdbx_db_accession          P26281 
_struct_ref.entity_id                  1 
_struct_ref.pdbx_seq_one_letter_code   
;TVAYIAIGSNLASPLEQVNAALKALGDIPESHILTVSSFYRTPPLGPQDQPDYLNAAVALETSLAPEELLNHTQRIELQQ
GRVRKAERWGPRTLDLDIMLFGNEVINTERLTVPHYDMKNRGFMLWPLFEIAPELVFPDGEMLRQILHTRAFDKLNKW
;
_struct_ref.pdbx_align_begin           2 
_struct_ref.pdbx_db_isoform            ? 
# 
_struct_ref_seq.align_id                      1 
_struct_ref_seq.ref_id                        1 
_struct_ref_seq.pdbx_PDB_id_code              4F7V 
_struct_ref_seq.pdbx_strand_id                A 
_struct_ref_seq.seq_align_beg                 1 
_struct_ref_seq.pdbx_seq_align_beg_ins_code   ? 
_struct_ref_seq.seq_align_end                 158 
_struct_ref_seq.pdbx_seq_align_end_ins_code   ? 
_struct_ref_seq.pdbx_db_accession             P26281 
_struct_ref_seq.db_align_beg                  2 
_struct_ref_seq.pdbx_db_align_beg_ins_code    ? 
_struct_ref_seq.db_align_end                  159 
_struct_ref_seq.pdbx_db_align_end_ins_code    ? 
_struct_ref_seq.pdbx_auth_seq_align_beg       1 
_struct_ref_seq.pdbx_auth_seq_align_end       158 
# 
loop_
_chem_comp.id 
_chem_comp.type 
_chem_comp.mon_nstd_flag 
_chem_comp.name 
_chem_comp.pdbx_synonyms 
_chem_comp.formula 
_chem_comp.formula_weight 
ALA 'L-peptide linking' y ALANINE ? 'C3 H7 N O2'       89.093  
ARG 'L-peptide linking' y ARGININE ? 'C6 H15 N4 O2 1'   175.209 
ASN 'L-peptide linking' y ASPARAGINE ? 'C4 H8 N2 O3'      132.118 
ASP 'L-peptide linking' y 'ASPARTIC ACID' ? 'C4 H7 N O4'       133.103 
GLN 'L-peptide linking' y GLUTAMINE ? 'C5 H10 N2 O3'     146.144 
GLU 'L-peptide linking' y 'GLUTAMIC ACID' ? 'C5 H9 N O4'       147.129 
GLY 'peptide linking'   y GLYCINE ? 'C2 H5 N O2'       75.067  
HIS 'L-peptide linking' y HISTIDINE ? 'C6 H10 N3 O2 1'   156.162 
HOH non-polymer         . WATER ? 'H2 O'             18.015  
ILE 'L-peptide linking' y ISOLEUCINE ? 'C6 H13 N O2'      131.173 
J1D non-polymer         . 
"5'-{[2-({N-[(2-amino-7,7-dimethyl-4-oxo-3,4,7,8-tetrahydropteridin-6-yl)carbonyl]glycyl}amino)ethyl]sulfonyl}-5'-deoxyadenosine" 
? 'C23 H30 N12 O8 S' 634.625 
LEU 'L-peptide linking' y LEUCINE ? 'C6 H13 N O2'      131.173 
LYS 'L-peptide linking' y LYSINE ? 'C6 H15 N2 O2 1'   147.195 
MET 'L-peptide linking' y METHIONINE ? 'C5 H11 N O2 S'    149.211 
PHE 'L-peptide linking' y PHENYLALANINE ? 'C9 H11 N O2'      165.189 
PRO 'L-peptide linking' y PROLINE ? 'C5 H9 N O2'       115.130 
SER 'L-peptide linking' y SERINE ? 'C3 H7 N O3'       105.093 
THR 'L-peptide linking' y THREONINE ? 'C4 H9 N O3'       119.119 
TRP 'L-peptide linking' y TRYPTOPHAN ? 'C11 H12 N2 O2'    204.225 
TYR 'L-peptide linking' y TYROSINE ? 'C9 H11 N O3'      181.189 
VAL 'L-peptide linking' y VALINE ? 'C5 H11 N O2'      117.146 
# 
_exptl.crystals_number   1 
_exptl.entry_id          4F7V 
_exptl.method            'X-RAY DIFFRACTION' 
# 
_exptl_crystal.id                    1 
_exptl_crystal.density_Matthews      1.89 
_exptl_crystal.density_meas          ? 
_exptl_crystal.density_percent_sol   34.98 
_exptl_crystal.description           ? 
_exptl_crystal.F_000                 ? 
_exptl_crystal.preparation           ? 
# 
_exptl_crystal_grow.crystal_id      1 
_exptl_crystal_grow.method          'VAPOR DIFFUSION, SITTING DROP' 
_exptl_crystal_grow.pH              7.5 
_exptl_crystal_grow.temp            292 
_exptl_crystal_grow.pdbx_details    'PEG 3350, NaCl, HEPES, pH 7.5, vapor diffusion, sitting drop, temperature 292K' 
_exptl_crystal_grow.temp_details    ? 
_exptl_crystal_grow.pdbx_pH_range   ? 
# 
_diffrn.id                     1 
_diffrn.ambient_temp           100 
_diffrn.ambient_temp_details   ? 
_diffrn.crystal_id             1 
# 
_diffrn_detector.diffrn_id              1 
_diffrn_detector.detector               CCD 
_diffrn_detector.type                   'MARMOSAIC 225 mm CCD' 
_diffrn_detector.pdbx_collection_date   2010-07-17 
_diffrn_detector.details                mirrors 
# 
_diffrn_radiation.diffrn_id                        1 
_diffrn_radiation.pdbx_diffrn_protocol             'SINGLE WAVELENGTH' 
_diffrn_radiation.monochromator                    GRAPHITE 
_diffrn_radiation.wavelength_id                    1 
_diffrn_radiation.pdbx_monochromatic_or_laue_m_l   M 
_diffrn_radiation.pdbx_scattering_type             x-ray 
# 
_diffrn_radiation_wavelength.id           1 
_diffrn_radiation_wavelength.wavelength   1.0 
_diffrn_radiation_wavelength.wt           1.0 
# 
_diffrn_source.diffrn_id                   1 
_diffrn_source.source                      SYNCHROTRON 
_diffrn_source.type                        'APS BEAMLINE 22-BM' 
_diffrn_source.pdbx_wavelength_list        1.0 
_diffrn_source.pdbx_wavelength             ? 
_diffrn_source.pdbx_synchrotron_site       APS 
_diffrn_source.pdbx_synchrotron_beamline   22-BM 
# 
_reflns.entry_id                     4F7V 
_reflns.d_resolution_high            1.670 
_reflns.d_resolution_low             30.000 
_reflns.number_obs                   14746 
_reflns.pdbx_Rmerge_I_obs            0.086 
_reflns.pdbx_netI_over_sigmaI        9.100 
_reflns.pdbx_chi_squared             1.000 
_reflns.pdbx_redundancy              4.900 
_reflns.percent_possible_obs         89.000 
_reflns.observed_criterion_sigma_F   -6 
_reflns.observed_criterion_sigma_I   -3 
_reflns.number_all                   14746 
_reflns.pdbx_Rsym_value              ? 
_reflns.B_iso_Wilson_estimate        16.58 
_reflns.R_free_details               ? 
_reflns.limit_h_max                  ? 
_reflns.limit_h_min                  ? 
_reflns.limit_k_max                  ? 
_reflns.limit_k_min                  ? 
_reflns.limit_l_max                  ? 
_reflns.limit_l_min                  ? 
_reflns.observed_criterion_F_max     ? 
_reflns.observed_criterion_F_min     ? 
_reflns.pdbx_scaling_rejects         ? 
_reflns.pdbx_ordinal                 1 
_reflns.pdbx_diffrn_id               1 
# 
loop_
_reflns_shell.d_res_high 
_reflns_shell.d_res_low 
_reflns_shell.number_measured_obs 
_reflns_shell.number_measured_all 
_reflns_shell.number_unique_obs 
_reflns_shell.Rmerge_I_obs 
_reflns_shell.meanI_over_sigI_obs 
_reflns_shell.pdbx_Rsym_value 
_reflns_shell.pdbx_chi_squared 
_reflns_shell.pdbx_redundancy 
_reflns_shell.percent_possible_obs 
_reflns_shell.number_unique_all 
_reflns_shell.percent_possible_all 
_reflns_shell.pdbx_ordinal 
_reflns_shell.pdbx_diffrn_id 
1.670 1.730  ? ? ? 0.411 1.85  ? 1.000 2.500 ? 802  49.100 1  1 
1.730 1.800  ? ? ? 0.377 2.42  ? 1.000 3.100 ? 1054 65.800 2  1 
1.800 1.880  ? ? ? 0.325 3.51  ? 1.000 4.000 ? 1361 83.100 3  1 
1.880 1.980  ? ? ? 0.248 5.31  ? 0.998 4.600 ? 1497 92.500 4  1 
1.980 2.100  ? ? ? 0.192 7.11  ? 1.002 5.100 ? 1624 99.000 5  1 
2.100 2.270  ? ? ? 0.145 10.03 ? 1.001 5.300 ? 1631 99.500 6  1 
2.270 2.490  ? ? ? 0.108 13.89 ? 0.998 5.500 ? 1635 99.600 7  1 
2.490 2.860  ? ? ? 0.094 16.20 ? 1.000 5.500 ? 1658 99.800 8  1 
2.860 3.600  ? ? ? 0.083 17.47 ? 0.999 5.700 ? 1700 99.800 9  1 
3.600 30.000 ? ? ? 0.049 28.60 ? 1.001 5.600 ? 1784 99.600 10 1 
# 
_refine.entry_id                                 4F7V 
_refine.ls_d_res_high                            1.7300 
_refine.ls_d_res_low                             27.5690 
_refine.pdbx_ls_sigma_F                          1.340 
_refine.pdbx_data_cutoff_high_absF               ? 
_refine.pdbx_data_cutoff_low_absF                ? 
_refine.ls_percent_reflns_obs                    93.5700 
_refine.ls_number_reflns_obs                     13829 
_refine.ls_number_reflns_all                     13829 
_refine.pdbx_ls_cross_valid_method               THROUGHOUT 
_refine.pdbx_R_Free_selection_details            Random 
_refine.details                                  ? 
_refine.ls_R_factor_all                          ? 
_refine.ls_R_factor_obs                          0.1755 
_refine.ls_R_factor_R_work                       0.1722 
_refine.ls_wR_factor_R_work                      ? 
_refine.ls_R_factor_R_free                       0.2220 
_refine.ls_wR_factor_R_free                      ? 
_refine.ls_percent_reflns_R_free                 6.8000 
_refine.ls_number_reflns_R_free                  940 
_refine.ls_R_factor_R_free_error                 ? 
_refine.B_iso_mean                               20.4850 
_refine.solvent_model_param_bsol                 46.9900 
_refine.solvent_model_param_ksol                 0.3710 
_refine.pdbx_isotropic_thermal_model             ? 
_refine.aniso_B[1][1]                            0.0000 
_refine.aniso_B[2][2]                            0.0000 
_refine.aniso_B[3][3]                            0.0000 
_refine.aniso_B[1][2]                            0.0000 
_refine.aniso_B[1][3]                            0.0000 
_refine.aniso_B[2][3]                            0.0000 
_refine.correlation_coeff_Fo_to_Fc               ? 
_refine.correlation_coeff_Fo_to_Fc_free          ? 
_refine.overall_SU_R_Cruickshank_DPI             ? 
_refine.overall_SU_R_free                        ? 
_refine.pdbx_overall_ESU_R                       ? 
_refine.pdbx_overall_ESU_R_Free                  ? 
_refine.overall_SU_ML                            0.5100 
_refine.overall_SU_B                             ? 
_refine.solvent_model_details                    'FLAT BULK SOLVENT MODEL' 
_refine.pdbx_solvent_vdw_probe_radii             1.1100 
_refine.pdbx_solvent_ion_probe_radii             ? 
_refine.pdbx_solvent_shrinkage_radii             0.9000 
_refine.ls_number_parameters                     ? 
_refine.ls_number_restraints                     ? 
_refine.pdbx_starting_model                      'PDB entry 3UDV' 
_refine.pdbx_method_to_determine_struct          'MOLECULAR REPLACEMENT' 
_refine.pdbx_stereochemistry_target_values       ML 
_refine.pdbx_stereochem_target_val_spec_case     ? 
_refine.overall_FOM_work_R_set                   ? 
_refine.B_iso_max                                97.750 
_refine.B_iso_min                                3.670 
_refine.pdbx_overall_phase_error                 22.7000 
_refine.occupancy_max                            1.000 
_refine.occupancy_min                            0.310 
_refine.pdbx_ls_sigma_I                          ? 
_refine.ls_redundancy_reflns_obs                 ? 
_refine.ls_R_factor_R_free_error_details         ? 
_refine.pdbx_data_cutoff_high_rms_absF           ? 
_refine.overall_FOM_free_R_set                   ? 
_refine.pdbx_diffrn_id                           1 
_refine.pdbx_refine_id                           'X-RAY DIFFRACTION' 
_refine.pdbx_TLS_residual_ADP_flag               ? 
_refine.pdbx_overall_SU_R_free_Cruickshank_DPI   ? 
_refine.pdbx_overall_SU_R_Blow_DPI               ? 
_refine.pdbx_overall_SU_R_free_Blow_DPI          ? 
# 
_refine_hist.pdbx_refine_id                   'X-RAY DIFFRACTION' 
_refine_hist.cycle_id                         LAST 
_refine_hist.pdbx_number_atoms_protein        1267 
_refine_hist.pdbx_number_atoms_nucleic_acid   0 
_refine_hist.pdbx_number_atoms_ligand         44 
_refine_hist.number_atoms_solvent             171 
_refine_hist.number_atoms_total               1482 
_refine_hist.d_res_high                       1.7300 
_refine_hist.d_res_low                        27.5690 
# 
loop_
_refine_ls_restr.type 
_refine_ls_restr.number 
_refine_ls_restr.dev_ideal 
_refine_ls_restr.dev_ideal_target 
_refine_ls_restr.weight 
_refine_ls_restr.pdbx_restraint_function 
_refine_ls_restr.pdbx_refine_id 
f_bond_d           1372 0.012  ? ? ? 'X-RAY DIFFRACTION' 
f_angle_d          1881 1.379  ? ? ? 'X-RAY DIFFRACTION' 
f_chiral_restr     206  0.076  ? ? ? 'X-RAY DIFFRACTION' 
f_plane_restr      242  0.008  ? ? ? 'X-RAY DIFFRACTION' 
f_dihedral_angle_d 533  15.384 ? ? ? 'X-RAY DIFFRACTION' 
# 
loop_
_refine_ls_shell.d_res_high 
_refine_ls_shell.d_res_low 
_refine_ls_shell.pdbx_total_number_of_bins_used 
_refine_ls_shell.percent_reflns_obs 
_refine_ls_shell.number_reflns_R_work 
_refine_ls_shell.R_factor_all 
_refine_ls_shell.R_factor_R_work 
_refine_ls_shell.R_factor_R_free 
_refine_ls_shell.percent_reflns_R_free 
_refine_ls_shell.number_reflns_R_free 
_refine_ls_shell.R_factor_R_free_error 
_refine_ls_shell.number_reflns_all 
_refine_ls_shell.number_reflns_obs 
_refine_ls_shell.redundancy_reflns_obs 
_refine_ls_shell.pdbx_refine_id 
1.730  1.8213  7 70.0000  1322 . 0.2770 0.3490 . 97  . 1419 1419 . 'X-RAY DIFFRACTION' 
1.8213 1.9354  7 88.0000  1693 . 0.2366 0.2959 . 123 . 1816 1816 . 'X-RAY DIFFRACTION' 
1.9354 2.0848  7 98.0000  1899 . 0.2006 0.2512 . 139 . 2038 2038 . 'X-RAY DIFFRACTION' 
2.0848 2.2945  7 99.0000  1947 . 0.1829 0.2496 . 141 . 2088 2088 . 'X-RAY DIFFRACTION' 
2.2945 2.6263  7 100.0000 1945 . 0.1734 0.2261 . 142 . 2087 2087 . 'X-RAY DIFFRACTION' 
2.6263 3.3079  7 100.0000 2005 . 0.1589 0.2355 . 147 . 2152 2152 . 'X-RAY DIFFRACTION' 
3.3079 27.5726 7 100.0000 2078 . 0.1438 0.1686 . 151 . 2229 2229 . 'X-RAY DIFFRACTION' 
# 
_struct.entry_id                  4F7V 
_struct.title                     'Crystal structure of E. coli HPPK in complex with bisubstrate analogue inhibitor J1D (HP26)' 
_struct.pdbx_model_details        ? 
_struct.pdbx_CASP_flag            ? 
_struct.pdbx_model_type_details   ? 
# 
_struct_keywords.entry_id        4F7V 
_struct_keywords.text            
'alpha beta, pyrophosphokinase, pyrophosphoryl transfer, TRANSFERASE-TRANSFERASE INHIBITOR complex' 
_struct_keywords.pdbx_keywords   'TRANSFERASE/TRANSFERASE INHIBITOR' 
# 
loop_
_struct_asym.id 
_struct_asym.pdbx_blank_PDB_chainid_flag 
_struct_asym.pdbx_modified 
_struct_asym.entity_id 
_struct_asym.details 
A N N 1 ? 
B N N 2 ? 
C N N 3 ? 
# 
_struct_biol.id        1 
_struct_biol.details   ? 
# 
loop_
_struct_conf.conf_type_id 
_struct_conf.id 
_struct_conf.pdbx_PDB_helix_id 
_struct_conf.beg_label_comp_id 
_struct_conf.beg_label_asym_id 
_struct_conf.beg_label_seq_id 
_struct_conf.pdbx_beg_PDB_ins_code 
_struct_conf.end_label_comp_id 
_struct_conf.end_label_asym_id 
_struct_conf.end_label_seq_id 
_struct_conf.pdbx_end_PDB_ins_code 
_struct_conf.beg_auth_comp_id 
_struct_conf.beg_auth_asym_id 
_struct_conf.beg_auth_seq_id 
_struct_conf.end_auth_comp_id 
_struct_conf.end_auth_asym_id 
_struct_conf.end_auth_seq_id 
_struct_conf.pdbx_PDB_helix_class 
_struct_conf.details 
_struct_conf.pdbx_PDB_helix_length 
HELX_P HELX_P1 1 PRO A 14  ? ILE A 28  ? PRO A 14  ILE A 28  1 ? 15 
HELX_P HELX_P2 2 ALA A 65  ? GLY A 81  ? ALA A 65  GLY A 81  1 ? 17 
HELX_P HELX_P3 3 ASP A 117 ? ASN A 120 ? ASP A 117 ASN A 120 5 ? 4  
HELX_P HELX_P4 4 ARG A 121 ? ALA A 132 ? ARG A 121 ALA A 132 1 ? 12 
HELX_P HELX_P5 5 MET A 142 ? ALA A 151 ? MET A 142 ALA A 151 1 ? 10 
# 
_struct_conf_type.id          HELX_P 
_struct_conf_type.criteria    ? 
_struct_conf_type.reference   ? 
# 
loop_
_struct_mon_prot_cis.pdbx_id 
_struct_mon_prot_cis.label_comp_id 
_struct_mon_prot_cis.label_seq_id 
_struct_mon_prot_cis.label_asym_id 
_struct_mon_prot_cis.label_alt_id 
_struct_mon_prot_cis.pdbx_PDB_ins_code 
_struct_mon_prot_cis.auth_comp_id 
_struct_mon_prot_cis.auth_seq_id 
_struct_mon_prot_cis.auth_asym_id 
_struct_mon_prot_cis.pdbx_label_comp_id_2 
_struct_mon_prot_cis.pdbx_label_seq_id_2 
_struct_mon_prot_cis.pdbx_label_asym_id_2 
_struct_mon_prot_cis.pdbx_PDB_ins_code_2 
_struct_mon_prot_cis.pdbx_auth_comp_id_2 
_struct_mon_prot_cis.pdbx_auth_seq_id_2 
_struct_mon_prot_cis.pdbx_auth_asym_id_2 
_struct_mon_prot_cis.pdbx_PDB_model_num 
_struct_mon_prot_cis.pdbx_omega_angle 
1 GLY 90  A . ? GLY 90  A PRO 91  A ? PRO 91  A 1 -0.04 
2 VAL 113 A . ? VAL 113 A PRO 114 A ? PRO 114 A 1 -4.44 
# 
loop_
_struct_sheet.id 
_struct_sheet.type 
_struct_sheet.number_strands 
_struct_sheet.details 
A ? 4 ? 
B ? 4 ? 
C ? 2 ? 
# 
loop_
_struct_sheet_order.sheet_id 
_struct_sheet_order.range_id_1 
_struct_sheet_order.range_id_2 
_struct_sheet_order.offset 
_struct_sheet_order.sense 
A 1 2 ? anti-parallel 
A 2 3 ? anti-parallel 
A 3 4 ? anti-parallel 
B 1 2 ? anti-parallel 
B 2 3 ? anti-parallel 
B 3 4 ? anti-parallel 
C 1 2 ? anti-parallel 
# 
loop_
_struct_sheet_range.sheet_id 
_struct_sheet_range.id 
_struct_sheet_range.beg_label_comp_id 
_struct_sheet_range.beg_label_asym_id 
_struct_sheet_range.beg_label_seq_id 
_struct_sheet_range.pdbx_beg_PDB_ins_code 
_struct_sheet_range.end_label_comp_id 
_struct_sheet_range.end_label_asym_id 
_struct_sheet_range.end_label_seq_id 
_struct_sheet_range.pdbx_end_PDB_ins_code 
_struct_sheet_range.beg_auth_comp_id 
_struct_sheet_range.beg_auth_asym_id 
_struct_sheet_range.beg_auth_seq_id 
_struct_sheet_range.end_auth_comp_id 
_struct_sheet_range.end_auth_asym_id 
_struct_sheet_range.end_auth_seq_id 
A 1 SER A 31  ? VAL A 36  ? SER A 31  VAL A 36  
A 2 TYR A 53  ? THR A 62  ? TYR A 53  THR A 62  
A 3 VAL A 2   ? SER A 9   ? VAL A 2   SER A 9   
A 4 ASP A 95  ? PHE A 101 ? ASP A 95  PHE A 101 
B 1 SER A 31  ? VAL A 36  ? SER A 31  VAL A 36  
B 2 TYR A 53  ? THR A 62  ? TYR A 53  THR A 62  
B 3 TYR A 40  ? THR A 42  ? TYR A 40  THR A 42  
B 4 ASN A 156 ? LYS A 157 ? ASN A 156 LYS A 157 
C 1 ILE A 106 ? ASN A 107 ? ILE A 106 ASN A 107 
C 2 THR A 112 ? VAL A 113 ? THR A 112 VAL A 113 
# 
loop_
_pdbx_struct_sheet_hbond.sheet_id 
_pdbx_struct_sheet_hbond.range_id_1 
_pdbx_struct_sheet_hbond.range_id_2 
_pdbx_struct_sheet_hbond.range_1_label_atom_id 
_pdbx_struct_sheet_hbond.range_1_label_comp_id 
_pdbx_struct_sheet_hbond.range_1_label_asym_id 
_pdbx_struct_sheet_hbond.range_1_label_seq_id 
_pdbx_struct_sheet_hbond.range_1_PDB_ins_code 
_pdbx_struct_sheet_hbond.range_1_auth_atom_id 
_pdbx_struct_sheet_hbond.range_1_auth_comp_id 
_pdbx_struct_sheet_hbond.range_1_auth_asym_id 
_pdbx_struct_sheet_hbond.range_1_auth_seq_id 
_pdbx_struct_sheet_hbond.range_2_label_atom_id 
_pdbx_struct_sheet_hbond.range_2_label_comp_id 
_pdbx_struct_sheet_hbond.range_2_label_asym_id 
_pdbx_struct_sheet_hbond.range_2_label_seq_id 
_pdbx_struct_sheet_hbond.range_2_PDB_ins_code 
_pdbx_struct_sheet_hbond.range_2_auth_atom_id 
_pdbx_struct_sheet_hbond.range_2_auth_comp_id 
_pdbx_struct_sheet_hbond.range_2_auth_asym_id 
_pdbx_struct_sheet_hbond.range_2_auth_seq_id 
A 1 2 N LEU A 34  ? N LEU A 34  O ALA A 59  ? O ALA A 59  
A 2 3 O LEU A 60  ? O LEU A 60  N ALA A 3   ? N ALA A 3   
A 3 4 N TYR A 4   ? N TYR A 4   O MET A 99  ? O MET A 99  
B 1 2 N LEU A 34  ? N LEU A 34  O ALA A 59  ? O ALA A 59  
B 2 3 O ASN A 55  ? O ASN A 55  N TYR A 40  ? N TYR A 40  
B 3 4 N ARG A 41  ? N ARG A 41  O ASN A 156 ? O ASN A 156 
C 1 2 N ILE A 106 ? N ILE A 106 O VAL A 113 ? O VAL A 113 
# 
_struct_site.id                   AC1 
_struct_site.pdbx_evidence_code   Software 
_struct_site.pdbx_auth_asym_id    A 
_struct_site.pdbx_auth_comp_id    J1D 
_struct_site.pdbx_auth_seq_id     201 
_struct_site.pdbx_auth_ins_code   ? 
_struct_site.pdbx_num_residues    30 
_struct_site.details              'BINDING SITE FOR RESIDUE J1D A 201' 
# 
loop_
_struct_site_gen.id 
_struct_site_gen.site_id 
_struct_site_gen.pdbx_num_res 
_struct_site_gen.label_comp_id 
_struct_site_gen.label_asym_id 
_struct_site_gen.label_seq_id 
_struct_site_gen.pdbx_auth_ins_code 
_struct_site_gen.auth_comp_id 
_struct_site_gen.auth_asym_id 
_struct_site_gen.auth_seq_id 
_struct_site_gen.label_atom_id 
_struct_site_gen.label_alt_id 
_struct_site_gen.symmetry 
_struct_site_gen.details 
1  AC1 30 THR A 42  ? THR A 42  . ? 1_555 ? 
2  AC1 30 PRO A 43  ? PRO A 43  . ? 1_555 ? 
3  AC1 30 LEU A 45  ? LEU A 45  . ? 1_555 ? 
4  AC1 30 TYR A 53  ? TYR A 53  . ? 1_555 ? 
5  AC1 30 ASN A 55  ? ASN A 55  . ? 1_555 ? 
6  AC1 30 LEU A 70  ? LEU A 70  . ? 1_555 ? 
7  AC1 30 GLN A 74  ? GLN A 74  . ? 1_555 ? 
8  AC1 30 GLU A 77  ? GLU A 77  . ? 1_555 ? 
9  AC1 30 LYS A 85  ? LYS A 85  . ? 1_555 ? 
10 AC1 30 TRP A 89  ? TRP A 89  . ? 1_555 ? 
11 AC1 30 GLY A 90  ? GLY A 90  . ? 1_555 ? 
12 AC1 30 ARG A 92  ? ARG A 92  . ? 1_555 ? 
13 AC1 30 ASP A 95  ? ASP A 95  . ? 1_555 ? 
14 AC1 30 LEU A 96  ? LEU A 96  . ? 1_555 ? 
15 AC1 30 ASP A 97  ? ASP A 97  . ? 1_555 ? 
16 AC1 30 ILE A 98  ? ILE A 98  . ? 1_555 ? 
17 AC1 30 ARG A 110 ? ARG A 110 . ? 1_555 ? 
18 AC1 30 LEU A 111 ? LEU A 111 . ? 1_555 ? 
19 AC1 30 THR A 112 ? THR A 112 . ? 1_555 ? 
20 AC1 30 TYR A 116 ? TYR A 116 . ? 1_555 ? 
21 AC1 30 ARG A 121 ? ARG A 121 . ? 1_555 ? 
22 AC1 30 PHE A 123 ? PHE A 123 . ? 1_555 ? 
23 AC1 30 HIS A 148 ? HIS A 148 . ? 1_556 ? 
24 AC1 30 HOH C .   ? HOH A 369 . ? 1_555 ? 
25 AC1 30 HOH C .   ? HOH A 370 . ? 1_555 ? 
26 AC1 30 HOH C .   ? HOH A 378 . ? 1_555 ? 
27 AC1 30 HOH C .   ? HOH A 398 . ? 1_555 ? 
28 AC1 30 HOH C .   ? HOH A 433 . ? 1_555 ? 
29 AC1 30 HOH C .   ? HOH A 450 . ? 1_555 ? 
30 AC1 30 HOH C .   ? HOH A 458 . ? 1_555 ? 
# 
_atom_sites.entry_id                    4F7V 
_atom_sites.fract_transf_matrix[1][1]   -0.00331123 
_atom_sites.fract_transf_matrix[1][2]   0.01690267 
_atom_sites.fract_transf_matrix[1][3]   0.00759959 
_atom_sites.fract_transf_matrix[2][1]   -0.00962234 
_atom_sites.fract_transf_matrix[2][2]   -0.00577372 
_atom_sites.fract_transf_matrix[2][3]   0.00864910 
_atom_sites.fract_transf_matrix[3][1]   0.01965222 
_atom_sites.fract_transf_matrix[3][2]   -0.00459966 
_atom_sites.fract_transf_matrix[3][3]   0.01879307 
_atom_sites.fract_transf_vector[1]      0.217319 
_atom_sites.fract_transf_vector[2]      0.247973 
_atom_sites.fract_transf_vector[3]      0.184826 
# 
loop_
_atom_type.symbol 
C 
N 
O 
S 
# 
loop_
_atom_site.group_PDB 
_atom_site.id 
_atom_site.type_symbol 
_atom_site.label_atom_id 
_atom_site.label_alt_id 
_atom_site.label_comp_id 
_atom_site.label_asym_id 
_atom_site.label_entity_id 
_atom_site.label_seq_id 
_atom_site.pdbx_PDB_ins_code 
_atom_site.Cartn_x 
_atom_site.Cartn_y 
_atom_site.Cartn_z 
_atom_site.occupancy 
_atom_site.B_iso_or_equiv 
_atom_site.pdbx_formal_charge 
_atom_site.auth_seq_id 
_atom_site.auth_comp_id 
_atom_site.auth_asym_id 
_atom_site.auth_atom_id 
_atom_site.pdbx_PDB_model_num 
ATOM   1    N N   . THR A 1 1   ? 11.316  10.427  -8.499  1.00 17.06 ? 1   THR A N   1 
ATOM   2    C CA  . THR A 1 1   ? 10.475  9.264   -8.851  1.00 17.58 ? 1   THR A CA  1 
ATOM   3    C C   . THR A 1 1   ? 9.221   9.267   -8.008  1.00 17.63 ? 1   THR A C   1 
ATOM   4    O O   . THR A 1 1   ? 9.279   9.563   -6.820  1.00 16.78 ? 1   THR A O   1 
ATOM   5    C CB  . THR A 1 1   ? 11.235  7.956   -8.562  1.00 21.09 ? 1   THR A CB  1 
ATOM   6    O OG1 . THR A 1 1   ? 12.424  7.918   -9.351  1.00 22.90 ? 1   THR A OG1 1 
ATOM   7    C CG2 . THR A 1 1   ? 10.367  6.739   -8.880  1.00 17.73 ? 1   THR A CG2 1 
ATOM   8    N N   . VAL A 1 2   ? 8.076   8.943   -8.607  1.00 9.54  ? 2   VAL A N   1 
ATOM   9    C CA  . VAL A 1 2   ? 6.885   8.725   -7.814  1.00 10.44 ? 2   VAL A CA  1 
ATOM   10   C C   . VAL A 1 2   ? 6.738   7.248   -7.525  1.00 16.33 ? 2   VAL A C   1 
ATOM   11   O O   . VAL A 1 2   ? 6.648   6.420   -8.438  1.00 12.80 ? 2   VAL A O   1 
ATOM   12   C CB  . VAL A 1 2   ? 5.594   9.287   -8.468  1.00 10.19 ? 2   VAL A CB  1 
ATOM   13   C CG1 . VAL A 1 2   ? 4.404   9.061   -7.575  1.00 12.63 ? 2   VAL A CG1 1 
ATOM   14   C CG2 . VAL A 1 2   ? 5.769   10.774  -8.719  1.00 19.05 ? 2   VAL A CG2 1 
ATOM   15   N N   . ALA A 1 3   ? 6.748   6.932   -6.240  1.00 8.25  ? 3   ALA A N   1 
ATOM   16   C CA  . ALA A 1 3   ? 6.451   5.606   -5.758  1.00 8.72  ? 3   ALA A CA  1 
ATOM   17   C C   . ALA A 1 3   ? 5.064   5.575   -5.155  1.00 11.72 ? 3   ALA A C   1 
ATOM   18   O O   . ALA A 1 3   ? 4.658   6.477   -4.397  1.00 14.08 ? 3   ALA A O   1 
ATOM   19   C CB  . ALA A 1 3   ? 7.502   5.174   -4.714  1.00 8.19  ? 3   ALA A CB  1 
ATOM   20   N N   . TYR A 1 4   ? 4.317   4.526   -5.479  1.00 3.67  ? 4   TYR A N   1 
ATOM   21   C CA  . TYR A 1 4   ? 3.010   4.298   -4.869  1.00 6.64  ? 4   TYR A CA  1 
ATOM   22   C C   . TYR A 1 4   ? 3.059   3.195   -3.826  1.00 14.19 ? 4   TYR A C   1 
ATOM   23   O O   . TYR A 1 4   ? 3.407   2.052   -4.130  1.00 10.06 ? 4   TYR A O   1 
ATOM   24   C CB  . TYR A 1 4   ? 1.951   3.962   -5.922  1.00 8.48  ? 4   TYR A CB  1 
ATOM   25   C CG  . TYR A 1 4   ? 1.593   5.153   -6.801  1.00 8.23  ? 4   TYR A CG  1 
ATOM   26   C CD1 . TYR A 1 4   ? 0.689   6.124   -6.355  1.00 8.66  ? 4   TYR A CD1 1 
ATOM   27   C CD2 . TYR A 1 4   ? 2.157   5.312   -8.044  1.00 11.92 ? 4   TYR A CD2 1 
ATOM   28   C CE1 . TYR A 1 4   ? 0.368   7.205   -7.140  1.00 12.84 ? 4   TYR A CE1 1 
ATOM   29   C CE2 . TYR A 1 4   ? 1.845   6.391   -8.839  1.00 15.47 ? 4   TYR A CE2 1 
ATOM   30   C CZ  . TYR A 1 4   ? 0.948   7.332   -8.389  1.00 10.59 ? 4   TYR A CZ  1 
ATOM   31   O OH  . TYR A 1 4   ? 0.661   8.390   -9.234  1.00 14.24 ? 4   TYR A OH  1 
ATOM   32   N N   . ILE A 1 5   ? 2.679   3.543   -2.608  1.00 8.36  ? 5   ILE A N   1 
ATOM   33   C CA  . ILE A 1 5   ? 2.757   2.645   -1.456  1.00 5.88  ? 5   ILE A CA  1 
ATOM   34   C C   . ILE A 1 5   ? 1.368   2.348   -0.854  1.00 13.47 ? 5   ILE A C   1 
ATOM   35   O O   . ILE A 1 5   ? 0.538   3.267   -0.638  1.00 10.18 ? 5   ILE A O   1 
ATOM   36   C CB  . ILE A 1 5   ? 3.718   3.288   -0.374  1.00 11.25 ? 5   ILE A CB  1 
ATOM   37   C CG1 . ILE A 1 5   ? 5.139   3.402   -0.932  1.00 18.11 ? 5   ILE A CG1 1 
ATOM   38   C CG2 . ILE A 1 5   ? 3.694   2.521   0.928   1.00 7.95  ? 5   ILE A CG2 1 
ATOM   39   C CD1 . ILE A 1 5   ? 6.089   4.185   -0.049  1.00 23.20 ? 5   ILE A CD1 1 
ATOM   40   N N   . ALA A 1 6   ? 1.092   1.060   -0.629  1.00 5.70  ? 6   ALA A N   1 
ATOM   41   C CA  . ALA A 1 6   ? -0.125  0.613   0.047   1.00 6.08  ? 6   ALA A CA  1 
ATOM   42   C C   . ALA A 1 6   ? 0.107   0.520   1.536   1.00 11.38 ? 6   ALA A C   1 
ATOM   43   O O   . ALA A 1 6   ? 1.125   -0.020  1.988   1.00 10.58 ? 6   ALA A O   1 
ATOM   44   C CB  . ALA A 1 6   ? -0.599  -0.716  -0.478  1.00 7.37  ? 6   ALA A CB  1 
ATOM   45   N N   . ILE A 1 7   ? -0.842  1.046   2.300   1.00 11.09 ? 7   ILE A N   1 
ATOM   46   C CA  . ILE A 1 7   ? -0.841  0.856   3.741   1.00 8.31  ? 7   ILE A CA  1 
ATOM   47   C C   . ILE A 1 7   ? -1.990  -0.032  4.189   1.00 8.68  ? 7   ILE A C   1 
ATOM   48   O O   . ILE A 1 7   ? -3.122  0.173   3.792   1.00 8.72  ? 7   ILE A O   1 
ATOM   49   C CB  . ILE A 1 7   ? -0.977  2.220   4.484   1.00 7.55  ? 7   ILE A CB  1 
ATOM   50   C CG1 . ILE A 1 7   ? 0.045   3.197   3.982   1.00 14.10 ? 7   ILE A CG1 1 
ATOM   51   C CG2 . ILE A 1 7   ? -0.850  1.995   5.983   1.00 11.61 ? 7   ILE A CG2 1 
ATOM   52   C CD1 . ILE A 1 7   ? -0.161  4.601   4.554   1.00 19.16 ? 7   ILE A CD1 1 
ATOM   53   N N   . GLY A 1 8   ? -1.709  -1.031  5.024   1.00 6.71  ? 8   GLY A N   1 
ATOM   54   C CA  . GLY A 1 8   ? -2.764  -1.737  5.723   1.00 9.19  ? 8   GLY A CA  1 
ATOM   55   C C   . GLY A 1 8   ? -2.487  -1.950  7.198   1.00 12.29 ? 8   GLY A C   1 
ATOM   56   O O   . GLY A 1 8   ? -1.347  -2.156  7.601   1.00 10.29 ? 8   GLY A O   1 
ATOM   57   N N   . SER A 1 9   ? -3.540  -1.904  8.000   1.00 11.41 ? 9   SER A N   1 
ATOM   58   C CA  . SER A 1 9   ? -3.462  -2.287  9.406   1.00 14.62 ? 9   SER A CA  1 
ATOM   59   C C   . SER A 1 9   ? -4.780  -2.870  9.820   1.00 15.86 ? 9   SER A C   1 
ATOM   60   O O   . SER A 1 9   ? -5.820  -2.345  9.456   1.00 14.56 ? 9   SER A O   1 
ATOM   61   C CB  . SER A 1 9   ? -3.153  -1.071  10.300  1.00 16.29 ? 9   SER A CB  1 
ATOM   62   O OG  . SER A 1 9   ? -3.316  -1.419  11.673  1.00 15.19 ? 9   SER A OG  1 
ATOM   63   N N   . ASN A 1 10  ? -4.804  -3.937  10.598  1.00 14.96 ? 10  ASN A N   1 
ATOM   64   C CA  . ASN A 1 10  ? -6.094  -4.238  11.174  1.00 20.77 ? 10  ASN A CA  1 
ATOM   65   C C   . ASN A 1 10  ? -6.093  -4.272  12.685  1.00 20.48 ? 10  ASN A C   1 
ATOM   66   O O   . ASN A 1 10  ? -6.771  -5.084  13.306  1.00 19.31 ? 10  ASN A O   1 
ATOM   67   C CB  . ASN A 1 10  ? -6.752  -5.475  10.546  1.00 31.07 ? 10  ASN A CB  1 
ATOM   68   C CG  . ASN A 1 10  ? -6.160  -6.761  11.029  1.00 29.92 ? 10  ASN A CG  1 
ATOM   69   O OD1 . ASN A 1 10  ? -4.980  -6.819  11.362  1.00 29.65 ? 10  ASN A OD1 1 
ATOM   70   N ND2 . ASN A 1 10  ? -6.986  -7.823  11.056  1.00 36.24 ? 10  ASN A ND2 1 
ATOM   71   N N   . LEU A 1 11  ? -5.350  -3.345  13.274  1.00 19.88 ? 11  LEU A N   1 
ATOM   72   C CA  . LEU A 1 11  ? -5.537  -3.037  14.683  1.00 14.57 ? 11  LEU A CA  1 
ATOM   73   C C   . LEU A 1 11  ? -6.993  -2.639  14.848  1.00 17.96 ? 11  LEU A C   1 
ATOM   74   O O   . LEU A 1 11  ? -7.599  -2.092  13.915  1.00 14.97 ? 11  LEU A O   1 
ATOM   75   C CB  . LEU A 1 11  ? -4.635  -1.871  15.096  1.00 19.98 ? 11  LEU A CB  1 
ATOM   76   C CG  . LEU A 1 11  ? -3.134  -2.126  15.131  1.00 20.52 ? 11  LEU A CG  1 
ATOM   77   C CD1 . LEU A 1 11  ? -2.340  -0.826  15.415  1.00 16.20 ? 11  LEU A CD1 1 
ATOM   78   C CD2 . LEU A 1 11  ? -2.841  -3.183  16.175  1.00 23.04 ? 11  LEU A CD2 1 
ATOM   79   N N   . ALA A 1 12  ? -7.544  -2.894  16.033  1.00 20.79 ? 12  ALA A N   1 
ATOM   80   C CA  . ALA A 1 12  ? -8.931  -2.550  16.337  1.00 21.52 ? 12  ALA A CA  1 
ATOM   81   C C   . ALA A 1 12  ? -9.188  -1.043  16.221  1.00 25.90 ? 12  ALA A C   1 
ATOM   82   O O   . ALA A 1 12  ? -10.267 -0.620  15.790  1.00 22.06 ? 12  ALA A O   1 
ATOM   83   C CB  . ALA A 1 12  ? -9.295  -3.047  17.732  1.00 29.61 ? 12  ALA A CB  1 
ATOM   84   N N   . SER A 1 13  ? -8.200  -0.245  16.626  1.00 21.23 ? 13  SER A N   1 
ATOM   85   C CA  . SER A 1 13  ? -8.253  1.212   16.464  1.00 23.94 ? 13  SER A CA  1 
ATOM   86   C C   . SER A 1 13  ? -7.003  1.616   15.729  1.00 20.05 ? 13  SER A C   1 
ATOM   87   O O   . SER A 1 13  ? -5.986  1.883   16.351  1.00 15.74 ? 13  SER A O   1 
ATOM   88   C CB  . SER A 1 13  ? -8.260  1.918   17.822  1.00 24.14 ? 13  SER A CB  1 
ATOM   89   O OG  . SER A 1 13  ? -9.305  1.453   18.630  1.00 25.13 ? 13  SER A OG  1 
ATOM   90   N N   . PRO A 1 14  ? -7.052  1.628   14.404  1.00 13.34 ? 14  PRO A N   1 
ATOM   91   C CA  . PRO A 1 14  ? -5.813  1.787   13.651  1.00 10.53 ? 14  PRO A CA  1 
ATOM   92   C C   . PRO A 1 14  ? -5.433  3.180   13.223  1.00 13.73 ? 14  PRO A C   1 
ATOM   93   O O   . PRO A 1 14  ? -4.352  3.317   12.672  1.00 11.02 ? 14  PRO A O   1 
ATOM   94   C CB  . PRO A 1 14  ? -6.045  0.904   12.406  1.00 14.46 ? 14  PRO A CB  1 
ATOM   95   C CG  . PRO A 1 14  ? -7.541  0.787   12.281  1.00 19.04 ? 14  PRO A CG  1 
ATOM   96   C CD  . PRO A 1 14  ? -8.194  1.317   13.526  1.00 21.56 ? 14  PRO A CD  1 
ATOM   97   N N   . LEU A 1 15  ? -6.262  4.195   13.461  1.00 14.08 ? 15  LEU A N   1 
ATOM   98   C CA  . LEU A 1 15  ? -5.950  5.522   12.934  1.00 13.84 ? 15  LEU A CA  1 
ATOM   99   C C   . LEU A 1 15  ? -4.626  6.085   13.450  1.00 8.00  ? 15  LEU A C   1 
ATOM   100  O O   . LEU A 1 15  ? -3.875  6.682   12.693  1.00 12.38 ? 15  LEU A O   1 
ATOM   101  C CB  . LEU A 1 15  ? -7.061  6.506   13.270  1.00 16.66 ? 15  LEU A CB  1 
ATOM   102  C CG  . LEU A 1 15  ? -8.342  6.308   12.488  1.00 16.72 ? 15  LEU A CG  1 
ATOM   103  C CD1 . LEU A 1 15  ? -9.417  7.211   13.106  1.00 14.06 ? 15  LEU A CD1 1 
ATOM   104  C CD2 . LEU A 1 15  ? -8.096  6.646   11.034  1.00 16.34 ? 15  LEU A CD2 1 
ATOM   105  N N   . GLU A 1 16  ? -4.328  5.906   14.730  1.00 12.37 ? 16  GLU A N   1 
ATOM   106  C CA  . GLU A 1 16  ? -3.093  6.472   15.274  1.00 16.52 ? 16  GLU A CA  1 
ATOM   107  C C   . GLU A 1 16  ? -1.868  5.798   14.647  1.00 9.51  ? 16  GLU A C   1 
ATOM   108  O O   . GLU A 1 16  ? -0.921  6.470   14.297  1.00 12.18 ? 16  GLU A O   1 
ATOM   109  C CB  . GLU A 1 16  ? -3.097  6.453   16.806  1.00 18.94 ? 16  GLU A CB  1 
ATOM   110  C CG  . GLU A 1 16  ? -4.127  7.442   17.318  1.00 20.67 ? 16  GLU A CG  1 
ATOM   111  C CD  . GLU A 1 16  ? -4.542  7.221   18.751  1.00 56.06 ? 16  GLU A CD  1 
ATOM   112  O OE1 . GLU A 1 16  ? -3.641  7.056   19.609  1.00 44.32 ? 16  GLU A OE1 1 
ATOM   113  O OE2 . GLU A 1 16  ? -5.773  7.227   19.014  1.00 51.76 ? 16  GLU A OE2 1 
ATOM   114  N N   A GLN A 1 17  ? -1.939  4.476   14.490  0.60 14.99 ? 17  GLN A N   1 
ATOM   115  N N   B GLN A 1 17  ? -1.903  4.486   14.472  0.40 14.91 ? 17  GLN A N   1 
ATOM   116  C CA  A GLN A 1 17  ? -0.889  3.709   13.826  0.60 12.66 ? 17  GLN A CA  1 
ATOM   117  C CA  B GLN A 1 17  ? -0.783  3.823   13.823  0.40 12.71 ? 17  GLN A CA  1 
ATOM   118  C C   A GLN A 1 17  ? -0.672  4.168   12.390  0.60 8.03  ? 17  GLN A C   1 
ATOM   119  C C   B GLN A 1 17  ? -0.647  4.231   12.365  0.40 8.12  ? 17  GLN A C   1 
ATOM   120  O O   A GLN A 1 17  ? 0.458   4.386   11.962  0.60 8.02  ? 17  GLN A O   1 
ATOM   121  O O   B GLN A 1 17  ? 0.461   4.467   11.886  0.40 8.13  ? 17  GLN A O   1 
ATOM   122  C CB  A GLN A 1 17  ? -1.227  2.207   13.846  0.60 13.49 ? 17  GLN A CB  1 
ATOM   123  C CB  B GLN A 1 17  ? -0.922  2.316   13.916  0.40 13.52 ? 17  GLN A CB  1 
ATOM   124  C CG  A GLN A 1 17  ? -0.080  1.329   13.370  0.60 14.51 ? 17  GLN A CG  1 
ATOM   125  C CG  B GLN A 1 17  ? 0.269   1.588   13.340  0.40 14.04 ? 17  GLN A CG  1 
ATOM   126  C CD  A GLN A 1 17  ? 1.191   1.624   14.137  0.60 16.36 ? 17  GLN A CD  1 
ATOM   127  C CD  B GLN A 1 17  ? -0.012  0.136   13.234  0.40 15.99 ? 17  GLN A CD  1 
ATOM   128  O OE1 A GLN A 1 17  ? 1.442   1.041   15.184  0.60 16.26 ? 17  GLN A OE1 1 
ATOM   129  O OE1 B GLN A 1 17  ? 0.690   -0.694  13.816  0.40 15.59 ? 17  GLN A OE1 1 
ATOM   130  N NE2 A GLN A 1 17  ? 1.968   2.566   13.641  0.60 20.69 ? 17  GLN A NE2 1 
ATOM   131  N NE2 B GLN A 1 17  ? -1.072  -0.194  12.510  0.40 8.58  ? 17  GLN A NE2 1 
ATOM   132  N N   . VAL A 1 18  ? -1.769  4.289   11.649  1.00 12.44 ? 18  VAL A N   1 
ATOM   133  C CA  . VAL A 1 18  ? -1.722  4.693   10.266  1.00 4.99  ? 18  VAL A CA  1 
ATOM   134  C C   . VAL A 1 18  ? -1.169  6.097   10.171  1.00 9.66  ? 18  VAL A C   1 
ATOM   135  O O   . VAL A 1 18  ? -0.347  6.366   9.317   1.00 8.82  ? 18  VAL A O   1 
ATOM   136  C CB  . VAL A 1 18  ? -3.082  4.560   9.558   1.00 10.27 ? 18  VAL A CB  1 
ATOM   137  C CG1 . VAL A 1 18  ? -3.007  5.144   8.177   1.00 9.76  ? 18  VAL A CG1 1 
ATOM   138  C CG2 . VAL A 1 18  ? -3.460  3.119   9.492   1.00 13.35 ? 18  VAL A CG2 1 
ATOM   139  N N   . ASN A 1 19  ? -1.557  6.990   11.082  1.00 12.33 ? 19  ASN A N   1 
ATOM   140  C CA  . ASN A 1 19  ? -0.934  8.334   11.080  1.00 12.99 ? 19  ASN A CA  1 
ATOM   141  C C   . ASN A 1 19  ? 0.545   8.362   11.417  1.00 6.88  ? 19  ASN A C   1 
ATOM   142  O O   . ASN A 1 19  ? 1.320   9.083   10.792  1.00 9.16  ? 19  ASN A O   1 
ATOM   143  C CB  . ASN A 1 19  ? -1.673  9.292   11.996  1.00 16.93 ? 19  ASN A CB  1 
ATOM   144  C CG  . ASN A 1 19  ? -2.752  10.044  11.258  1.00 27.46 ? 19  ASN A CG  1 
ATOM   145  O OD1 . ASN A 1 19  ? -2.469  11.006  10.532  1.00 27.96 ? 19  ASN A OD1 1 
ATOM   146  N ND2 . ASN A 1 19  ? -3.999  9.589   11.408  1.00 25.01 ? 19  ASN A ND2 1 
ATOM   147  N N   . ALA A 1 20  ? 0.939   7.544   12.384  1.00 12.46 ? 20  ALA A N   1 
ATOM   148  C CA  . ALA A 1 20  ? 2.360   7.387   12.709  1.00 13.15 ? 20  ALA A CA  1 
ATOM   149  C C   . ALA A 1 20  ? 3.165   6.920   11.488  1.00 8.84  ? 20  ALA A C   1 
ATOM   150  O O   . ALA A 1 20  ? 4.241   7.458   11.186  1.00 10.34 ? 20  ALA A O   1 
ATOM   151  C CB  . ALA A 1 20  ? 2.506   6.409   13.844  1.00 13.49 ? 20  ALA A CB  1 
ATOM   152  N N   . ALA A 1 21  ? 2.613   5.946   10.768  1.00 11.18 ? 21  ALA A N   1 
ATOM   153  C CA  . ALA A 1 21  ? 3.241   5.454   9.542   1.00 8.12  ? 21  ALA A CA  1 
ATOM   154  C C   . ALA A 1 21  ? 3.353   6.513   8.471   1.00 6.26  ? 21  ALA A C   1 
ATOM   155  O O   . ALA A 1 21  ? 4.386   6.685   7.838   1.00 6.18  ? 21  ALA A O   1 
ATOM   156  C CB  . ALA A 1 21  ? 2.458   4.269   9.012   1.00 14.35 ? 21  ALA A CB  1 
ATOM   157  N N   . LEU A 1 22  ? 2.272   7.265   8.260   1.00 7.60  ? 22  LEU A N   1 
ATOM   158  C CA  . LEU A 1 22  ? 2.282   8.323   7.257   1.00 8.59  ? 22  LEU A CA  1 
ATOM   159  C C   . LEU A 1 22  ? 3.327   9.375   7.597   1.00 6.13  ? 22  LEU A C   1 
ATOM   160  O O   . LEU A 1 22  ? 4.072   9.848   6.733   1.00 8.85  ? 22  LEU A O   1 
ATOM   161  C CB  . LEU A 1 22  ? 0.888   8.957   7.178   1.00 10.14 ? 22  LEU A CB  1 
ATOM   162  C CG  . LEU A 1 22  ? -0.161  8.091   6.473   1.00 15.00 ? 22  LEU A CG  1 
ATOM   163  C CD1 . LEU A 1 22  ? -1.586  8.611   6.712   1.00 14.32 ? 22  LEU A CD1 1 
ATOM   164  C CD2 . LEU A 1 22  ? 0.160   8.070   4.988   1.00 18.07 ? 22  LEU A CD2 1 
ATOM   165  N N   . LYS A 1 23  ? 3.395   9.750   8.866   1.00 7.54  ? 23  LYS A N   1 
ATOM   166  C CA  . LYS A 1 23  ? 4.417   10.722  9.287   1.00 9.54  ? 23  LYS A CA  1 
ATOM   167  C C   . LYS A 1 23  ? 5.820   10.158  9.045   1.00 8.64  ? 23  LYS A C   1 
ATOM   168  O O   . LYS A 1 23  ? 6.689   10.855  8.540   1.00 10.07 ? 23  LYS A O   1 
ATOM   169  C CB  . LYS A 1 23  ? 4.267   11.075  10.765  1.00 14.24 ? 23  LYS A CB  1 
ATOM   170  C CG  . LYS A 1 23  ? 5.251   12.138  11.227  1.00 28.53 ? 23  LYS A CG  1 
ATOM   171  C CD  . LYS A 1 23  ? 5.287   12.258  12.740  1.00 28.11 ? 23  LYS A CD  1 
ATOM   172  C CE  . LYS A 1 23  ? 6.063   13.500  13.178  1.00 63.56 ? 23  LYS A CE  1 
ATOM   173  N NZ  . LYS A 1 23  ? 7.396   13.624  12.515  1.00 40.27 ? 23  LYS A NZ  1 
ATOM   174  N N   . ALA A 1 24  ? 6.022   8.890   9.377   1.00 13.20 ? 24  ALA A N   1 
ATOM   175  C CA  . ALA A 1 24  ? 7.304   8.247   9.133   1.00 10.36 ? 24  ALA A CA  1 
ATOM   176  C C   . ALA A 1 24  ? 7.645   8.211   7.650   1.00 7.44  ? 24  ALA A C   1 
ATOM   177  O O   . ALA A 1 24  ? 8.787   8.446   7.270   1.00 14.51 ? 24  ALA A O   1 
ATOM   178  C CB  . ALA A 1 24  ? 7.317   6.841   9.732   1.00 8.81  ? 24  ALA A CB  1 
ATOM   179  N N   . LEU A 1 25  ? 6.652   7.961   6.799   1.00 10.14 ? 25  LEU A N   1 
ATOM   180  C CA  . LEU A 1 25  ? 6.904   7.946   5.364   1.00 10.76 ? 25  LEU A CA  1 
ATOM   181  C C   . LEU A 1 25  ? 7.427   9.297   4.886   1.00 8.36  ? 25  LEU A C   1 
ATOM   182  O O   . LEU A 1 25  ? 8.359   9.393   4.069   1.00 7.87  ? 25  LEU A O   1 
ATOM   183  C CB  . LEU A 1 25  ? 5.637   7.526   4.560   1.00 10.80 ? 25  LEU A CB  1 
ATOM   184  C CG  . LEU A 1 25  ? 5.179   6.064   4.619   1.00 9.19  ? 25  LEU A CG  1 
ATOM   185  C CD1 . LEU A 1 25  ? 3.863   5.828   3.875   1.00 12.68 ? 25  LEU A CD1 1 
ATOM   186  C CD2 . LEU A 1 25  ? 6.223   5.135   3.999   1.00 12.24 ? 25  LEU A CD2 1 
ATOM   187  N N   . GLY A 1 26  ? 6.825   10.358  5.415   1.00 13.52 ? 26  GLY A N   1 
ATOM   188  C CA  . GLY A 1 26  ? 7.165   11.707  5.015   1.00 15.44 ? 26  GLY A CA  1 
ATOM   189  C C   . GLY A 1 26  ? 8.546   12.085  5.483   1.00 17.25 ? 26  GLY A C   1 
ATOM   190  O O   . GLY A 1 26  ? 9.197   12.912  4.855   1.00 17.44 ? 26  GLY A O   1 
ATOM   191  N N   . ASP A 1 27  ? 8.969   11.468  6.585   1.00 16.12 ? 27  ASP A N   1 
ATOM   192  C CA  . ASP A 1 27  ? 10.276  11.718  7.219   1.00 12.32 ? 27  ASP A CA  1 
ATOM   193  C C   . ASP A 1 27  ? 11.408  10.902  6.582   1.00 20.27 ? 27  ASP A C   1 
ATOM   194  O O   . ASP A 1 27  ? 12.576  11.095  6.898   1.00 22.95 ? 27  ASP A O   1 
ATOM   195  C CB  . ASP A 1 27  ? 10.196  11.364  8.706   1.00 16.17 ? 27  ASP A CB  1 
ATOM   196  C CG  . ASP A 1 27  ? 9.381   12.381  9.525   1.00 31.90 ? 27  ASP A CG  1 
ATOM   197  O OD1 . ASP A 1 27  ? 9.140   13.511  9.040   1.00 25.15 ? 27  ASP A OD1 1 
ATOM   198  O OD2 . ASP A 1 27  ? 8.994   12.037  10.662  1.00 32.36 ? 27  ASP A OD2 1 
ATOM   199  N N   . ILE A 1 28  ? 11.076  9.978   5.690   1.00 12.20 ? 28  ILE A N   1 
ATOM   200  C CA  . ILE A 1 28  ? 12.114  9.275   4.940   1.00 17.38 ? 28  ILE A CA  1 
ATOM   201  C C   . ILE A 1 28  ? 12.988  10.305  4.215   1.00 16.44 ? 28  ILE A C   1 
ATOM   202  O O   . ILE A 1 28  ? 12.484  11.260  3.627   1.00 14.56 ? 28  ILE A O   1 
ATOM   203  C CB  . ILE A 1 28  ? 11.508  8.273   3.929   1.00 8.71  ? 28  ILE A CB  1 
ATOM   204  C CG1 . ILE A 1 28  ? 10.754  7.186   4.659   1.00 8.31  ? 28  ILE A CG1 1 
ATOM   205  C CG2 . ILE A 1 28  ? 12.586  7.653   3.065   1.00 13.97 ? 28  ILE A CG2 1 
ATOM   206  C CD1 . ILE A 1 28  ? 9.987   6.184   3.711   1.00 9.79  ? 28  ILE A CD1 1 
ATOM   207  N N   . PRO A 1 29  ? 14.310  10.118  4.247   1.00 14.58 ? 29  PRO A N   1 
ATOM   208  C CA  . PRO A 1 29  ? 15.222  11.012  3.517   1.00 19.46 ? 29  PRO A CA  1 
ATOM   209  C C   . PRO A 1 29  ? 14.953  11.123  2.015   1.00 17.92 ? 29  PRO A C   1 
ATOM   210  O O   . PRO A 1 29  ? 14.594  10.139  1.345   1.00 13.71 ? 29  PRO A O   1 
ATOM   211  C CB  . PRO A 1 29  ? 16.606  10.372  3.734   1.00 23.20 ? 29  PRO A CB  1 
ATOM   212  C CG  . PRO A 1 29  ? 16.449  9.470   4.887   1.00 24.89 ? 29  PRO A CG  1 
ATOM   213  C CD  . PRO A 1 29  ? 15.032  9.026   4.927   1.00 21.14 ? 29  PRO A CD  1 
ATOM   214  N N   . GLU A 1 30  ? 15.131  12.331  1.489   1.00 17.24 ? 30  GLU A N   1 
ATOM   215  C CA  . GLU A 1 30  ? 15.029  12.580  0.049   1.00 16.01 ? 30  GLU A CA  1 
ATOM   216  C C   . GLU A 1 30  ? 13.633  12.250  -0.501  1.00 11.57 ? 30  GLU A C   1 
ATOM   217  O O   . GLU A 1 30  ? 13.478  11.994  -1.699  1.00 14.41 ? 30  GLU A O   1 
ATOM   218  C CB  . GLU A 1 30  ? 16.082  11.765  -0.709  1.00 19.90 ? 30  GLU A CB  1 
ATOM   219  C CG  . GLU A 1 30  ? 17.501  12.128  -0.360  1.00 27.10 ? 30  GLU A CG  1 
ATOM   220  C CD  . GLU A 1 30  ? 18.497  11.327  -1.168  1.00 36.57 ? 30  GLU A CD  1 
ATOM   221  O OE1 . GLU A 1 30  ? 18.652  11.606  -2.370  1.00 44.08 ? 30  GLU A OE1 1 
ATOM   222  O OE2 . GLU A 1 30  ? 19.114  10.412  -0.604  1.00 43.36 ? 30  GLU A OE2 1 
ATOM   223  N N   . SER A 1 31  ? 12.645  12.267  0.388   1.00 13.18 ? 31  SER A N   1 
ATOM   224  C CA  . SER A 1 31  ? 11.289  11.853  0.056   1.00 12.61 ? 31  SER A CA  1 
ATOM   225  C C   . SER A 1 31  ? 10.250  12.777  0.682   1.00 16.81 ? 31  SER A C   1 
ATOM   226  O O   . SER A 1 31  ? 10.450  13.334  1.763   1.00 15.84 ? 31  SER A O   1 
ATOM   227  C CB  . SER A 1 31  ? 11.038  10.434  0.576   1.00 8.74  ? 31  SER A CB  1 
ATOM   228  O OG  . SER A 1 31  ? 12.067  9.556   0.158   1.00 10.35 ? 31  SER A OG  1 
ATOM   229  N N   . HIS A 1 32  ? 9.112   12.906  0.019   1.00 14.16 ? 32  HIS A N   1 
ATOM   230  C CA  . HIS A 1 32  ? 7.957   13.534  0.641   1.00 13.57 ? 32  HIS A CA  1 
ATOM   231  C C   . HIS A 1 32  ? 6.655   13.015  0.040   1.00 11.82 ? 32  HIS A C   1 
ATOM   232  O O   . HIS A 1 32  ? 6.612   12.534  -1.096  1.00 14.87 ? 32  HIS A O   1 
ATOM   233  C CB  . HIS A 1 32  ? 8.033   15.058  0.555   1.00 20.87 ? 32  HIS A CB  1 
ATOM   234  C CG  . HIS A 1 32  ? 7.974   15.601  -0.841  1.00 21.48 ? 32  HIS A CG  1 
ATOM   235  N ND1 . HIS A 1 32  ? 9.071   15.658  -1.669  1.00 32.55 ? 32  HIS A ND1 1 
ATOM   236  C CD2 . HIS A 1 32  ? 6.941   16.130  -1.543  1.00 21.92 ? 32  HIS A CD2 1 
ATOM   237  C CE1 . HIS A 1 32  ? 8.720   16.202  -2.823  1.00 28.13 ? 32  HIS A CE1 1 
ATOM   238  N NE2 . HIS A 1 32  ? 7.433   16.489  -2.771  1.00 22.05 ? 32  HIS A NE2 1 
ATOM   239  N N   . ILE A 1 33  ? 5.606   13.079  0.834   1.00 10.83 ? 33  ILE A N   1 
ATOM   240  C CA  . ILE A 1 33  ? 4.303   12.620  0.393   1.00 12.68 ? 33  ILE A CA  1 
ATOM   241  C C   . ILE A 1 33  ? 3.654   13.635  -0.551  1.00 19.37 ? 33  ILE A C   1 
ATOM   242  O O   . ILE A 1 33  ? 3.545   14.831  -0.231  1.00 14.95 ? 33  ILE A O   1 
ATOM   243  C CB  . ILE A 1 33  ? 3.399   12.409  1.587   1.00 11.49 ? 33  ILE A CB  1 
ATOM   244  C CG1 . ILE A 1 33  ? 3.963   11.327  2.504   1.00 13.77 ? 33  ILE A CG1 1 
ATOM   245  C CG2 . ILE A 1 33  ? 1.979   12.004  1.161   1.00 12.57 ? 33  ILE A CG2 1 
ATOM   246  C CD1 . ILE A 1 33  ? 3.101   11.060  3.667   1.00 17.41 ? 33  ILE A CD1 1 
ATOM   247  N N   . LEU A 1 34  ? 3.214   13.152  -1.710  1.00 7.91  ? 34  LEU A N   1 
ATOM   248  C CA  . LEU A 1 34  ? 2.485   13.967  -2.681  1.00 10.22 ? 34  LEU A CA  1 
ATOM   249  C C   . LEU A 1 34  ? 0.979   14.000  -2.413  1.00 15.74 ? 34  LEU A C   1 
ATOM   250  O O   . LEU A 1 34  ? 0.320   15.050  -2.441  1.00 11.20 ? 34  LEU A O   1 
ATOM   251  C CB  . LEU A 1 34  ? 2.750   13.433  -4.086  1.00 12.39 ? 34  LEU A CB  1 
ATOM   252  C CG  . LEU A 1 34  ? 4.162   13.671  -4.578  1.00 13.63 ? 34  LEU A CG  1 
ATOM   253  C CD1 . LEU A 1 34  ? 4.399   12.912  -5.882  1.00 18.10 ? 34  LEU A CD1 1 
ATOM   254  C CD2 . LEU A 1 34  ? 4.468   15.152  -4.756  1.00 20.92 ? 34  LEU A CD2 1 
ATOM   255  N N   A THR A 1 35  ? 0.440   12.836  -2.114  0.57 10.35 ? 35  THR A N   1 
ATOM   256  N N   B THR A 1 35  ? 0.416   12.829  -2.178  0.43 10.36 ? 35  THR A N   1 
ATOM   257  C CA  A THR A 1 35  ? -0.986  12.670  -1.934  0.57 9.53  ? 35  THR A CA  1 
ATOM   258  C CA  B THR A 1 35  ? -1.008  12.709  -1.939  0.43 9.60  ? 35  THR A CA  1 
ATOM   259  C C   A THR A 1 35  ? -1.231  11.434  -1.110  0.57 12.74 ? 35  THR A C   1 
ATOM   260  C C   B THR A 1 35  ? -1.264  11.434  -1.158  0.43 12.67 ? 35  THR A C   1 
ATOM   261  O O   A THR A 1 35  ? -0.435  10.488  -1.159  0.57 10.22 ? 35  THR A O   1 
ATOM   262  O O   B THR A 1 35  ? -0.486  10.477  -1.253  0.43 10.27 ? 35  THR A O   1 
ATOM   263  C CB  A THR A 1 35  ? -1.683  12.482  -3.293  0.57 13.43 ? 35  THR A CB  1 
ATOM   264  C CB  B THR A 1 35  ? -1.815  12.727  -3.277  0.43 12.70 ? 35  THR A CB  1 
ATOM   265  O OG1 A THR A 1 35  ? -1.001  13.249  -4.283  0.57 12.53 ? 35  THR A OG1 1 
ATOM   266  O OG1 B THR A 1 35  ? -3.199  12.961  -3.003  0.43 14.37 ? 35  THR A OG1 1 
ATOM   267  C CG2 A THR A 1 35  ? -3.131  12.897  -3.213  0.57 14.40 ? 35  THR A CG2 1 
ATOM   268  C CG2 B THR A 1 35  ? -1.664  11.419  -4.038  0.43 13.15 ? 35  THR A CG2 1 
ATOM   269  N N   . VAL A 1 36  ? -2.328  11.459  -0.360  1.00 9.55  ? 36  VAL A N   1 
ATOM   270  C CA  . VAL A 1 36  ? -2.809  10.323  0.401   1.00 9.27  ? 36  VAL A CA  1 
ATOM   271  C C   . VAL A 1 36  ? -4.262  10.067  0.008   1.00 16.43 ? 36  VAL A C   1 
ATOM   272  O O   . VAL A 1 36  ? -5.059  10.999  -0.123  1.00 11.76 ? 36  VAL A O   1 
ATOM   273  C CB  . VAL A 1 36  ? -2.748  10.574  1.916   1.00 10.25 ? 36  VAL A CB  1 
ATOM   274  C CG1 . VAL A 1 36  ? -3.122  9.344   2.673   1.00 14.86 ? 36  VAL A CG1 1 
ATOM   275  C CG2 . VAL A 1 36  ? -1.361  11.031  2.306   1.00 12.57 ? 36  VAL A CG2 1 
ATOM   276  N N   . SER A 1 37  ? -4.614  8.803   -0.195  1.00 8.90  ? 37  SER A N   1 
ATOM   277  C CA  . SER A 1 37  ? -5.983  8.443   -0.493  1.00 9.99  ? 37  SER A CA  1 
ATOM   278  C C   . SER A 1 37  ? -6.859  8.575   0.753   1.00 5.16  ? 37  SER A C   1 
ATOM   279  O O   . SER A 1 37  ? -6.368  8.812   1.856   1.00 11.16 ? 37  SER A O   1 
ATOM   280  C CB  . SER A 1 37  ? -6.038  6.988   -0.992  1.00 8.26  ? 37  SER A CB  1 
ATOM   281  O OG  . SER A 1 37  ? -5.967  6.064   0.079   1.00 7.11  ? 37  SER A OG  1 
ATOM   282  N N   . SER A 1 38  ? -8.164  8.427   0.585   1.00 10.09 ? 38  SER A N   1 
ATOM   283  C CA  . SER A 1 38  ? -9.032  8.300   1.725   1.00 9.71  ? 38  SER A CA  1 
ATOM   284  C C   . SER A 1 38  ? -8.632  7.021   2.430   1.00 13.62 ? 38  SER A C   1 
ATOM   285  O O   . SER A 1 38  ? -7.946  6.167   1.863   1.00 11.07 ? 38  SER A O   1 
ATOM   286  C CB  . SER A 1 38  ? -10.517 8.212   1.322   1.00 14.97 ? 38  SER A CB  1 
ATOM   287  O OG  . SER A 1 38  ? -10.883 9.329   0.545   1.00 14.79 ? 38  SER A OG  1 
ATOM   288  N N   . PHE A 1 39  ? -9.076  6.898   3.666   1.00 8.75  ? 39  PHE A N   1 
ATOM   289  C CA  . PHE A 1 39  ? -8.907  5.697   4.444   1.00 8.45  ? 39  PHE A CA  1 
ATOM   290  C C   . PHE A 1 39  ? -10.112 4.825   4.217   1.00 13.11 ? 39  PHE A C   1 
ATOM   291  O O   . PHE A 1 39  ? -11.244 5.295   4.361   1.00 13.92 ? 39  PHE A O   1 
ATOM   292  C CB  . PHE A 1 39  ? -8.830  6.025   5.941   1.00 12.55 ? 39  PHE A CB  1 
ATOM   293  C CG  . PHE A 1 39  ? -7.595  6.787   6.349   1.00 7.00  ? 39  PHE A CG  1 
ATOM   294  C CD1 . PHE A 1 39  ? -6.541  6.968   5.497   1.00 8.61  ? 39  PHE A CD1 1 
ATOM   295  C CD2 . PHE A 1 39  ? -7.505  7.329   7.633   1.00 13.85 ? 39  PHE A CD2 1 
ATOM   296  C CE1 . PHE A 1 39  ? -5.402  7.661   5.891   1.00 13.22 ? 39  PHE A CE1 1 
ATOM   297  C CE2 . PHE A 1 39  ? -6.365  8.009   8.034   1.00 11.64 ? 39  PHE A CE2 1 
ATOM   298  C CZ  . PHE A 1 39  ? -5.317  8.190   7.170   1.00 15.47 ? 39  PHE A CZ  1 
ATOM   299  N N   . TYR A 1 40  ? -9.881  3.542   3.919   1.00 10.81 ? 40  TYR A N   1 
ATOM   300  C CA  . TYR A 1 40  ? -10.962 2.581   3.666   1.00 10.09 ? 40  TYR A CA  1 
ATOM   301  C C   . TYR A 1 40  ? -11.050 1.449   4.690   1.00 14.78 ? 40  TYR A C   1 
ATOM   302  O O   . TYR A 1 40  ? -10.047 0.957   5.193   1.00 17.27 ? 40  TYR A O   1 
ATOM   303  C CB  . TYR A 1 40  ? -10.829 2.000   2.239   1.00 9.09  ? 40  TYR A CB  1 
ATOM   304  C CG  . TYR A 1 40  ? -10.928 3.035   1.146   1.00 9.33  ? 40  TYR A CG  1 
ATOM   305  C CD1 . TYR A 1 40  ? -12.162 3.413   0.641   1.00 11.53 ? 40  TYR A CD1 1 
ATOM   306  C CD2 . TYR A 1 40  ? -9.795  3.666   0.643   1.00 8.77  ? 40  TYR A CD2 1 
ATOM   307  C CE1 . TYR A 1 40  ? -12.272 4.358   -0.331  1.00 12.25 ? 40  TYR A CE1 1 
ATOM   308  C CE2 . TYR A 1 40  ? -9.890  4.629   -0.353  1.00 12.57 ? 40  TYR A CE2 1 
ATOM   309  C CZ  . TYR A 1 40  ? -11.158 4.967   -0.838  1.00 9.53  ? 40  TYR A CZ  1 
ATOM   310  O OH  . TYR A 1 40  ? -11.283 5.917   -1.823  1.00 14.25 ? 40  TYR A OH  1 
ATOM   311  N N   . ARG A 1 41  ? -12.266 1.021   4.981   1.00 11.14 ? 41  ARG A N   1 
ATOM   312  C CA  . ARG A 1 41  ? -12.499 -0.050  5.914   1.00 13.41 ? 41  ARG A CA  1 
ATOM   313  C C   . ARG A 1 41  ? -12.861 -1.266  5.073   1.00 20.11 ? 41  ARG A C   1 
ATOM   314  O O   . ARG A 1 41  ? -13.901 -1.271  4.411   1.00 20.39 ? 41  ARG A O   1 
ATOM   315  C CB  . ARG A 1 41  ? -13.658 0.299   6.843   1.00 12.97 ? 41  ARG A CB  1 
ATOM   316  C CG  . ARG A 1 41  ? -13.987 -0.754  7.871   1.00 17.87 ? 41  ARG A CG  1 
ATOM   317  C CD  . ARG A 1 41  ? -15.309 -0.422  8.611   1.00 29.85 ? 41  ARG A CD  1 
ATOM   318  N NE  . ARG A 1 41  ? -15.240 0.916   9.170   1.00 31.17 ? 41  ARG A NE  1 
ATOM   319  C CZ  . ARG A 1 41  ? -14.682 1.208   10.340  1.00 27.23 ? 41  ARG A CZ  1 
ATOM   320  N NH1 . ARG A 1 41  ? -14.178 0.247   11.102  1.00 32.58 ? 41  ARG A NH1 1 
ATOM   321  N NH2 . ARG A 1 41  ? -14.628 2.467   10.748  1.00 24.52 ? 41  ARG A NH2 1 
ATOM   322  N N   . THR A 1 42  ? -11.997 -2.277  5.086   1.00 15.60 ? 42  THR A N   1 
ATOM   323  C CA  . THR A 1 42  ? -12.123 -3.386  4.151   1.00 16.54 ? 42  THR A CA  1 
ATOM   324  C C   . THR A 1 42  ? -12.223 -4.701  4.916   1.00 15.34 ? 42  THR A C   1 
ATOM   325  O O   . THR A 1 42  ? -11.565 -4.902  5.942   1.00 15.88 ? 42  THR A O   1 
ATOM   326  C CB  . THR A 1 42  ? -10.958 -3.423  3.112   1.00 16.25 ? 42  THR A CB  1 
ATOM   327  O OG1 . THR A 1 42  ? -9.717  -3.714  3.764   1.00 12.20 ? 42  THR A OG1 1 
ATOM   328  C CG2 . THR A 1 42  ? -10.802 -2.094  2.389   1.00 14.38 ? 42  THR A CG2 1 
ATOM   329  N N   . PRO A 1 43  ? -13.064 -5.612  4.420   1.00 20.87 ? 43  PRO A N   1 
ATOM   330  C CA  . PRO A 1 43  ? -13.186 -6.917  5.072   1.00 24.34 ? 43  PRO A CA  1 
ATOM   331  C C   . PRO A 1 43  ? -11.905 -7.723  4.895   1.00 11.63 ? 43  PRO A C   1 
ATOM   332  O O   . PRO A 1 43  ? -11.275 -7.624  3.829   1.00 18.85 ? 43  PRO A O   1 
ATOM   333  C CB  . PRO A 1 43  ? -14.339 -7.587  4.323   1.00 21.45 ? 43  PRO A CB  1 
ATOM   334  C CG  . PRO A 1 43  ? -14.647 -6.722  3.133   1.00 24.76 ? 43  PRO A CG  1 
ATOM   335  C CD  . PRO A 1 43  ? -13.662 -5.596  3.076   1.00 22.31 ? 43  PRO A CD  1 
ATOM   336  N N   . PRO A 1 44  ? -11.523 -8.510  5.910   1.00 22.01 ? 44  PRO A N   1 
ATOM   337  C CA  . PRO A 1 44  ? -10.268 -9.276  5.840   1.00 17.95 ? 44  PRO A CA  1 
ATOM   338  C C   . PRO A 1 44  ? -10.217 -10.190 4.628   1.00 25.90 ? 44  PRO A C   1 
ATOM   339  O O   . PRO A 1 44  ? -11.187 -10.898 4.353   1.00 28.01 ? 44  PRO A O   1 
ATOM   340  C CB  . PRO A 1 44  ? -10.286 -10.116 7.130   1.00 32.21 ? 44  PRO A CB  1 
ATOM   341  C CG  . PRO A 1 44  ? -11.270 -9.445  8.031   1.00 36.75 ? 44  PRO A CG  1 
ATOM   342  C CD  . PRO A 1 44  ? -12.291 -8.815  7.129   1.00 30.76 ? 44  PRO A CD  1 
ATOM   343  N N   . LEU A 1 45  ? -9.118  -10.131 3.880   1.00 21.96 ? 45  LEU A N   1 
ATOM   344  C CA  . LEU A 1 45  ? -8.779  -11.209 2.965   1.00 28.58 ? 45  LEU A CA  1 
ATOM   345  C C   . LEU A 1 45  ? -8.145  -12.279 3.846   1.00 32.21 ? 45  LEU A C   1 
ATOM   346  O O   . LEU A 1 45  ? -7.035  -12.098 4.357   1.00 26.29 ? 45  LEU A O   1 
ATOM   347  C CB  . LEU A 1 45  ? -7.828  -10.747 1.870   1.00 24.31 ? 45  LEU A CB  1 
ATOM   348  C CG  . LEU A 1 45  ? -7.312  -11.908 1.028   1.00 30.84 ? 45  LEU A CG  1 
ATOM   349  C CD1 . LEU A 1 45  ? -8.482  -12.737 0.514   1.00 30.40 ? 45  LEU A CD1 1 
ATOM   350  C CD2 . LEU A 1 45  ? -6.467  -11.394 -0.117  1.00 27.78 ? 45  LEU A CD2 1 
ATOM   351  N N   . GLY A 1 46  ? -8.875  -13.370 4.057   1.00 33.74 ? 46  GLY A N   1 
ATOM   352  C CA  . GLY A 1 46  ? -8.535  -14.341 5.084   1.00 41.92 ? 46  GLY A CA  1 
ATOM   353  C C   . GLY A 1 46  ? -9.711  -14.551 6.029   1.00 49.55 ? 46  GLY A C   1 
ATOM   354  O O   . GLY A 1 46  ? -10.854 -14.221 5.687   1.00 45.54 ? 46  GLY A O   1 
ATOM   355  N N   . PRO A 1 47  ? -9.438  -15.094 7.229   1.00 51.92 ? 47  PRO A N   1 
ATOM   356  C CA  . PRO A 1 47  ? -10.488 -15.389 8.214   1.00 53.25 ? 47  PRO A CA  1 
ATOM   357  C C   . PRO A 1 47  ? -11.318 -14.160 8.537   1.00 63.07 ? 47  PRO A C   1 
ATOM   358  O O   . PRO A 1 47  ? -10.776 -13.120 8.923   1.00 50.10 ? 47  PRO A O   1 
ATOM   359  C CB  . PRO A 1 47  ? -9.703  -15.837 9.452   1.00 58.77 ? 47  PRO A CB  1 
ATOM   360  C CG  . PRO A 1 47  ? -8.385  -16.282 8.935   1.00 63.81 ? 47  PRO A CG  1 
ATOM   361  C CD  . PRO A 1 47  ? -8.097  -15.454 7.723   1.00 53.13 ? 47  PRO A CD  1 
ATOM   362  N N   . GLN A 1 48  ? -12.631 -14.289 8.385   1.00 70.09 ? 48  GLN A N   1 
ATOM   363  C CA  . GLN A 1 48  ? -13.527 -13.155 8.555   1.00 73.92 ? 48  GLN A CA  1 
ATOM   364  C C   . GLN A 1 48  ? -13.591 -12.659 10.002  1.00 68.66 ? 48  GLN A C   1 
ATOM   365  O O   . GLN A 1 48  ? -14.061 -11.546 10.258  1.00 56.78 ? 48  GLN A O   1 
ATOM   366  C CB  . GLN A 1 48  ? -14.937 -13.508 8.049   1.00 58.15 ? 48  GLN A CB  1 
ATOM   367  C CG  . GLN A 1 48  ? -15.113 -13.375 6.539   1.00 61.13 ? 48  GLN A CG  1 
ATOM   368  C CD  . GLN A 1 48  ? -14.617 -12.036 6.009   1.00 61.82 ? 48  GLN A CD  1 
ATOM   369  O OE1 . GLN A 1 48  ? -15.076 -10.970 6.439   1.00 51.54 ? 48  GLN A OE1 1 
ATOM   370  N NE2 . GLN A 1 48  ? -13.666 -12.084 5.082   1.00 54.29 ? 48  GLN A NE2 1 
ATOM   371  N N   . ASP A 1 49  ? -13.110 -13.467 10.943  1.00 52.21 ? 49  ASP A N   1 
ATOM   372  C CA  . ASP A 1 49  ? -13.306 -13.162 12.361  1.00 65.12 ? 49  ASP A CA  1 
ATOM   373  C C   . ASP A 1 49  ? -12.123 -12.425 12.981  1.00 69.67 ? 49  ASP A C   1 
ATOM   374  O O   . ASP A 1 49  ? -11.695 -12.730 14.093  1.00 70.08 ? 49  ASP A O   1 
ATOM   375  C CB  . ASP A 1 49  ? -13.601 -14.438 13.153  1.00 59.48 ? 49  ASP A CB  1 
ATOM   376  C CG  . ASP A 1 49  ? -12.342 -15.173 13.579  1.00 63.65 ? 49  ASP A CG  1 
ATOM   377  O OD1 . ASP A 1 49  ? -11.340 -15.166 12.828  1.00 64.45 ? 49  ASP A OD1 1 
ATOM   378  O OD2 . ASP A 1 49  ? -12.363 -15.764 14.677  1.00 53.69 ? 49  ASP A OD2 1 
ATOM   379  N N   . GLN A 1 50  ? -11.597 -11.455 12.250  1.00 56.51 ? 50  GLN A N   1 
ATOM   380  C CA  . GLN A 1 50  ? -10.642 -10.521 12.814  1.00 48.04 ? 50  GLN A CA  1 
ATOM   381  C C   . GLN A 1 50  ? -11.170 -9.132  12.508  1.00 48.25 ? 50  GLN A C   1 
ATOM   382  O O   . GLN A 1 50  ? -12.161 -8.979  11.788  1.00 31.77 ? 50  GLN A O   1 
ATOM   383  C CB  . GLN A 1 50  ? -9.270  -10.723 12.194  1.00 41.02 ? 50  GLN A CB  1 
ATOM   384  C CG  . GLN A 1 50  ? -9.252  -10.478 10.710  1.00 44.57 ? 50  GLN A CG  1 
ATOM   385  C CD  . GLN A 1 50  ? -8.006  -11.018 10.051  1.00 54.59 ? 50  GLN A CD  1 
ATOM   386  O OE1 . GLN A 1 50  ? -6.901  -10.535 10.301  1.00 43.97 ? 50  GLN A OE1 1 
ATOM   387  N NE2 . GLN A 1 50  ? -8.174  -12.031 9.207   1.00 40.80 ? 50  GLN A NE2 1 
ATOM   388  N N   . PRO A 1 51  ? -10.525 -8.101  13.057  1.00 40.85 ? 51  PRO A N   1 
ATOM   389  C CA  . PRO A 1 51  ? -11.098 -6.798  12.713  1.00 33.37 ? 51  PRO A CA  1 
ATOM   390  C C   . PRO A 1 51  ? -10.902 -6.502  11.224  1.00 36.74 ? 51  PRO A C   1 
ATOM   391  O O   . PRO A 1 51  ? -10.060 -7.111  10.542  1.00 32.04 ? 51  PRO A O   1 
ATOM   392  C CB  . PRO A 1 51  ? -10.304 -5.810  13.590  1.00 39.85 ? 51  PRO A CB  1 
ATOM   393  C CG  . PRO A 1 51  ? -9.515  -6.672  14.593  1.00 36.10 ? 51  PRO A CG  1 
ATOM   394  C CD  . PRO A 1 51  ? -9.336  -8.001  13.926  1.00 36.54 ? 51  PRO A CD  1 
ATOM   395  N N   . ASP A 1 52  ? -11.702 -5.575  10.722  1.00 28.16 ? 52  ASP A N   1 
ATOM   396  C CA  . ASP A 1 52  ? -11.511 -5.055  9.381   1.00 24.21 ? 52  ASP A CA  1 
ATOM   397  C C   . ASP A 1 52  ? -10.193 -4.286  9.300   1.00 25.84 ? 52  ASP A C   1 
ATOM   398  O O   . ASP A 1 52  ? -9.690  -3.758  10.314  1.00 23.97 ? 52  ASP A O   1 
ATOM   399  C CB  . ASP A 1 52  ? -12.678 -4.151  8.998   1.00 27.44 ? 52  ASP A CB  1 
ATOM   400  C CG  . ASP A 1 52  ? -13.981 -4.900  8.907   1.00 29.46 ? 52  ASP A CG  1 
ATOM   401  O OD1 . ASP A 1 52  ? -13.941 -6.136  8.670   1.00 33.72 ? 52  ASP A OD1 1 
ATOM   402  O OD2 . ASP A 1 52  ? -15.037 -4.250  9.074   1.00 24.54 ? 52  ASP A OD2 1 
ATOM   403  N N   . TYR A 1 53  ? -9.630  -4.241  8.097   1.00 16.81 ? 53  TYR A N   1 
ATOM   404  C CA  . TYR A 1 53  ? -8.405  -3.507  7.860   1.00 11.52 ? 53  TYR A CA  1 
ATOM   405  C C   . TYR A 1 53  ? -8.730  -2.071  7.504   1.00 11.88 ? 53  TYR A C   1 
ATOM   406  O O   . TYR A 1 53  ? -9.774  -1.770  6.922   1.00 14.50 ? 53  TYR A O   1 
ATOM   407  C CB  . TYR A 1 53  ? -7.627  -4.104  6.690   1.00 15.63 ? 53  TYR A CB  1 
ATOM   408  C CG  . TYR A 1 53  ? -6.950  -5.407  7.027   1.00 13.63 ? 53  TYR A CG  1 
ATOM   409  C CD1 . TYR A 1 53  ? -7.702  -6.529  7.340   1.00 20.76 ? 53  TYR A CD1 1 
ATOM   410  C CD2 . TYR A 1 53  ? -5.573  -5.504  7.045   1.00 14.58 ? 53  TYR A CD2 1 
ATOM   411  C CE1 . TYR A 1 53  ? -7.101  -7.712  7.666   1.00 22.95 ? 53  TYR A CE1 1 
ATOM   412  C CE2 . TYR A 1 53  ? -4.956  -6.688  7.382   1.00 17.00 ? 53  TYR A CE2 1 
ATOM   413  C CZ  . TYR A 1 53  ? -5.735  -7.790  7.683   1.00 26.64 ? 53  TYR A CZ  1 
ATOM   414  O OH  . TYR A 1 53  ? -5.150  -8.989  8.015   1.00 38.14 ? 53  TYR A OH  1 
ATOM   415  N N   . LEU A 1 54  ? -7.797  -1.191  7.836   1.00 13.33 ? 54  LEU A N   1 
ATOM   416  C CA  . LEU A 1 54  ? -7.750  0.121   7.233   1.00 14.17 ? 54  LEU A CA  1 
ATOM   417  C C   . LEU A 1 54  ? -6.722  0.049   6.123   1.00 15.23 ? 54  LEU A C   1 
ATOM   418  O O   . LEU A 1 54  ? -5.574  -0.319  6.358   1.00 12.55 ? 54  LEU A O   1 
ATOM   419  C CB  . LEU A 1 54  ? -7.357  1.174   8.264   1.00 13.18 ? 54  LEU A CB  1 
ATOM   420  C CG  . LEU A 1 54  ? -7.571  2.640   7.867   1.00 11.68 ? 54  LEU A CG  1 
ATOM   421  C CD1 . LEU A 1 54  ? -7.509  3.505   9.126   1.00 13.30 ? 54  LEU A CD1 1 
ATOM   422  C CD2 . LEU A 1 54  ? -6.533  3.085   6.886   1.00 11.08 ? 54  LEU A CD2 1 
ATOM   423  N N   . ASN A 1 55  ? -7.159  0.362   4.906   1.00 9.77  ? 55  ASN A N   1 
ATOM   424  C CA  . ASN A 1 55  ? -6.288  0.438   3.748   1.00 10.13 ? 55  ASN A CA  1 
ATOM   425  C C   . ASN A 1 55  ? -6.301  1.849   3.169   1.00 8.08  ? 55  ASN A C   1 
ATOM   426  O O   . ASN A 1 55  ? -7.324  2.547   3.185   1.00 10.28 ? 55  ASN A O   1 
ATOM   427  C CB  . ASN A 1 55  ? -6.713  -0.589  2.669   1.00 9.65  ? 55  ASN A CB  1 
ATOM   428  C CG  . ASN A 1 55  ? -6.344  -2.020  3.034   1.00 9.51  ? 55  ASN A CG  1 
ATOM   429  O OD1 . ASN A 1 55  ? -7.206  -2.867  3.236   1.00 8.26  ? 55  ASN A OD1 1 
ATOM   430  N ND2 . ASN A 1 55  ? -5.044  -2.280  3.152   1.00 8.62  ? 55  ASN A ND2 1 
ATOM   431  N N   . ALA A 1 56  ? -5.158  2.236   2.628   1.00 8.01  ? 56  ALA A N   1 
ATOM   432  C CA  . ALA A 1 56  ? -4.965  3.493   1.974   1.00 9.54  ? 56  ALA A CA  1 
ATOM   433  C C   . ALA A 1 56  ? -3.792  3.373   1.008   1.00 11.15 ? 56  ALA A C   1 
ATOM   434  O O   . ALA A 1 56  ? -3.021  2.394   1.058   1.00 12.59 ? 56  ALA A O   1 
ATOM   435  C CB  . ALA A 1 56  ? -4.709  4.604   3.034   1.00 12.14 ? 56  ALA A CB  1 
ATOM   436  N N   . ALA A 1 57  ? -3.676  4.336   0.110   1.00 8.32  ? 57  ALA A N   1 
ATOM   437  C CA  . ALA A 1 57  ? -2.547  4.440   -0.790  1.00 9.14  ? 57  ALA A CA  1 
ATOM   438  C C   . ALA A 1 57  ? -1.909  5.794   -0.645  1.00 13.22 ? 57  ALA A C   1 
ATOM   439  O O   . ALA A 1 57  ? -2.580  6.771   -0.380  1.00 10.55 ? 57  ALA A O   1 
ATOM   440  C CB  . ALA A 1 57  ? -2.971  4.259   -2.243  1.00 8.35  ? 57  ALA A CB  1 
ATOM   441  N N   . VAL A 1 58  ? -0.611  5.841   -0.866  1.00 7.54  ? 58  VAL A N   1 
ATOM   442  C CA  . VAL A 1 58  ? 0.154   7.070   -0.740  1.00 8.63  ? 58  VAL A CA  1 
ATOM   443  C C   . VAL A 1 58  ? 0.994   7.202   -1.976  1.00 9.97  ? 58  VAL A C   1 
ATOM   444  O O   . VAL A 1 58  ? 1.615   6.219   -2.437  1.00 11.91 ? 58  VAL A O   1 
ATOM   445  C CB  . VAL A 1 58  ? 1.109   7.001   0.482   1.00 10.74 ? 58  VAL A CB  1 
ATOM   446  C CG1 . VAL A 1 58  ? 1.994   8.198   0.525   1.00 13.75 ? 58  VAL A CG1 1 
ATOM   447  C CG2 . VAL A 1 58  ? 0.334   6.870   1.734   1.00 11.69 ? 58  VAL A CG2 1 
ATOM   448  N N   . ALA A 1 59  ? 1.026   8.404   -2.539  1.00 7.87  ? 59  ALA A N   1 
ATOM   449  C CA  . ALA A 1 59  ? 2.029   8.776   -3.533  1.00 6.62  ? 59  ALA A CA  1 
ATOM   450  C C   . ALA A 1 59  ? 3.214   9.442   -2.836  1.00 14.28 ? 59  ALA A C   1 
ATOM   451  O O   . ALA A 1 59  ? 3.051   10.462  -2.166  1.00 12.49 ? 59  ALA A O   1 
ATOM   452  C CB  . ALA A 1 59  ? 1.457   9.725   -4.567  1.00 10.08 ? 59  ALA A CB  1 
ATOM   453  N N   . LEU A 1 60  ? 4.397   8.892   -3.031  1.00 11.20 ? 60  LEU A N   1 
ATOM   454  C CA  . LEU A 1 60  ? 5.596   9.409   -2.387  1.00 7.24  ? 60  LEU A CA  1 
ATOM   455  C C   . LEU A 1 60  ? 6.602   9.815   -3.438  1.00 17.08 ? 60  LEU A C   1 
ATOM   456  O O   . LEU A 1 60  ? 7.017   9.003   -4.275  1.00 12.83 ? 60  LEU A O   1 
ATOM   457  C CB  . LEU A 1 60  ? 6.210   8.316   -1.506  1.00 12.91 ? 60  LEU A CB  1 
ATOM   458  C CG  . LEU A 1 60  ? 7.370   8.738   -0.601  1.00 12.17 ? 60  LEU A CG  1 
ATOM   459  C CD1 . LEU A 1 60  ? 6.871   9.418   0.645   1.00 10.92 ? 60  LEU A CD1 1 
ATOM   460  C CD2 . LEU A 1 60  ? 8.176   7.535   -0.210  1.00 11.03 ? 60  LEU A CD2 1 
ATOM   461  N N   . GLU A 1 61  ? 6.999   11.079  -3.408  1.00 11.03 ? 61  GLU A N   1 
ATOM   462  C CA  . GLU A 1 61  ? 8.072   11.549  -4.260  1.00 6.27  ? 61  GLU A CA  1 
ATOM   463  C C   . GLU A 1 61  ? 9.387   11.185  -3.594  1.00 16.31 ? 61  GLU A C   1 
ATOM   464  O O   . GLU A 1 61  ? 9.564   11.441  -2.399  1.00 12.76 ? 61  GLU A O   1 
ATOM   465  C CB  . GLU A 1 61  ? 7.991   13.070  -4.457  1.00 15.95 ? 61  GLU A CB  1 
ATOM   466  C CG  . GLU A 1 61  ? 9.154   13.641  -5.229  1.00 17.13 ? 61  GLU A CG  1 
ATOM   467  C CD  . GLU A 1 61  ? 9.202   13.121  -6.646  1.00 25.23 ? 61  GLU A CD  1 
ATOM   468  O OE1 . GLU A 1 61  ? 8.125   12.971  -7.255  1.00 29.30 ? 61  GLU A OE1 1 
ATOM   469  O OE2 . GLU A 1 61  ? 10.309  12.849  -7.153  1.00 43.59 ? 61  GLU A OE2 1 
ATOM   470  N N   . THR A 1 62  ? 10.299  10.580  -4.354  1.00 13.45 ? 62  THR A N   1 
ATOM   471  C CA  . THR A 1 62  ? 11.571  10.126  -3.787  1.00 16.06 ? 62  THR A CA  1 
ATOM   472  C C   . THR A 1 62  ? 12.709  10.078  -4.798  1.00 18.07 ? 62  THR A C   1 
ATOM   473  O O   . THR A 1 62  ? 12.507  9.808   -5.984  1.00 18.41 ? 62  THR A O   1 
ATOM   474  C CB  . THR A 1 62  ? 11.442  8.728   -3.108  1.00 14.23 ? 62  THR A CB  1 
ATOM   475  O OG1 . THR A 1 62  ? 12.609  8.473   -2.313  1.00 13.45 ? 62  THR A OG1 1 
ATOM   476  C CG2 . THR A 1 62  ? 11.303  7.613   -4.155  1.00 12.08 ? 62  THR A CG2 1 
ATOM   477  N N   . SER A 1 63  ? 13.922  10.356  -4.327  1.00 17.72 ? 63  SER A N   1 
ATOM   478  C CA  . SER A 1 63  ? 15.092  10.202  -5.181  1.00 20.00 ? 63  SER A CA  1 
ATOM   479  C C   . SER A 1 63  ? 15.949  9.053   -4.659  1.00 14.51 ? 63  SER A C   1 
ATOM   480  O O   . SER A 1 63  ? 17.066  8.860   -5.125  1.00 17.96 ? 63  SER A O   1 
ATOM   481  C CB  . SER A 1 63  ? 15.921  11.481  -5.275  1.00 26.51 ? 63  SER A CB  1 
ATOM   482  O OG  A SER A 1 63  ? 16.247  11.962  -4.001  0.69 20.87 ? 63  SER A OG  1 
ATOM   483  O OG  B SER A 1 63  ? 15.114  12.646  -5.334  0.31 22.61 ? 63  SER A OG  1 
ATOM   484  N N   . LEU A 1 64  ? 15.419  8.307   -3.698  1.00 12.22 ? 64  LEU A N   1 
ATOM   485  C CA  . LEU A 1 64  ? 16.073  7.077   -3.247  1.00 15.44 ? 64  LEU A CA  1 
ATOM   486  C C   . LEU A 1 64  ? 15.968  6.015   -4.334  1.00 19.25 ? 64  LEU A C   1 
ATOM   487  O O   . LEU A 1 64  ? 15.037  6.026   -5.135  1.00 14.00 ? 64  LEU A O   1 
ATOM   488  C CB  . LEU A 1 64  ? 15.422  6.529   -1.988  1.00 11.66 ? 64  LEU A CB  1 
ATOM   489  C CG  . LEU A 1 64  ? 15.400  7.390   -0.717  1.00 18.14 ? 64  LEU A CG  1 
ATOM   490  C CD1 . LEU A 1 64  ? 14.649  6.695   0.381   1.00 15.95 ? 64  LEU A CD1 1 
ATOM   491  C CD2 . LEU A 1 64  ? 16.783  7.685   -0.279  1.00 16.85 ? 64  LEU A CD2 1 
ATOM   492  N N   . ALA A 1 65  ? 16.934  5.103   -4.352  1.00 16.19 ? 65  ALA A N   1 
ATOM   493  C CA  . ALA A 1 65  ? 16.824  3.868   -5.119  1.00 13.39 ? 65  ALA A CA  1 
ATOM   494  C C   . ALA A 1 65  ? 15.745  2.984   -4.510  1.00 10.46 ? 65  ALA A C   1 
ATOM   495  O O   . ALA A 1 65  ? 15.491  3.054   -3.301  1.00 10.56 ? 65  ALA A O   1 
ATOM   496  C CB  . ALA A 1 65  ? 18.141  3.139   -5.096  1.00 20.00 ? 65  ALA A CB  1 
ATOM   497  N N   . PRO A 1 66  ? 15.116  2.121   -5.325  1.00 10.89 ? 66  PRO A N   1 
ATOM   498  C CA  . PRO A 1 66  ? 14.007  1.268   -4.858  1.00 8.36  ? 66  PRO A CA  1 
ATOM   499  C C   . PRO A 1 66  ? 14.331  0.393   -3.624  1.00 6.78  ? 66  PRO A C   1 
ATOM   500  O O   . PRO A 1 66  ? 13.552  0.288   -2.693  1.00 11.65 ? 66  PRO A O   1 
ATOM   501  C CB  . PRO A 1 66  ? 13.707  0.358   -6.078  1.00 13.13 ? 66  PRO A CB  1 
ATOM   502  C CG  . PRO A 1 66  ? 14.369  0.996   -7.247  1.00 16.50 ? 66  PRO A CG  1 
ATOM   503  C CD  . PRO A 1 66  ? 15.450  1.913   -6.750  1.00 15.38 ? 66  PRO A CD  1 
ATOM   504  N N   . GLU A 1 67  ? 15.490  -0.250  -3.613  1.00 10.45 ? 67  GLU A N   1 
ATOM   505  C CA  . GLU A 1 67  ? 15.837  -1.062  -2.472  1.00 14.78 ? 67  GLU A CA  1 
ATOM   506  C C   . GLU A 1 67  ? 16.085  -0.193  -1.198  1.00 5.78  ? 67  GLU A C   1 
ATOM   507  O O   . GLU A 1 67  ? 15.862  -0.656  -0.073  1.00 12.39 ? 67  GLU A O   1 
ATOM   508  C CB  . GLU A 1 67  ? 17.033  -1.961  -2.829  1.00 20.11 ? 67  GLU A CB  1 
ATOM   509  C CG  . GLU A 1 67  ? 18.355  -1.248  -3.095  1.00 27.20 ? 67  GLU A CG  1 
ATOM   510  C CD  . GLU A 1 67  ? 18.512  -0.609  -4.494  1.00 31.52 ? 67  GLU A CD  1 
ATOM   511  O OE1 . GLU A 1 67  ? 17.606  -0.703  -5.371  1.00 23.00 ? 67  GLU A OE1 1 
ATOM   512  O OE2 . GLU A 1 67  ? 19.587  0.009   -4.706  1.00 38.94 ? 67  GLU A OE2 1 
ATOM   513  N N   . GLU A 1 68  ? 16.546  1.049   -1.396  1.00 12.87 ? 68  GLU A N   1 
ATOM   514  C CA  . GLU A 1 68  ? 16.731  1.998   -0.285  1.00 11.38 ? 68  GLU A CA  1 
ATOM   515  C C   . GLU A 1 68  ? 15.367  2.393   0.248   1.00 11.23 ? 68  GLU A C   1 
ATOM   516  O O   . GLU A 1 68  ? 15.121  2.424   1.458   1.00 11.99 ? 68  GLU A O   1 
ATOM   517  C CB  . GLU A 1 68  ? 17.494  3.246   -0.735  1.00 15.22 ? 68  GLU A CB  1 
ATOM   518  C CG  . GLU A 1 68  ? 18.937  3.010   -1.142  1.00 29.79 ? 68  GLU A CG  1 
ATOM   519  C CD  . GLU A 1 68  ? 19.680  4.318   -1.472  1.00 34.34 ? 68  GLU A CD  1 
ATOM   520  O OE1 . GLU A 1 68  ? 19.216  5.112   -2.338  1.00 25.57 ? 68  GLU A OE1 1 
ATOM   521  O OE2 . GLU A 1 68  ? 20.739  4.556   -0.856  1.00 73.85 ? 68  GLU A OE2 1 
ATOM   522  N N   . LEU A 1 69  ? 14.439  2.661   -0.653  1.00 8.18  ? 69  LEU A N   1 
ATOM   523  C CA  . LEU A 1 69  ? 13.077  2.903   -0.190  1.00 10.93 ? 69  LEU A CA  1 
ATOM   524  C C   . LEU A 1 69  ? 12.562  1.712   0.623   1.00 8.43  ? 69  LEU A C   1 
ATOM   525  O O   . LEU A 1 69  ? 12.002  1.878   1.703   1.00 10.17 ? 69  LEU A O   1 
ATOM   526  C CB  . LEU A 1 69  ? 12.154  3.208   -1.380  1.00 9.95  ? 69  LEU A CB  1 
ATOM   527  C CG  . LEU A 1 69  ? 10.708  3.456   -0.972  1.00 6.79  ? 69  LEU A CG  1 
ATOM   528  C CD1 . LEU A 1 69  ? 10.561  4.571   0.086   1.00 10.25 ? 69  LEU A CD1 1 
ATOM   529  C CD2 . LEU A 1 69  ? 9.842   3.736   -2.237  1.00 9.04  ? 69  LEU A CD2 1 
ATOM   530  N N   . LEU A 1 70  ? 12.751  0.492   0.117   1.00 8.66  ? 70  LEU A N   1 
ATOM   531  C CA  . LEU A 1 70  ? 12.271  -0.681  0.837   1.00 5.38  ? 70  LEU A CA  1 
ATOM   532  C C   . LEU A 1 70  ? 12.928  -0.765  2.218   1.00 5.50  ? 70  LEU A C   1 
ATOM   533  O O   . LEU A 1 70  ? 12.263  -1.111  3.186   1.00 7.72  ? 70  LEU A O   1 
ATOM   534  C CB  . LEU A 1 70  ? 12.526  -1.988  0.049   1.00 8.53  ? 70  LEU A CB  1 
ATOM   535  C CG  . LEU A 1 70  ? 12.031  -3.282  0.692   1.00 6.69  ? 70  LEU A CG  1 
ATOM   536  C CD1 . LEU A 1 70  ? 10.517  -3.315  0.774   1.00 13.51 ? 70  LEU A CD1 1 
ATOM   537  C CD2 . LEU A 1 70  ? 12.575  -4.498  -0.094  1.00 15.82 ? 70  LEU A CD2 1 
ATOM   538  N N   . ASN A 1 71  ? 14.220  -0.478  2.296   1.00 9.67  ? 71  ASN A N   1 
ATOM   539  C CA  . ASN A 1 71  ? 14.909  -0.444  3.593   1.00 7.81  ? 71  ASN A CA  1 
ATOM   540  C C   . ASN A 1 71  ? 14.142  0.427   4.588   1.00 10.65 ? 71  ASN A C   1 
ATOM   541  O O   . ASN A 1 71  ? 13.912  0.046   5.740   1.00 11.68 ? 71  ASN A O   1 
ATOM   542  C CB  . ASN A 1 71  ? 16.322  0.097   3.425   1.00 11.71 ? 71  ASN A CB  1 
ATOM   543  C CG  . ASN A 1 71  ? 17.250  -0.885  2.771   1.00 13.58 ? 71  ASN A CG  1 
ATOM   544  O OD1 . ASN A 1 71  ? 16.943  -2.073  2.667   1.00 14.13 ? 71  ASN A OD1 1 
ATOM   545  N ND2 . ASN A 1 71  ? 18.404  -0.388  2.331   1.00 14.52 ? 71  ASN A ND2 1 
ATOM   546  N N   . HIS A 1 72  ? 13.711  1.601   4.136   1.00 11.82 ? 72  HIS A N   1 
ATOM   547  C CA  . HIS A 1 72  ? 12.947  2.481   5.023   1.00 9.72  ? 72  HIS A CA  1 
ATOM   548  C C   . HIS A 1 72  ? 11.579  1.990   5.385   1.00 5.60  ? 72  HIS A C   1 
ATOM   549  O O   . HIS A 1 72  ? 11.179  2.059   6.536   1.00 7.43  ? 72  HIS A O   1 
ATOM   550  C CB  . HIS A 1 72  ? 12.889  3.877   4.425   1.00 10.54 ? 72  HIS A CB  1 
ATOM   551  C CG  . HIS A 1 72  ? 14.206  4.585   4.477   1.00 13.78 ? 72  HIS A CG  1 
ATOM   552  N ND1 . HIS A 1 72  ? 14.653  5.246   5.609   1.00 12.74 ? 72  HIS A ND1 1 
ATOM   553  C CD2 . HIS A 1 72  ? 15.193  4.698   3.556   1.00 13.64 ? 72  HIS A CD2 1 
ATOM   554  C CE1 . HIS A 1 72  ? 15.852  5.748   5.372   1.00 14.78 ? 72  HIS A CE1 1 
ATOM   555  N NE2 . HIS A 1 72  ? 16.199  5.437   4.135   1.00 20.40 ? 72  HIS A NE2 1 
ATOM   556  N N   . THR A 1 73  ? 10.811  1.499   4.406   1.00 5.49  ? 73  THR A N   1 
ATOM   557  C CA  . THR A 1 73  ? 9.479   1.007   4.714   1.00 9.31  ? 73  THR A CA  1 
ATOM   558  C C   . THR A 1 73  ? 9.541   -0.187  5.659   1.00 8.96  ? 73  THR A C   1 
ATOM   559  O O   . THR A 1 73  ? 8.705   -0.319  6.544   1.00 7.33  ? 73  THR A O   1 
ATOM   560  C CB  . THR A 1 73  ? 8.675   0.646   3.442   1.00 10.52 ? 73  THR A CB  1 
ATOM   561  O OG1 . THR A 1 73  ? 9.352   -0.367  2.695   1.00 12.21 ? 73  THR A OG1 1 
ATOM   562  C CG2 . THR A 1 73  ? 8.512   1.871   2.559   1.00 11.63 ? 73  THR A CG2 1 
ATOM   563  N N   . GLN A 1 74  ? 10.538  -1.052  5.488   1.00 10.02 ? 74  GLN A N   1 
ATOM   564  C CA  . GLN A 1 74  ? 10.705  -2.180  6.401   1.00 7.67  ? 74  GLN A CA  1 
ATOM   565  C C   . GLN A 1 74  ? 11.124  -1.733  7.795   1.00 4.69  ? 74  GLN A C   1 
ATOM   566  O O   . GLN A 1 74  ? 10.679  -2.313  8.792   1.00 8.38  ? 74  GLN A O   1 
ATOM   567  C CB  . GLN A 1 74  ? 11.686  -3.198  5.839   1.00 11.18 ? 74  GLN A CB  1 
ATOM   568  C CG  . GLN A 1 74  ? 11.078  -4.024  4.713   1.00 11.61 ? 74  GLN A CG  1 
ATOM   569  C CD  . GLN A 1 74  ? 12.062  -5.013  4.117   1.00 21.20 ? 74  GLN A CD  1 
ATOM   570  O OE1 . GLN A 1 74  ? 13.267  -4.834  4.198   1.00 19.59 ? 74  GLN A OE1 1 
ATOM   571  N NE2 . GLN A 1 74  ? 11.544  -6.055  3.518   1.00 17.24 ? 74  GLN A NE2 1 
ATOM   572  N N   . ARG A 1 75  ? 11.945  -0.700  7.846   1.00 7.71  ? 75  ARG A N   1 
ATOM   573  C CA  . ARG A 1 75  ? 12.324  -0.113  9.127   1.00 6.53  ? 75  ARG A CA  1 
ATOM   574  C C   . ARG A 1 75  ? 11.067  0.407   9.864   1.00 12.21 ? 75  ARG A C   1 
ATOM   575  O O   . ARG A 1 75  ? 10.833  0.115   11.034  1.00 11.91 ? 75  ARG A O   1 
ATOM   576  C CB  . ARG A 1 75  ? 13.310  1.006   8.906   1.00 9.36  ? 75  ARG A CB  1 
ATOM   577  C CG  . ARG A 1 75  ? 13.484  1.851   10.174  1.00 7.49  ? 75  ARG A CG  1 
ATOM   578  C CD  . ARG A 1 75  ? 14.421  3.018   10.017  1.00 10.96 ? 75  ARG A CD  1 
ATOM   579  N NE  . ARG A 1 75  ? 14.042  3.916   8.943   1.00 11.57 ? 75  ARG A NE  1 
ATOM   580  C CZ  . ARG A 1 75  ? 13.083  4.840   9.022   1.00 12.43 ? 75  ARG A CZ  1 
ATOM   581  N NH1 . ARG A 1 75  ? 12.354  5.003   10.121  1.00 12.62 ? 75  ARG A NH1 1 
ATOM   582  N NH2 . ARG A 1 75  ? 12.859  5.612   7.978   1.00 13.42 ? 75  ARG A NH2 1 
ATOM   583  N N   . ILE A 1 76  ? 10.229  1.151   9.145   1.00 11.94 ? 76  ILE A N   1 
ATOM   584  C CA  . ILE A 1 76  ? 8.995   1.681   9.718   1.00 9.25  ? 76  ILE A CA  1 
ATOM   585  C C   . ILE A 1 76  ? 8.080   0.580   10.223  1.00 9.54  ? 76  ILE A C   1 
ATOM   586  O O   . ILE A 1 76  ? 7.522   0.651   11.328  1.00 10.92 ? 76  ILE A O   1 
ATOM   587  C CB  . ILE A 1 76  ? 8.279   2.593   8.679   1.00 8.52  ? 76  ILE A CB  1 
ATOM   588  C CG1 . ILE A 1 76  ? 9.202   3.769   8.358   1.00 9.71  ? 76  ILE A CG1 1 
ATOM   589  C CG2 . ILE A 1 76  ? 6.913   3.002   9.195   1.00 11.00 ? 76  ILE A CG2 1 
ATOM   590  C CD1 . ILE A 1 76  ? 8.804   4.589   7.139   1.00 11.05 ? 76  ILE A CD1 1 
ATOM   591  N N   . GLU A 1 77  ? 7.949   -0.490  9.438   1.00 8.02  ? 77  GLU A N   1 
ATOM   592  C CA  . GLU A 1 77  ? 7.185   -1.641  9.861   1.00 8.72  ? 77  GLU A CA  1 
ATOM   593  C C   . GLU A 1 77  ? 7.703   -2.209  11.180  1.00 6.70  ? 77  GLU A C   1 
ATOM   594  O O   . GLU A 1 77  ? 6.915   -2.572  12.024  1.00 7.52  ? 77  GLU A O   1 
ATOM   595  C CB  . GLU A 1 77  ? 7.216   -2.757  8.795   1.00 10.30 ? 77  GLU A CB  1 
ATOM   596  C CG  . GLU A 1 77  ? 6.377   -2.442  7.552   1.00 10.83 ? 77  GLU A CG  1 
ATOM   597  C CD  . GLU A 1 77  ? 6.449   -3.525  6.495   1.00 14.36 ? 77  GLU A CD  1 
ATOM   598  O OE1 . GLU A 1 77  ? 7.515   -4.159  6.366   1.00 11.79 ? 77  GLU A OE1 1 
ATOM   599  O OE2 . GLU A 1 77  ? 5.435   -3.743  5.790   1.00 10.35 ? 77  GLU A OE2 1 
ATOM   600  N N   . LEU A 1 78  ? 9.026   -2.303  11.345  1.00 11.10 ? 78  LEU A N   1 
ATOM   601  C CA  . LEU A 1 78  ? 9.575   -2.838  12.594  1.00 8.77  ? 78  LEU A CA  1 
ATOM   602  C C   . LEU A 1 78  ? 9.348   -1.903  13.773  1.00 10.95 ? 78  LEU A C   1 
ATOM   603  O O   . LEU A 1 78  ? 9.048   -2.340  14.883  1.00 14.79 ? 78  LEU A O   1 
ATOM   604  C CB  . LEU A 1 78  ? 11.074  -3.089  12.442  1.00 13.38 ? 78  LEU A CB  1 
ATOM   605  C CG  . LEU A 1 78  ? 11.468  -4.280  11.574  1.00 14.56 ? 78  LEU A CG  1 
ATOM   606  C CD1 . LEU A 1 78  ? 12.972  -4.234  11.374  1.00 12.58 ? 78  LEU A CD1 1 
ATOM   607  C CD2 . LEU A 1 78  ? 11.020  -5.644  12.149  1.00 15.17 ? 78  LEU A CD2 1 
ATOM   608  N N   . GLN A 1 79  ? 9.512   -0.614  13.518  1.00 11.23 ? 79  GLN A N   1 
ATOM   609  C CA  . GLN A 1 79  ? 9.385   0.419   14.553  1.00 15.58 ? 79  GLN A CA  1 
ATOM   610  C C   . GLN A 1 79  ? 7.935   0.684   14.982  1.00 25.56 ? 79  GLN A C   1 
ATOM   611  O O   . GLN A 1 79  ? 7.674   1.000   16.143  1.00 18.89 ? 79  GLN A O   1 
ATOM   612  C CB  . GLN A 1 79  ? 10.037  1.709   14.061  1.00 15.29 ? 79  GLN A CB  1 
ATOM   613  C CG  . GLN A 1 79  ? 11.508  1.582   13.829  1.00 11.85 ? 79  GLN A CG  1 
ATOM   614  C CD  . GLN A 1 79  ? 12.192  2.811   13.253  1.00 13.61 ? 79  GLN A CD  1 
ATOM   615  O OE1 . GLN A 1 79  ? 11.628  3.556   12.459  1.00 10.93 ? 79  GLN A OE1 1 
ATOM   616  N NE2 . GLN A 1 79  ? 13.458  3.023   13.652  1.00 15.15 ? 79  GLN A NE2 1 
ATOM   617  N N   . GLN A 1 80  ? 6.994   0.520   14.052  1.00 17.95 ? 80  GLN A N   1 
ATOM   618  C CA  . GLN A 1 80  ? 5.601   0.906   14.277  1.00 22.52 ? 80  GLN A CA  1 
ATOM   619  C C   . GLN A 1 80  ? 4.641   -0.278  14.486  1.00 36.91 ? 80  GLN A C   1 
ATOM   620  O O   . GLN A 1 80  ? 3.535   -0.110  15.009  1.00 40.17 ? 80  GLN A O   1 
ATOM   621  C CB  . GLN A 1 80  ? 5.099   1.710   13.078  1.00 16.81 ? 80  GLN A CB  1 
ATOM   622  C CG  . GLN A 1 80  ? 5.787   3.036   12.809  1.00 21.26 ? 80  GLN A CG  1 
ATOM   623  C CD  . GLN A 1 80  ? 5.777   3.985   13.989  1.00 26.28 ? 80  GLN A CD  1 
ATOM   624  O OE1 . GLN A 1 80  ? 4.834   4.007   14.778  1.00 29.57 ? 80  GLN A OE1 1 
ATOM   625  N NE2 . GLN A 1 80  ? 6.846   4.771   14.121  1.00 33.88 ? 80  GLN A NE2 1 
ATOM   626  N N   . GLY A 1 81  ? 5.033   -1.466  14.044  1.00 33.67 ? 81  GLY A N   1 
ATOM   627  C CA  . GLY A 1 81  ? 4.142   -2.616  14.097  1.00 34.53 ? 81  GLY A CA  1 
ATOM   628  C C   . GLY A 1 81  ? 4.743   -3.753  14.912  1.00 36.75 ? 81  GLY A C   1 
ATOM   629  O O   . GLY A 1 81  ? 5.776   -3.577  15.526  1.00 23.93 ? 81  GLY A O   1 
ATOM   630  N N   . ARG A 1 82  ? 4.089   -4.909  14.969  1.00 37.49 ? 82  ARG A N   1 
ATOM   631  C CA  . ARG A 1 82  ? 4.709   -6.078  15.597  1.00 44.04 ? 82  ARG A CA  1 
ATOM   632  C C   . ARG A 1 82  ? 4.451   -7.298  14.724  1.00 50.02 ? 82  ARG A C   1 
ATOM   633  O O   . ARG A 1 82  ? 3.995   -7.164  13.587  1.00 66.02 ? 82  ARG A O   1 
ATOM   634  C CB  . ARG A 1 82  ? 4.240   -6.280  17.055  1.00 38.39 ? 82  ARG A CB  1 
ATOM   635  C CG  . ARG A 1 82  ? 2.732   -6.397  17.259  1.00 39.39 ? 82  ARG A CG  1 
ATOM   636  C CD  . ARG A 1 82  ? 2.405   -7.291  18.446  1.00 41.44 ? 82  ARG A CD  1 
ATOM   637  N NE  . ARG A 1 82  ? 0.964   -7.490  18.626  1.00 51.72 ? 82  ARG A NE  1 
ATOM   638  C CZ  . ARG A 1 82  ? 0.257   -8.500  18.112  1.00 51.02 ? 82  ARG A CZ  1 
ATOM   639  N NH1 . ARG A 1 82  ? 0.827   -9.430  17.350  1.00 50.75 ? 82  ARG A NH1 1 
ATOM   640  N NH2 . ARG A 1 82  ? -1.045  -8.581  18.360  1.00 48.23 ? 82  ARG A NH2 1 
ATOM   641  N N   . VAL A 1 83  ? 4.741   -8.482  15.245  1.00 60.69 ? 83  VAL A N   1 
ATOM   642  C CA  . VAL A 1 83  ? 4.631   -9.704  14.455  1.00 70.86 ? 83  VAL A CA  1 
ATOM   643  C C   . VAL A 1 83  ? 3.175   -10.156 14.430  1.00 76.52 ? 83  VAL A C   1 
ATOM   644  O O   . VAL A 1 83  ? 2.858   -11.349 14.436  1.00 77.67 ? 83  VAL A O   1 
ATOM   645  C CB  . VAL A 1 83  ? 5.571   -10.805 14.982  1.00 88.15 ? 83  VAL A CB  1 
ATOM   646  C CG1 . VAL A 1 83  ? 5.623   -11.985 14.016  1.00 77.06 ? 83  VAL A CG1 1 
ATOM   647  C CG2 . VAL A 1 83  ? 6.980   -10.230 15.188  1.00 63.23 ? 83  VAL A CG2 1 
ATOM   648  N N   . ARG A 1 84  ? 2.291   -9.165  14.436  1.00 79.35 ? 84  ARG A N   1 
ATOM   649  C CA  . ARG A 1 84  ? 0.929   -9.338  13.981  1.00 76.44 ? 84  ARG A CA  1 
ATOM   650  C C   . ARG A 1 84  ? 0.988   -9.167  12.453  1.00 79.36 ? 84  ARG A C   1 
ATOM   651  O O   . ARG A 1 84  ? 0.474   -10.010 11.706  1.00 75.21 ? 84  ARG A O   1 
ATOM   652  C CB  . ARG A 1 84  ? 0.031   -8.285  14.639  1.00 71.28 ? 84  ARG A CB  1 
ATOM   653  C CG  . ARG A 1 84  ? -1.403  -8.710  14.950  1.00 73.08 ? 84  ARG A CG  1 
ATOM   654  C CD  . ARG A 1 84  ? -2.104  -7.616  15.787  1.00 81.36 ? 84  ARG A CD  1 
ATOM   655  N NE  . ARG A 1 84  ? -3.567  -7.715  15.850  1.00 77.38 ? 84  ARG A NE  1 
ATOM   656  C CZ  . ARG A 1 84  ? -4.404  -6.899  15.210  1.00 66.26 ? 84  ARG A CZ  1 
ATOM   657  N NH1 . ARG A 1 84  ? -3.932  -5.930  14.435  1.00 56.69 ? 84  ARG A NH1 1 
ATOM   658  N NH2 . ARG A 1 84  ? -5.719  -7.050  15.329  1.00 54.90 ? 84  ARG A NH2 1 
ATOM   659  N N   . LYS A 1 85  ? 1.679   -8.116  11.992  1.00 58.40 ? 85  LYS A N   1 
ATOM   660  C CA  . LYS A 1 85  ? 1.820   -7.837  10.554  1.00 57.59 ? 85  LYS A CA  1 
ATOM   661  C C   . LYS A 1 85  ? 2.370   -9.022  9.759   1.00 72.67 ? 85  LYS A C   1 
ATOM   662  O O   . LYS A 1 85  ? 2.630   -8.888  8.565   1.00 69.87 ? 85  LYS A O   1 
ATOM   663  C CB  . LYS A 1 85  ? 2.748   -6.631  10.297  1.00 44.33 ? 85  LYS A CB  1 
ATOM   664  C CG  . LYS A 1 85  ? 4.212   -7.017  9.933   1.00 52.54 ? 85  LYS A CG  1 
ATOM   665  C CD  . LYS A 1 85  ? 4.808   -6.217  8.760   1.00 26.73 ? 85  LYS A CD  1 
ATOM   666  C CE  . LYS A 1 85  ? 6.102   -6.878  8.236   1.00 44.69 ? 85  LYS A CE  1 
ATOM   667  N NZ  . LYS A 1 85  ? 5.937   -7.701  6.974   1.00 35.69 ? 85  LYS A NZ  1 
ATOM   668  N N   . ALA A 1 86  ? 2.599   -10.161 10.412  1.00 69.03 ? 86  ALA A N   1 
ATOM   669  C CA  . ALA A 1 86  ? 3.245   -11.284 9.742   1.00 79.57 ? 86  ALA A CA  1 
ATOM   670  C C   . ALA A 1 86  ? 2.408   -12.551 9.792   1.00 62.92 ? 86  ALA A C   1 
ATOM   671  O O   . ALA A 1 86  ? 2.752   -13.545 9.150   1.00 77.08 ? 86  ALA A O   1 
ATOM   672  C CB  . ALA A 1 86  ? 4.620   -11.539 10.349  1.00 97.75 ? 86  ALA A CB  1 
ATOM   673  N N   . GLU A 1 87  ? 1.277   -12.486 10.577  1.00 57.47 ? 87  GLU A N   1 
ATOM   674  C CA  . GLU A 1 87  ? 0.445   -13.681 10.541  1.00 64.95 ? 87  GLU A CA  1 
ATOM   675  C C   . GLU A 1 87  ? -0.189  -13.715 9.147   1.00 67.34 ? 87  GLU A C   1 
ATOM   676  O O   . GLU A 1 87  ? -0.705  -12.700 8.667   1.00 65.41 ? 87  GLU A O   1 
ATOM   677  C CB  . GLU A 1 87  ? -0.618  -13.667 11.641  1.00 62.72 ? 87  GLU A CB  1 
ATOM   678  C CG  . GLU A 1 87  ? -0.266  -14.511 12.857  1.00 61.55 ? 87  GLU A CG  1 
ATOM   679  C CD  . GLU A 1 87  ? -0.522  -13.783 14.164  1.00 85.36 ? 87  GLU A CD  1 
ATOM   680  O OE1 . GLU A 1 87  ? 0.235   -12.843 14.482  1.00 79.56 ? 87  GLU A OE1 1 
ATOM   681  O OE2 . GLU A 1 87  ? -1.483  -14.151 14.871  1.00 91.66 ? 87  GLU A OE2 1 
ATOM   682  N N   . ARG A 1 88  ? -0.146  -14.897 8.511   1.00 50.35 ? 88  ARG A N   1 
ATOM   683  C CA  . ARG A 1 88  ? -0.314  -15.028 7.064   1.00 59.89 ? 88  ARG A CA  1 
ATOM   684  C C   . ARG A 1 88  ? -1.646  -14.482 6.567   1.00 63.36 ? 88  ARG A C   1 
ATOM   685  O O   . ARG A 1 88  ? -1.700  -13.837 5.514   1.00 65.60 ? 88  ARG A O   1 
ATOM   686  C CB  . ARG A 1 88  ? -0.146  -16.493 6.635   1.00 64.28 ? 88  ARG A CB  1 
ATOM   687  C CG  . ARG A 1 88  ? 0.080   -16.693 5.131   1.00 74.13 ? 88  ARG A CG  1 
ATOM   688  C CD  . ARG A 1 88  ? 0.478   -18.136 4.785   1.00 78.67 ? 88  ARG A CD  1 
ATOM   689  N NE  . ARG A 1 88  ? -0.528  -19.115 5.202   1.00 87.96 ? 88  ARG A NE  1 
ATOM   690  C CZ  . ARG A 1 88  ? -0.479  -20.421 4.938   1.00 77.02 ? 88  ARG A CZ  1 
ATOM   691  N NH1 . ARG A 1 88  ? 0.529   -20.936 4.238   1.00 72.69 ? 88  ARG A NH1 1 
ATOM   692  N NH2 . ARG A 1 88  ? -1.452  -21.219 5.367   1.00 69.21 ? 88  ARG A NH2 1 
ATOM   693  N N   . TRP A 1 89  ? -2.716  -14.742 7.313   1.00 41.52 ? 89  TRP A N   1 
ATOM   694  C CA  . TRP A 1 89  ? -4.037  -14.248 6.937   1.00 50.49 ? 89  TRP A CA  1 
ATOM   695  C C   . TRP A 1 89  ? -4.528  -13.208 7.936   1.00 50.49 ? 89  TRP A C   1 
ATOM   696  O O   . TRP A 1 89  ? -5.736  -12.959 8.056   1.00 45.22 ? 89  TRP A O   1 
ATOM   697  C CB  . TRP A 1 89  ? -5.032  -15.408 6.798   1.00 52.46 ? 89  TRP A CB  1 
ATOM   698  C CG  . TRP A 1 89  ? -4.619  -16.361 5.723   1.00 63.72 ? 89  TRP A CG  1 
ATOM   699  C CD1 . TRP A 1 89  ? -4.217  -17.659 5.875   1.00 62.53 ? 89  TRP A CD1 1 
ATOM   700  C CD2 . TRP A 1 89  ? -4.533  -16.076 4.319   1.00 56.35 ? 89  TRP A CD2 1 
ATOM   701  N NE1 . TRP A 1 89  ? -3.896  -18.198 4.653   1.00 60.25 ? 89  TRP A NE1 1 
ATOM   702  C CE2 . TRP A 1 89  ? -4.081  -17.249 3.682   1.00 61.19 ? 89  TRP A CE2 1 
ATOM   703  C CE3 . TRP A 1 89  ? -4.800  -14.943 3.542   1.00 46.90 ? 89  TRP A CE3 1 
ATOM   704  C CZ2 . TRP A 1 89  ? -3.892  -17.321 2.302   1.00 44.88 ? 89  TRP A CZ2 1 
ATOM   705  C CZ3 . TRP A 1 89  ? -4.613  -15.016 2.179   1.00 46.44 ? 89  TRP A CZ3 1 
ATOM   706  C CH2 . TRP A 1 89  ? -4.164  -16.197 1.570   1.00 72.08 ? 89  TRP A CH2 1 
ATOM   707  N N   . GLY A 1 90  ? -3.571  -12.599 8.636   1.00 43.73 ? 90  GLY A N   1 
ATOM   708  C CA  . GLY A 1 90  ? -3.861  -11.577 9.623   1.00 56.21 ? 90  GLY A CA  1 
ATOM   709  C C   . GLY A 1 90  ? -3.949  -12.140 11.030  1.00 55.61 ? 90  GLY A C   1 
ATOM   710  O O   . GLY A 1 90  ? -3.951  -13.361 11.220  1.00 42.40 ? 90  GLY A O   1 
ATOM   711  N N   . PRO A 1 91  ? -4.038  -11.253 12.032  1.00 47.06 ? 91  PRO A N   1 
ATOM   712  C CA  . PRO A 1 91  ? -4.059  -9.788  11.898  1.00 48.08 ? 91  PRO A CA  1 
ATOM   713  C C   . PRO A 1 91  ? -2.752  -9.179  11.377  1.00 46.77 ? 91  PRO A C   1 
ATOM   714  O O   . PRO A 1 91  ? -1.756  -9.894  11.277  1.00 54.17 ? 91  PRO A O   1 
ATOM   715  C CB  . PRO A 1 91  ? -4.332  -9.317  13.330  1.00 48.82 ? 91  PRO A CB  1 
ATOM   716  C CG  . PRO A 1 91  ? -3.934  -10.468 14.201  1.00 50.08 ? 91  PRO A CG  1 
ATOM   717  C CD  . PRO A 1 91  ? -4.289  -11.676 13.418  1.00 48.14 ? 91  PRO A CD  1 
ATOM   718  N N   . ARG A 1 92  ? -2.772  -7.889  11.031  1.00 35.93 ? 92  ARG A N   1 
ATOM   719  C CA  . ARG A 1 92  ? -1.579  -7.189  10.536  1.00 35.26 ? 92  ARG A CA  1 
ATOM   720  C C   . ARG A 1 92  ? -1.438  -5.854  11.262  1.00 38.31 ? 92  ARG A C   1 
ATOM   721  O O   . ARG A 1 92  ? -2.264  -4.970  11.106  1.00 33.50 ? 92  ARG A O   1 
ATOM   722  C CB  . ARG A 1 92  ? -1.670  -6.918  9.023   1.00 32.78 ? 92  ARG A CB  1 
ATOM   723  C CG  . ARG A 1 92  ? -1.896  -8.153  8.130   1.00 36.90 ? 92  ARG A CG  1 
ATOM   724  C CD  . ARG A 1 92  ? -0.786  -9.193  8.212   1.00 44.33 ? 92  ARG A CD  1 
ATOM   725  N NE  . ARG A 1 92  ? 0.397   -8.798  7.450   1.00 41.97 ? 92  ARG A NE  1 
ATOM   726  C CZ  . ARG A 1 92  ? 1.270   -9.646  6.907   1.00 52.40 ? 92  ARG A CZ  1 
ATOM   727  N NH1 . ARG A 1 92  ? 1.119   -10.961 7.046   1.00 56.95 ? 92  ARG A NH1 1 
ATOM   728  N NH2 . ARG A 1 92  ? 2.319   -9.170  6.239   1.00 45.13 ? 92  ARG A NH2 1 
ATOM   729  N N   . THR A 1 93  ? -0.397  -5.692  12.059  1.00 22.18 ? 93  THR A N   1 
ATOM   730  C CA  . THR A 1 93  ? -0.256  -4.457  12.784  1.00 30.82 ? 93  THR A CA  1 
ATOM   731  C C   . THR A 1 93  ? 0.005   -3.323  11.792  1.00 28.25 ? 93  THR A C   1 
ATOM   732  O O   . THR A 1 93  ? -0.610  -2.251  11.879  1.00 24.18 ? 93  THR A O   1 
ATOM   733  C CB  . THR A 1 93  ? 0.834   -4.575  13.841  1.00 18.27 ? 93  THR A CB  1 
ATOM   734  O OG1 . THR A 1 93  ? 0.334   -5.404  14.893  1.00 35.36 ? 93  THR A OG1 1 
ATOM   735  C CG2 . THR A 1 93  ? 1.162   -3.252  14.398  1.00 31.30 ? 93  THR A CG2 1 
ATOM   736  N N   . LEU A 1 94  ? 0.913   -3.552  10.852  1.00 15.17 ? 94  LEU A N   1 
ATOM   737  C CA  . LEU A 1 94  ? 1.184   -2.555  9.835   1.00 9.25  ? 94  LEU A CA  1 
ATOM   738  C C   . LEU A 1 94  ? 2.017   -3.106  8.712   1.00 16.91 ? 94  LEU A C   1 
ATOM   739  O O   . LEU A 1 94  ? 3.175   -3.471  8.909   1.00 14.33 ? 94  LEU A O   1 
ATOM   740  C CB  . LEU A 1 94  ? 1.908   -1.344  10.433  1.00 10.23 ? 94  LEU A CB  1 
ATOM   741  C CG  . LEU A 1 94  ? 2.263   -0.264  9.407   1.00 16.14 ? 94  LEU A CG  1 
ATOM   742  C CD1 . LEU A 1 94  ? 1.002   0.530   9.059   1.00 13.68 ? 94  LEU A CD1 1 
ATOM   743  C CD2 . LEU A 1 94  ? 3.360   0.664   9.902   1.00 18.99 ? 94  LEU A CD2 1 
ATOM   744  N N   . ASP A 1 95  ? 1.427   -3.106  7.516   1.00 11.67 ? 95  ASP A N   1 
ATOM   745  C CA  . ASP A 1 95  ? 2.131   -3.412  6.281   1.00 10.04 ? 95  ASP A CA  1 
ATOM   746  C C   . ASP A 1 95  ? 2.269   -2.189  5.394   1.00 10.98 ? 95  ASP A C   1 
ATOM   747  O O   . ASP A 1 95  ? 1.335   -1.396  5.241   1.00 12.44 ? 95  ASP A O   1 
ATOM   748  C CB  . ASP A 1 95  ? 1.379   -4.479  5.491   1.00 11.60 ? 95  ASP A CB  1 
ATOM   749  C CG  . ASP A 1 95  ? 1.050   -5.688  6.309   1.00 23.21 ? 95  ASP A CG  1 
ATOM   750  O OD1 . ASP A 1 95  ? 1.959   -6.208  6.985   1.00 25.00 ? 95  ASP A OD1 1 
ATOM   751  O OD2 . ASP A 1 95  ? -0.124  -6.110  6.284   1.00 20.23 ? 95  ASP A OD2 1 
ATOM   752  N N   . LEU A 1 96  ? 3.451   -2.044  4.833   1.00 6.35  ? 96  LEU A N   1 
ATOM   753  C CA  . LEU A 1 96  ? 3.760   -1.045  3.829   1.00 9.91  ? 96  LEU A CA  1 
ATOM   754  C C   . LEU A 1 96  ? 4.272   -1.764  2.592   1.00 17.92 ? 96  LEU A C   1 
ATOM   755  O O   . LEU A 1 96  ? 5.345   -2.371  2.626   1.00 15.08 ? 96  LEU A O   1 
ATOM   756  C CB  . LEU A 1 96  ? 4.811   -0.091  4.364   1.00 12.22 ? 96  LEU A CB  1 
ATOM   757  C CG  . LEU A 1 96  ? 4.342   0.736   5.561   1.00 8.24  ? 96  LEU A CG  1 
ATOM   758  C CD1 . LEU A 1 96  ? 5.483   1.554   6.144   1.00 12.92 ? 96  LEU A CD1 1 
ATOM   759  C CD2 . LEU A 1 96  ? 3.193   1.649   5.160   1.00 11.90 ? 96  LEU A CD2 1 
ATOM   760  N N   . ASP A 1 97  ? 3.491   -1.715  1.512   1.00 10.32 ? 97  ASP A N   1 
ATOM   761  C CA  . ASP A 1 97  ? 3.841   -2.391  0.269   1.00 9.98  ? 97  ASP A CA  1 
ATOM   762  C C   . ASP A 1 97  ? 4.099   -1.416  -0.850  1.00 11.98 ? 97  ASP A C   1 
ATOM   763  O O   . ASP A 1 97  ? 3.234   -0.590  -1.162  1.00 16.91 ? 97  ASP A O   1 
ATOM   764  C CB  . ASP A 1 97  ? 2.692   -3.291  -0.140  1.00 11.03 ? 97  ASP A CB  1 
ATOM   765  C CG  . ASP A 1 97  ? 2.816   -4.664  0.431   1.00 24.04 ? 97  ASP A CG  1 
ATOM   766  O OD1 . ASP A 1 97  ? 3.850   -5.299  0.139   1.00 19.65 ? 97  ASP A OD1 1 
ATOM   767  O OD2 . ASP A 1 97  ? 1.895   -5.086  1.162   1.00 28.13 ? 97  ASP A OD2 1 
ATOM   768  N N   . ILE A 1 98  ? 5.271   -1.515  -1.470  1.00 8.87  ? 98  ILE A N   1 
ATOM   769  C CA  . ILE A 1 98  ? 5.589   -0.721  -2.636  1.00 9.62  ? 98  ILE A CA  1 
ATOM   770  C C   . ILE A 1 98  ? 4.843   -1.314  -3.819  1.00 13.75 ? 98  ILE A C   1 
ATOM   771  O O   . ILE A 1 98  ? 5.113   -2.440  -4.239  1.00 12.38 ? 98  ILE A O   1 
ATOM   772  C CB  . ILE A 1 98  ? 7.105   -0.716  -2.906  1.00 11.10 ? 98  ILE A CB  1 
ATOM   773  C CG1 . ILE A 1 98  ? 7.845   -0.195  -1.682  1.00 13.67 ? 98  ILE A CG1 1 
ATOM   774  C CG2 . ILE A 1 98  ? 7.453   0.154   -4.117  1.00 8.56  ? 98  ILE A CG2 1 
ATOM   775  C CD1 . ILE A 1 98  ? 9.332   -0.276  -1.840  1.00 14.35 ? 98  ILE A CD1 1 
ATOM   776  N N   . MET A 1 99  ? 3.858   -0.586  -4.317  1.00 6.07  ? 99  MET A N   1 
ATOM   777  C CA  . MET A 1 99  ? 3.063   -1.060  -5.450  1.00 10.28 ? 99  MET A CA  1 
ATOM   778  C C   . MET A 1 99  ? 3.715   -0.808  -6.784  1.00 14.71 ? 99  MET A C   1 
ATOM   779  O O   . MET A 1 99  ? 3.828   -1.745  -7.610  1.00 12.28 ? 99  MET A O   1 
ATOM   780  C CB  . MET A 1 99  ? 1.659   -0.440  -5.415  1.00 6.83  ? 99  MET A CB  1 
ATOM   781  C CG  . MET A 1 99  ? 0.802   -1.010  -4.327  1.00 7.82  ? 99  MET A CG  1 
ATOM   782  S SD  . MET A 1 99  ? -0.918  -0.453  -4.335  1.00 10.44 ? 99  MET A SD  1 
ATOM   783  C CE  . MET A 1 99  ? -0.699  1.275   -3.932  1.00 11.76 ? 99  MET A CE  1 
ATOM   784  N N   . LEU A 1 100 ? 4.128   0.447   -6.989  1.00 9.08  ? 100 LEU A N   1 
ATOM   785  C CA  . LEU A 1 100 ? 4.820   0.915   -8.179  1.00 5.58  ? 100 LEU A CA  1 
ATOM   786  C C   . LEU A 1 100 ? 5.963   1.809   -7.787  1.00 8.25  ? 100 LEU A C   1 
ATOM   787  O O   . LEU A 1 100 ? 5.886   2.509   -6.776  1.00 9.27  ? 100 LEU A O   1 
ATOM   788  C CB  . LEU A 1 100 ? 3.872   1.720   -9.059  1.00 10.21 ? 100 LEU A CB  1 
ATOM   789  C CG  . LEU A 1 100 ? 2.689   0.838   -9.430  1.00 16.49 ? 100 LEU A CG  1 
ATOM   790  C CD1 . LEU A 1 100 ? 1.409   1.567   -9.526  1.00 22.66 ? 100 LEU A CD1 1 
ATOM   791  C CD2 . LEU A 1 100 ? 3.073   0.203   -10.705 1.00 17.25 ? 100 LEU A CD2 1 
ATOM   792  N N   . PHE A 1 101 ? 7.013   1.782   -8.592  1.00 8.17  ? 101 PHE A N   1 
ATOM   793  C CA  . PHE A 1 101 ? 8.154   2.644   -8.387  1.00 10.54 ? 101 PHE A CA  1 
ATOM   794  C C   . PHE A 1 101 ? 8.488   3.272   -9.713  1.00 11.64 ? 101 PHE A C   1 
ATOM   795  O O   . PHE A 1 101 ? 9.179   2.675   -10.550 1.00 10.35 ? 101 PHE A O   1 
ATOM   796  C CB  . PHE A 1 101 ? 9.351   1.866   -7.831  1.00 12.12 ? 101 PHE A CB  1 
ATOM   797  C CG  . PHE A 1 101 ? 10.496  2.740   -7.435  1.00 7.72  ? 101 PHE A CG  1 
ATOM   798  C CD1 . PHE A 1 101 ? 11.422  3.158   -8.369  1.00 12.51 ? 101 PHE A CD1 1 
ATOM   799  C CD2 . PHE A 1 101 ? 10.616  3.167   -6.118  1.00 9.75  ? 101 PHE A CD2 1 
ATOM   800  C CE1 . PHE A 1 101 ? 12.489  3.962   -7.995  1.00 13.46 ? 101 PHE A CE1 1 
ATOM   801  C CE2 . PHE A 1 101 ? 11.679  3.982   -5.735  1.00 10.19 ? 101 PHE A CE2 1 
ATOM   802  C CZ  . PHE A 1 101 ? 12.603  4.388   -6.673  1.00 14.66 ? 101 PHE A CZ  1 
ATOM   803  N N   . GLY A 1 102 ? 7.978   4.487   -9.913  1.00 11.61 ? 102 GLY A N   1 
ATOM   804  C CA  . GLY A 1 102 ? 8.108   5.137   -11.202 1.00 13.60 ? 102 GLY A CA  1 
ATOM   805  C C   . GLY A 1 102 ? 7.552   4.182   -12.222 1.00 9.48  ? 102 GLY A C   1 
ATOM   806  O O   . GLY A 1 102 ? 6.533   3.547   -11.980 1.00 15.16 ? 102 GLY A O   1 
ATOM   807  N N   . ASN A 1 103 ? 8.251   4.034   -13.327 1.00 7.96  ? 103 ASN A N   1 
ATOM   808  C CA  . ASN A 1 103 ? 7.816   3.140   -14.390 1.00 11.40 ? 103 ASN A CA  1 
ATOM   809  C C   . ASN A 1 103 ? 8.725   1.908   -14.419 1.00 17.69 ? 103 ASN A C   1 
ATOM   810  O O   . ASN A 1 103 ? 8.808   1.201   -15.430 1.00 12.56 ? 103 ASN A O   1 
ATOM   811  C CB  . ASN A 1 103 ? 7.839   3.865   -15.742 1.00 17.26 ? 103 ASN A CB  1 
ATOM   812  C CG  . ASN A 1 103 ? 7.208   3.044   -16.862 1.00 27.03 ? 103 ASN A CG  1 
ATOM   813  O OD1 . ASN A 1 103 ? 6.048   2.629   -16.766 1.00 21.88 ? 103 ASN A OD1 1 
ATOM   814  N ND2 . ASN A 1 103 ? 7.961   2.830   -17.939 1.00 27.12 ? 103 ASN A ND2 1 
ATOM   815  N N   . GLU A 1 104 ? 9.393   1.646   -13.296 1.00 13.09 ? 104 GLU A N   1 
ATOM   816  C CA  . GLU A 1 104 ? 10.352  0.534   -13.241 1.00 13.99 ? 104 GLU A CA  1 
ATOM   817  C C   . GLU A 1 104 ? 9.704   -0.827  -13.047 1.00 8.08  ? 104 GLU A C   1 
ATOM   818  O O   . GLU A 1 104 ? 8.690   -0.977  -12.334 1.00 10.65 ? 104 GLU A O   1 
ATOM   819  C CB  . GLU A 1 104 ? 11.374  0.721   -12.108 1.00 16.41 ? 104 GLU A CB  1 
ATOM   820  C CG  . GLU A 1 104 ? 12.525  1.622   -12.444 1.00 29.63 ? 104 GLU A CG  1 
ATOM   821  C CD  . GLU A 1 104 ? 13.652  1.493   -11.440 1.00 30.19 ? 104 GLU A CD  1 
ATOM   822  O OE1 . GLU A 1 104 ? 14.121  0.352   -11.196 1.00 35.71 ? 104 GLU A OE1 1 
ATOM   823  O OE2 . GLU A 1 104 ? 14.068  2.539   -10.900 1.00 57.17 ? 104 GLU A OE2 1 
ATOM   824  N N   . VAL A 1 105 ? 10.337  -1.824  -13.666 1.00 10.92 ? 105 VAL A N   1 
ATOM   825  C CA  . VAL A 1 105 ? 10.043  -3.213  -13.419 1.00 6.59  ? 105 VAL A CA  1 
ATOM   826  C C   . VAL A 1 105 ? 11.187  -3.845  -12.626 1.00 6.50  ? 105 VAL A C   1 
ATOM   827  O O   . VAL A 1 105 ? 12.340  -3.779  -13.032 1.00 11.27 ? 105 VAL A O   1 
ATOM   828  C CB  . VAL A 1 105 ? 9.886   -4.002  -14.739 1.00 12.73 ? 105 VAL A CB  1 
ATOM   829  C CG1 . VAL A 1 105 ? 9.660   -5.464  -14.441 1.00 16.80 ? 105 VAL A CG1 1 
ATOM   830  C CG2 . VAL A 1 105 ? 8.737   -3.402  -15.568 1.00 14.45 ? 105 VAL A CG2 1 
ATOM   831  N N   . ILE A 1 106 ? 10.860  -4.419  -11.486 1.00 6.38  ? 106 ILE A N   1 
ATOM   832  C CA  . ILE A 1 106 ? 11.894  -4.941  -10.611 1.00 11.85 ? 106 ILE A CA  1 
ATOM   833  C C   . ILE A 1 106 ? 11.546  -6.363  -10.197 1.00 10.39 ? 106 ILE A C   1 
ATOM   834  O O   . ILE A 1 106 ? 10.457  -6.663  -9.691  1.00 9.87  ? 106 ILE A O   1 
ATOM   835  C CB  . ILE A 1 106 ? 12.061  -4.061  -9.354  1.00 10.46 ? 106 ILE A CB  1 
ATOM   836  C CG1 . ILE A 1 106 ? 12.422  -2.617  -9.716  1.00 12.08 ? 106 ILE A CG1 1 
ATOM   837  C CG2 . ILE A 1 106 ? 13.129  -4.648  -8.457  1.00 11.32 ? 106 ILE A CG2 1 
ATOM   838  C CD1 . ILE A 1 106 ? 12.380  -1.689  -8.524  1.00 14.32 ? 106 ILE A CD1 1 
ATOM   839  N N   . ASN A 1 107 ? 12.484  -7.270  -10.408 1.00 8.93  ? 107 ASN A N   1 
ATOM   840  C CA  . ASN A 1 107 ? 12.263  -8.637  -9.990  1.00 9.89  ? 107 ASN A CA  1 
ATOM   841  C C   . ASN A 1 107 ? 13.532  -9.173  -9.373  1.00 20.29 ? 107 ASN A C   1 
ATOM   842  O O   . ASN A 1 107 ? 14.398  -9.741  -10.059 1.00 17.58 ? 107 ASN A O   1 
ATOM   843  C CB  . ASN A 1 107 ? 11.864  -9.504  -11.188 1.00 16.79 ? 107 ASN A CB  1 
ATOM   844  C CG  . ASN A 1 107 ? 10.585  -9.049  -11.834 1.00 18.31 ? 107 ASN A CG  1 
ATOM   845  O OD1 . ASN A 1 107 ? 9.496   -9.253  -11.297 1.00 18.50 ? 107 ASN A OD1 1 
ATOM   846  N ND2 . ASN A 1 107 ? 10.705  -8.470  -13.022 1.00 25.25 ? 107 ASN A ND2 1 
ATOM   847  N N   . THR A 1 108 ? 13.648  -8.980  -8.070  1.00 12.02 ? 108 THR A N   1 
ATOM   848  C CA  . THR A 1 108 ? 14.837  -9.413  -7.361  1.00 12.87 ? 108 THR A CA  1 
ATOM   849  C C   . THR A 1 108 ? 14.403  -10.225 -6.173  1.00 9.59  ? 108 THR A C   1 
ATOM   850  O O   . THR A 1 108 ? 13.215  -10.458 -5.966  1.00 12.37 ? 108 THR A O   1 
ATOM   851  C CB  . THR A 1 108 ? 15.704  -8.249  -6.843  1.00 15.78 ? 108 THR A CB  1 
ATOM   852  O OG1 . THR A 1 108 ? 15.020  -7.586  -5.789  1.00 16.17 ? 108 THR A OG1 1 
ATOM   853  C CG2 . THR A 1 108 ? 16.080  -7.258  -7.945  1.00 16.53 ? 108 THR A CG2 1 
ATOM   854  N N   . GLU A 1 109 ? 15.394  -10.685 -5.397  1.00 19.76 ? 109 GLU A N   1 
ATOM   855  C CA  . GLU A 1 109 ? 15.120  -11.468 -4.195  1.00 17.20 ? 109 GLU A CA  1 
ATOM   856  C C   . GLU A 1 109 ? 14.321  -10.640 -3.200  1.00 10.34 ? 109 GLU A C   1 
ATOM   857  O O   . GLU A 1 109 ? 13.473  -11.167 -2.495  1.00 20.17 ? 109 GLU A O   1 
ATOM   858  C CB  . GLU A 1 109 ? 16.426  -11.953 -3.549  1.00 22.81 ? 109 GLU A CB  1 
ATOM   859  C CG  . GLU A 1 109 ? 17.275  -12.910 -4.431  1.00 25.92 ? 109 GLU A CG  1 
ATOM   860  C CD  . GLU A 1 109 ? 18.394  -12.192 -5.174  1.00 29.17 ? 109 GLU A CD  1 
ATOM   861  O OE1 . GLU A 1 109 ? 18.258  -10.973 -5.389  1.00 24.63 ? 109 GLU A OE1 1 
ATOM   862  O OE2 . GLU A 1 109 ? 19.407  -12.839 -5.539  1.00 25.56 ? 109 GLU A OE2 1 
ATOM   863  N N   . ARG A 1 110 ? 14.589  -9.340  -3.164  1.00 11.04 ? 110 ARG A N   1 
ATOM   864  C CA  . ARG A 1 110 ? 13.944  -8.472  -2.176  1.00 17.00 ? 110 ARG A CA  1 
ATOM   865  C C   . ARG A 1 110 ? 12.661  -7.821  -2.695  1.00 16.74 ? 110 ARG A C   1 
ATOM   866  O O   . ARG A 1 110 ? 11.726  -7.590  -1.919  1.00 13.65 ? 110 ARG A O   1 
ATOM   867  C CB  . ARG A 1 110 ? 14.904  -7.371  -1.718  1.00 13.67 ? 110 ARG A CB  1 
ATOM   868  C CG  . ARG A 1 110 ? 16.054  -7.862  -0.815  1.00 20.24 ? 110 ARG A CG  1 
ATOM   869  C CD  . ARG A 1 110 ? 16.812  -6.684  -0.253  1.00 19.85 ? 110 ARG A CD  1 
ATOM   870  N NE  . ARG A 1 110 ? 16.029  -6.069  0.796   1.00 14.19 ? 110 ARG A NE  1 
ATOM   871  C CZ  . ARG A 1 110 ? 16.259  -4.857  1.287   1.00 14.72 ? 110 ARG A CZ  1 
ATOM   872  N NH1 . ARG A 1 110 ? 17.246  -4.110  0.808   1.00 14.19 ? 110 ARG A NH1 1 
ATOM   873  N NH2 . ARG A 1 110 ? 15.484  -4.393  2.256   1.00 15.33 ? 110 ARG A NH2 1 
ATOM   874  N N   . LEU A 1 111 ? 12.613  -7.546  -4.001  1.00 10.64 ? 111 LEU A N   1 
ATOM   875  C CA  . LEU A 1 111 ? 11.542  -6.701  -4.559  1.00 7.46  ? 111 LEU A CA  1 
ATOM   876  C C   . LEU A 1 111 ? 10.839  -7.294  -5.783  1.00 11.90 ? 111 LEU A C   1 
ATOM   877  O O   . LEU A 1 111 ? 11.481  -7.785  -6.703  1.00 11.65 ? 111 LEU A O   1 
ATOM   878  C CB  . LEU A 1 111 ? 12.120  -5.366  -4.997  1.00 9.01  ? 111 LEU A CB  1 
ATOM   879  C CG  . LEU A 1 111 ? 12.261  -4.269  -3.944  1.00 13.13 ? 111 LEU A CG  1 
ATOM   880  C CD1 . LEU A 1 111 ? 12.993  -3.063  -4.533  1.00 13.22 ? 111 LEU A CD1 1 
ATOM   881  C CD2 . LEU A 1 111 ? 10.891  -3.882  -3.450  1.00 15.21 ? 111 LEU A CD2 1 
ATOM   882  N N   . THR A 1 112 ? 9.519   -7.202  -5.806  1.00 9.91  ? 112 THR A N   1 
ATOM   883  C CA  . THR A 1 112 ? 8.773   -7.478  -7.023  1.00 5.44  ? 112 THR A CA  1 
ATOM   884  C C   . THR A 1 112 ? 7.926   -6.241  -7.281  1.00 6.32  ? 112 THR A C   1 
ATOM   885  O O   . THR A 1 112 ? 7.035   -5.950  -6.505  1.00 8.40  ? 112 THR A O   1 
ATOM   886  C CB  . THR A 1 112 ? 7.868   -8.680  -6.891  1.00 15.66 ? 112 THR A CB  1 
ATOM   887  O OG1 . THR A 1 112 ? 8.659   -9.857  -6.673  1.00 17.11 ? 112 THR A OG1 1 
ATOM   888  C CG2 . THR A 1 112 ? 7.083   -8.867  -8.149  1.00 13.25 ? 112 THR A CG2 1 
ATOM   889  N N   . VAL A 1 113 ? 8.248   -5.527  -8.353  1.00 8.48  ? 113 VAL A N   1 
ATOM   890  C CA  . VAL A 1 113 ? 7.519   -4.313  -8.709  1.00 7.87  ? 113 VAL A CA  1 
ATOM   891  C C   . VAL A 1 113 ? 7.200   -4.412  -10.193 1.00 11.81 ? 113 VAL A C   1 
ATOM   892  O O   . VAL A 1 113 ? 8.084   -4.695  -11.009 1.00 9.17  ? 113 VAL A O   1 
ATOM   893  C CB  . VAL A 1 113 ? 8.361   -3.048  -8.467  1.00 10.20 ? 113 VAL A CB  1 
ATOM   894  C CG1 . VAL A 1 113 ? 7.609   -1.807  -8.989  1.00 10.57 ? 113 VAL A CG1 1 
ATOM   895  C CG2 . VAL A 1 113 ? 8.691   -2.936  -6.993  1.00 7.97  ? 113 VAL A CG2 1 
ATOM   896  N N   . PRO A 1 114 ? 5.939   -4.189  -10.558 1.00 10.57 ? 114 PRO A N   1 
ATOM   897  C CA  . PRO A 1 114 ? 4.779   -3.941  -9.712  1.00 9.80  ? 114 PRO A CA  1 
ATOM   898  C C   . PRO A 1 114 ? 4.527   -5.058  -8.721  1.00 11.73 ? 114 PRO A C   1 
ATOM   899  O O   . PRO A 1 114 ? 4.915   -6.218  -8.942  1.00 12.23 ? 114 PRO A O   1 
ATOM   900  C CB  . PRO A 1 114 ? 3.619   -3.845  -10.740 1.00 10.11 ? 114 PRO A CB  1 
ATOM   901  C CG  . PRO A 1 114 ? 4.259   -3.389  -11.973 1.00 6.81  ? 114 PRO A CG  1 
ATOM   902  C CD  . PRO A 1 114 ? 5.637   -3.991  -11.987 1.00 15.10 ? 114 PRO A CD  1 
ATOM   903  N N   . HIS A 1 115 ? 3.878   -4.713  -7.618  1.00 5.96  ? 115 HIS A N   1 
ATOM   904  C CA  . HIS A 1 115 ? 3.587   -5.624  -6.530  1.00 7.72  ? 115 HIS A CA  1 
ATOM   905  C C   . HIS A 1 115 ? 2.958   -6.931  -7.020  1.00 10.20 ? 115 HIS A C   1 
ATOM   906  O O   . HIS A 1 115 ? 2.093   -6.929  -7.895  1.00 9.08  ? 115 HIS A O   1 
ATOM   907  C CB  . HIS A 1 115 ? 2.662   -4.930  -5.513  1.00 6.63  ? 115 HIS A CB  1 
ATOM   908  C CG  . HIS A 1 115 ? 2.235   -5.789  -4.368  1.00 10.59 ? 115 HIS A CG  1 
ATOM   909  N ND1 . HIS A 1 115 ? 1.180   -6.678  -4.446  1.00 8.27  ? 115 HIS A ND1 1 
ATOM   910  C CD2 . HIS A 1 115 ? 2.682   -5.859  -3.092  1.00 7.38  ? 115 HIS A CD2 1 
ATOM   911  C CE1 . HIS A 1 115 ? 1.009   -7.267  -3.281  1.00 12.11 ? 115 HIS A CE1 1 
ATOM   912  N NE2 . HIS A 1 115 ? 1.906   -6.782  -2.435  1.00 10.56 ? 115 HIS A NE2 1 
ATOM   913  N N   . TYR A 1 116 ? 3.382   -8.022  -6.385  1.00 10.94 ? 116 TYR A N   1 
ATOM   914  C CA  . TYR A 1 116 ? 3.150   -9.389  -6.872  1.00 14.08 ? 116 TYR A CA  1 
ATOM   915  C C   . TYR A 1 116 ? 1.679   -9.817  -6.963  1.00 14.98 ? 116 TYR A C   1 
ATOM   916  O O   . TYR A 1 116 ? 1.335   -10.676 -7.773  1.00 15.35 ? 116 TYR A O   1 
ATOM   917  C CB  . TYR A 1 116 ? 3.941   -10.406 -6.002  1.00 14.25 ? 116 TYR A CB  1 
ATOM   918  C CG  . TYR A 1 116 ? 3.240   -10.833 -4.715  1.00 12.41 ? 116 TYR A CG  1 
ATOM   919  C CD1 . TYR A 1 116 ? 3.152   -9.977  -3.619  1.00 15.06 ? 116 TYR A CD1 1 
ATOM   920  C CD2 . TYR A 1 116 ? 2.687   -12.098 -4.583  1.00 15.40 ? 116 TYR A CD2 1 
ATOM   921  C CE1 . TYR A 1 116 ? 2.509   -10.354 -2.460  1.00 19.42 ? 116 TYR A CE1 1 
ATOM   922  C CE2 . TYR A 1 116 ? 2.055   -12.492 -3.403  1.00 15.41 ? 116 TYR A CE2 1 
ATOM   923  C CZ  . TYR A 1 116 ? 1.969   -11.610 -2.348  1.00 18.24 ? 116 TYR A CZ  1 
ATOM   924  O OH  . TYR A 1 116 ? 1.342   -11.971 -1.168  1.00 16.38 ? 116 TYR A OH  1 
ATOM   925  N N   . ASP A 1 117 ? 0.800   -9.240  -6.150  1.00 8.41  ? 117 ASP A N   1 
ATOM   926  C CA  . ASP A 1 117 ? -0.586  -9.675  -6.145  1.00 6.55  ? 117 ASP A CA  1 
ATOM   927  C C   . ASP A 1 117 ? -1.601  -8.516  -6.198  1.00 6.80  ? 117 ASP A C   1 
ATOM   928  O O   . ASP A 1 117 ? -2.779  -8.744  -5.976  1.00 8.74  ? 117 ASP A O   1 
ATOM   929  C CB  . ASP A 1 117 ? -0.826  -10.548 -4.921  1.00 9.12  ? 117 ASP A CB  1 
ATOM   930  C CG  . ASP A 1 117 ? -2.023  -11.459 -5.059  1.00 12.24 ? 117 ASP A CG  1 
ATOM   931  O OD1 . ASP A 1 117 ? -2.185  -12.068 -6.151  1.00 11.17 ? 117 ASP A OD1 1 
ATOM   932  O OD2 . ASP A 1 117 ? -2.800  -11.539 -4.073  1.00 14.81 ? 117 ASP A OD2 1 
ATOM   933  N N   . MET A 1 118 ? -1.138  -7.287  -6.436  1.00 6.03  ? 118 MET A N   1 
ATOM   934  C CA  . MET A 1 118 ? -2.052  -6.128  -6.321  1.00 5.52  ? 118 MET A CA  1 
ATOM   935  C C   . MET A 1 118 ? -3.206  -6.240  -7.308  1.00 11.28 ? 118 MET A C   1 
ATOM   936  O O   . MET A 1 118 ? -4.319  -5.805  -7.015  1.00 7.43  ? 118 MET A O   1 
ATOM   937  C CB  . MET A 1 118 ? -1.333  -4.799  -6.499  1.00 8.63  ? 118 MET A CB  1 
ATOM   938  C CG  . MET A 1 118 ? -0.680  -4.580  -7.849  1.00 8.06  ? 118 MET A CG  1 
ATOM   939  S SD  . MET A 1 118 ? 0.296   -3.055  -7.957  1.00 9.82  ? 118 MET A SD  1 
ATOM   940  C CE  . MET A 1 118 ? -1.026  -1.843  -8.017  1.00 9.47  ? 118 MET A CE  1 
ATOM   941  N N   . LYS A 1 119 ? -2.976  -6.894  -8.439  1.00 11.41 ? 119 LYS A N   1 
ATOM   942  C CA  A LYS A 1 119 ? -4.025  -7.019  -9.448  0.46 9.44  ? 119 LYS A CA  1 
ATOM   943  C CA  B LYS A 1 119 ? -4.032  -7.009  -9.439  0.54 9.41  ? 119 LYS A CA  1 
ATOM   944  C C   . LYS A 1 119 ? -5.204  -7.901  -9.006  1.00 8.53  ? 119 LYS A C   1 
ATOM   945  O O   . LYS A 1 119 ? -6.294  -7.900  -9.659  1.00 8.60  ? 119 LYS A O   1 
ATOM   946  C CB  A LYS A 1 119 ? -3.417  -7.512  -10.768 0.46 17.20 ? 119 LYS A CB  1 
ATOM   947  C CB  B LYS A 1 119 ? -3.433  -7.397  -10.787 0.54 17.21 ? 119 LYS A CB  1 
ATOM   948  C CG  A LYS A 1 119 ? -2.612  -6.432  -11.514 0.46 18.66 ? 119 LYS A CG  1 
ATOM   949  C CG  B LYS A 1 119 ? -2.589  -6.244  -11.344 0.54 18.18 ? 119 LYS A CG  1 
ATOM   950  C CD  A LYS A 1 119 ? -1.429  -6.991  -12.335 0.46 32.00 ? 119 LYS A CD  1 
ATOM   951  C CD  B LYS A 1 119 ? -1.938  -6.523  -12.692 0.54 27.24 ? 119 LYS A CD  1 
ATOM   952  C CE  A LYS A 1 119 ? -1.890  -7.748  -13.577 0.46 33.00 ? 119 LYS A CE  1 
ATOM   953  C CE  B LYS A 1 119 ? -0.839  -5.501  -12.976 0.54 25.79 ? 119 LYS A CE  1 
ATOM   954  N NZ  A LYS A 1 119 ? -0.760  -8.368  -14.362 0.46 18.88 ? 119 LYS A NZ  1 
ATOM   955  N NZ  B LYS A 1 119 ? 0.424   -5.791  -12.231 0.54 25.20 ? 119 LYS A NZ  1 
ATOM   956  N N   . ASN A 1 120 ? -5.013  -8.650  -7.914  1.00 6.06  ? 120 ASN A N   1 
ATOM   957  C CA  . ASN A 1 120 ? -6.049  -9.504  -7.319  1.00 7.91  ? 120 ASN A CA  1 
ATOM   958  C C   . ASN A 1 120 ? -6.700  -8.921  -6.066  1.00 8.66  ? 120 ASN A C   1 
ATOM   959  O O   . ASN A 1 120 ? -7.578  -9.559  -5.457  1.00 10.64 ? 120 ASN A O   1 
ATOM   960  C CB  . ASN A 1 120 ? -5.468  -10.868 -6.938  1.00 5.69  ? 120 ASN A CB  1 
ATOM   961  C CG  . ASN A 1 120 ? -5.223  -11.724 -8.134  1.00 10.26 ? 120 ASN A CG  1 
ATOM   962  O OD1 . ASN A 1 120 ? -6.121  -11.894 -8.943  1.00 9.79  ? 120 ASN A OD1 1 
ATOM   963  N ND2 . ASN A 1 120 ? -3.999  -12.228 -8.294  1.00 9.93  ? 120 ASN A ND2 1 
ATOM   964  N N   . ARG A 1 121 ? -6.259  -7.718  -5.677  1.00 10.75 ? 121 ARG A N   1 
ATOM   965  C CA  . ARG A 1 121 ? -6.621  -7.159  -4.380  1.00 12.29 ? 121 ARG A CA  1 
ATOM   966  C C   . ARG A 1 121 ? -7.317  -5.813  -4.535  1.00 7.84  ? 121 ARG A C   1 
ATOM   967  O O   . ARG A 1 121 ? -6.675  -4.785  -4.732  1.00 8.20  ? 121 ARG A O   1 
ATOM   968  C CB  . ARG A 1 121 ? -5.357  -6.993  -3.541  1.00 13.12 ? 121 ARG A CB  1 
ATOM   969  C CG  . ARG A 1 121 ? -4.706  -8.324  -3.248  1.00 12.02 ? 121 ARG A CG  1 
ATOM   970  C CD  . ARG A 1 121 ? -3.435  -8.174  -2.456  1.00 13.01 ? 121 ARG A CD  1 
ATOM   971  N NE  . ARG A 1 121 ? -2.877  -9.490  -2.204  1.00 13.51 ? 121 ARG A NE  1 
ATOM   972  C CZ  . ARG A 1 121 ? -2.082  -9.821  -1.189  1.00 23.19 ? 121 ARG A CZ  1 
ATOM   973  N NH1 . ARG A 1 121 ? -1.698  -8.927  -0.293  1.00 22.46 ? 121 ARG A NH1 1 
ATOM   974  N NH2 . ARG A 1 121 ? -1.662  -11.070 -1.088  1.00 28.52 ? 121 ARG A NH2 1 
ATOM   975  N N   . GLY A 1 122 ? -8.632  -5.825  -4.448  1.00 9.47  ? 122 GLY A N   1 
ATOM   976  C CA  . GLY A 1 122 ? -9.379  -4.586  -4.604  1.00 8.29  ? 122 GLY A CA  1 
ATOM   977  C C   . GLY A 1 122 ? -9.016  -3.580  -3.534  1.00 9.00  ? 122 GLY A C   1 
ATOM   978  O O   . GLY A 1 122 ? -9.107  -2.393  -3.756  1.00 8.98  ? 122 GLY A O   1 
ATOM   979  N N   . PHE A 1 123 ? -8.597  -4.056  -2.378  1.00 9.38  ? 123 PHE A N   1 
ATOM   980  C CA  . PHE A 1 123 ? -8.210  -3.148  -1.279  1.00 12.35 ? 123 PHE A CA  1 
ATOM   981  C C   . PHE A 1 123 ? -6.905  -2.398  -1.547  1.00 9.73  ? 123 PHE A C   1 
ATOM   982  O O   . PHE A 1 123 ? -6.600  -1.424  -0.868  1.00 11.32 ? 123 PHE A O   1 
ATOM   983  C CB  . PHE A 1 123 ? -8.208  -3.864  0.074   1.00 10.92 ? 123 PHE A CB  1 
ATOM   984  C CG  . PHE A 1 123 ? -7.262  -5.038  0.174   1.00 10.82 ? 123 PHE A CG  1 
ATOM   985  C CD1 . PHE A 1 123 ? -5.924  -4.853  0.409   1.00 12.90 ? 123 PHE A CD1 1 
ATOM   986  C CD2 . PHE A 1 123 ? -7.754  -6.320  0.137   1.00 14.21 ? 123 PHE A CD2 1 
ATOM   987  C CE1 . PHE A 1 123 ? -5.061  -5.929  0.535   1.00 17.03 ? 123 PHE A CE1 1 
ATOM   988  C CE2 . PHE A 1 123 ? -6.895  -7.403  0.254   1.00 24.30 ? 123 PHE A CE2 1 
ATOM   989  C CZ  . PHE A 1 123 ? -5.553  -7.194  0.460   1.00 13.51 ? 123 PHE A CZ  1 
ATOM   990  N N   . MET A 1 124 ? -6.128  -2.848  -2.543  1.00 7.05  ? 124 MET A N   1 
ATOM   991  C CA  . MET A 1 124 ? -4.958  -2.109  -3.001  1.00 8.28  ? 124 MET A CA  1 
ATOM   992  C C   . MET A 1 124 ? -5.307  -1.273  -4.220  1.00 11.75 ? 124 MET A C   1 
ATOM   993  O O   . MET A 1 124 ? -4.831  -0.155  -4.362  1.00 8.74  ? 124 MET A O   1 
ATOM   994  C CB  . MET A 1 124 ? -3.794  -3.051  -3.362  1.00 11.60 ? 124 MET A CB  1 
ATOM   995  C CG  . MET A 1 124 ? -3.328  -3.855  -2.217  1.00 5.71  ? 124 MET A CG  1 
ATOM   996  S SD  . MET A 1 124 ? -1.941  -4.965  -2.619  1.00 10.33 ? 124 MET A SD  1 
ATOM   997  C CE  . MET A 1 124 ? -0.568  -3.870  -2.392  1.00 13.70 ? 124 MET A CE  1 
ATOM   998  N N   . LEU A 1 125 ? -6.113  -1.837  -5.123  1.00 6.20  ? 125 LEU A N   1 
ATOM   999  C CA  . LEU A 1 125 ? -6.433  -1.151  -6.380  1.00 7.59  ? 125 LEU A CA  1 
ATOM   1000 C C   . LEU A 1 125 ? -7.350  0.067   -6.224  1.00 5.54  ? 125 LEU A C   1 
ATOM   1001 O O   . LEU A 1 125 ? -7.104  1.108   -6.844  1.00 8.77  ? 125 LEU A O   1 
ATOM   1002 C CB  . LEU A 1 125 ? -7.076  -2.107  -7.380  1.00 6.94  ? 125 LEU A CB  1 
ATOM   1003 C CG  . LEU A 1 125 ? -6.259  -3.350  -7.739  1.00 6.86  ? 125 LEU A CG  1 
ATOM   1004 C CD1 . LEU A 1 125 ? -7.016  -4.176  -8.744  1.00 11.70 ? 125 LEU A CD1 1 
ATOM   1005 C CD2 . LEU A 1 125 ? -4.930  -2.959  -8.307  1.00 9.22  ? 125 LEU A CD2 1 
ATOM   1006 N N   . TRP A 1 126 ? -8.388  -0.051  -5.421  1.00 6.80  ? 126 TRP A N   1 
ATOM   1007 C CA  . TRP A 1 126 ? -9.363  1.057   -5.315  1.00 6.62  ? 126 TRP A CA  1 
ATOM   1008 C C   . TRP A 1 126 ? -8.747  2.296   -4.667  1.00 8.14  ? 126 TRP A C   1 
ATOM   1009 O O   . TRP A 1 126 ? -8.957  3.399   -5.132  1.00 9.21  ? 126 TRP A O   1 
ATOM   1010 C CB  . TRP A 1 126 ? -10.612 0.634   -4.568  1.00 11.66 ? 126 TRP A CB  1 
ATOM   1011 C CG  . TRP A 1 126 ? -11.648 -0.014  -5.432  1.00 11.58 ? 126 TRP A CG  1 
ATOM   1012 C CD1 . TRP A 1 126 ? -12.093 -1.302  -5.343  1.00 10.51 ? 126 TRP A CD1 1 
ATOM   1013 C CD2 . TRP A 1 126 ? -12.382 0.589   -6.506  1.00 9.98  ? 126 TRP A CD2 1 
ATOM   1014 N NE1 . TRP A 1 126 ? -13.065 -1.539  -6.293  1.00 9.71  ? 126 TRP A NE1 1 
ATOM   1015 C CE2 . TRP A 1 126 ? -13.269 -0.387  -7.013  1.00 11.72 ? 126 TRP A CE2 1 
ATOM   1016 C CE3 . TRP A 1 126 ? -12.387 1.858   -7.080  1.00 18.33 ? 126 TRP A CE3 1 
ATOM   1017 C CZ2 . TRP A 1 126 ? -14.128 -0.141  -8.076  1.00 16.77 ? 126 TRP A CZ2 1 
ATOM   1018 C CZ3 . TRP A 1 126 ? -13.266 2.110   -8.132  1.00 18.68 ? 126 TRP A CZ3 1 
ATOM   1019 C CH2 . TRP A 1 126 ? -14.107 1.114   -8.620  1.00 13.26 ? 126 TRP A CH2 1 
ATOM   1020 N N   . PRO A 1 127 ? -7.932  2.126   -3.614  1.00 8.09  ? 127 PRO A N   1 
ATOM   1021 C CA  . PRO A 1 127 ? -7.377  3.386   -3.086  1.00 7.67  ? 127 PRO A CA  1 
ATOM   1022 C C   . PRO A 1 127 ? -6.398  4.003   -4.037  1.00 8.60  ? 127 PRO A C   1 
ATOM   1023 O O   . PRO A 1 127 ? -6.327  5.233   -4.156  1.00 8.13  ? 127 PRO A O   1 
ATOM   1024 C CB  . PRO A 1 127 ? -6.732  2.963   -1.746  1.00 7.70  ? 127 PRO A CB  1 
ATOM   1025 C CG  . PRO A 1 127 ? -7.492  1.751   -1.334  1.00 9.67  ? 127 PRO A CG  1 
ATOM   1026 C CD  . PRO A 1 127 ? -7.797  1.018   -2.656  1.00 7.61  ? 127 PRO A CD  1 
ATOM   1027 N N   . LEU A 1 128 ? -5.672  3.168   -4.782  1.00 7.03  ? 128 LEU A N   1 
ATOM   1028 C CA  . LEU A 1 128 ? -4.757  3.678   -5.774  1.00 7.32  ? 128 LEU A CA  1 
ATOM   1029 C C   . LEU A 1 128 ? -5.519  4.439   -6.882  1.00 8.54  ? 128 LEU A C   1 
ATOM   1030 O O   . LEU A 1 128 ? -5.078  5.492   -7.348  1.00 7.93  ? 128 LEU A O   1 
ATOM   1031 C CB  . LEU A 1 128 ? -3.943  2.521   -6.386  1.00 5.41  ? 128 LEU A CB  1 
ATOM   1032 C CG  . LEU A 1 128 ? -2.884  2.908   -7.406  1.00 7.12  ? 128 LEU A CG  1 
ATOM   1033 C CD1 . LEU A 1 128 ? -1.883  3.926   -6.844  1.00 8.66  ? 128 LEU A CD1 1 
ATOM   1034 C CD2 . LEU A 1 128 ? -2.131  1.666   -7.921  1.00 7.56  ? 128 LEU A CD2 1 
ATOM   1035 N N   . PHE A 1 129 ? -6.633  3.874   -7.324  1.00 7.59  ? 129 PHE A N   1 
ATOM   1036 C CA  . PHE A 1 129 ? -7.432  4.484   -8.385  1.00 6.39  ? 129 PHE A CA  1 
ATOM   1037 C C   . PHE A 1 129 ? -7.988  5.847   -7.940  1.00 9.36  ? 129 PHE A C   1 
ATOM   1038 O O   . PHE A 1 129 ? -8.214  6.719   -8.760  1.00 8.65  ? 129 PHE A O   1 
ATOM   1039 C CB  . PHE A 1 129 ? -8.577  3.548   -8.751  1.00 7.21  ? 129 PHE A CB  1 
ATOM   1040 C CG  . PHE A 1 129 ? -9.528  4.091   -9.792  1.00 6.75  ? 129 PHE A CG  1 
ATOM   1041 C CD1 . PHE A 1 129 ? -9.160  4.172   -11.133 1.00 10.79 ? 129 PHE A CD1 1 
ATOM   1042 C CD2 . PHE A 1 129 ? -10.806 4.455   -9.435  1.00 10.46 ? 129 PHE A CD2 1 
ATOM   1043 C CE1 . PHE A 1 129 ? -10.060 4.634   -12.083 1.00 9.22  ? 129 PHE A CE1 1 
ATOM   1044 C CE2 . PHE A 1 129 ? -11.703 4.929   -10.387 1.00 8.83  ? 129 PHE A CE2 1 
ATOM   1045 C CZ  . PHE A 1 129 ? -11.321 5.011   -11.697 1.00 8.48  ? 129 PHE A CZ  1 
ATOM   1046 N N   . GLU A 1 130 ? -8.214  6.024   -6.642  1.00 10.82 ? 130 GLU A N   1 
ATOM   1047 C CA  . GLU A 1 130 ? -8.664  7.329   -6.135  1.00 11.39 ? 130 GLU A CA  1 
ATOM   1048 C C   . GLU A 1 130 ? -7.620  8.398   -6.413  1.00 8.92  ? 130 GLU A C   1 
ATOM   1049 O O   . GLU A 1 130 ? -7.957  9.513   -6.832  1.00 10.85 ? 130 GLU A O   1 
ATOM   1050 C CB  . GLU A 1 130 ? -8.975  7.258   -4.639  1.00 8.93  ? 130 GLU A CB  1 
ATOM   1051 C CG  . GLU A 1 130 ? -9.461  8.590   -4.075  1.00 15.11 ? 130 GLU A CG  1 
ATOM   1052 C CD  . GLU A 1 130 ? -9.572  8.583   -2.541  1.00 24.08 ? 130 GLU A CD  1 
ATOM   1053 O OE1 . GLU A 1 130 ? -9.288  7.542   -1.907  1.00 14.90 ? 130 GLU A OE1 1 
ATOM   1054 O OE2 . GLU A 1 130 ? -9.959  9.617   -1.967  1.00 27.57 ? 130 GLU A OE2 1 
ATOM   1055 N N   . ILE A 1 131 ? -6.340  8.080   -6.203  1.00 8.19  ? 131 ILE A N   1 
ATOM   1056 C CA  . ILE A 1 131 ? -5.304  9.095   -6.323  1.00 7.74  ? 131 ILE A CA  1 
ATOM   1057 C C   . ILE A 1 131 ? -4.612  9.117   -7.650  1.00 6.92  ? 131 ILE A C   1 
ATOM   1058 O O   . ILE A 1 131 ? -3.884  10.050  -7.965  1.00 9.78  ? 131 ILE A O   1 
ATOM   1059 C CB  . ILE A 1 131 ? -4.253  9.002   -5.172  1.00 11.33 ? 131 ILE A CB  1 
ATOM   1060 C CG1 . ILE A 1 131 ? -3.485  7.684   -5.234  1.00 12.07 ? 131 ILE A CG1 1 
ATOM   1061 C CG2 . ILE A 1 131 ? -4.941  9.201   -3.823  1.00 11.35 ? 131 ILE A CG2 1 
ATOM   1062 C CD1 . ILE A 1 131 ? -2.330  7.604   -4.171  1.00 17.76 ? 131 ILE A CD1 1 
ATOM   1063 N N   . ALA A 1 132 ? -4.853  8.091   -8.478  1.00 8.72  ? 132 ALA A N   1 
ATOM   1064 C CA  . ALA A 1 132 ? -4.162  7.980   -9.757  1.00 8.11  ? 132 ALA A CA  1 
ATOM   1065 C C   . ALA A 1 132 ? -5.052  7.231   -10.749 1.00 13.03 ? 132 ALA A C   1 
ATOM   1066 O O   . ALA A 1 132 ? -4.695  6.148   -11.238 1.00 8.58  ? 132 ALA A O   1 
ATOM   1067 C CB  . ALA A 1 132 ? -2.823  7.247   -9.601  1.00 11.89 ? 132 ALA A CB  1 
ATOM   1068 N N   . PRO A 1 133 ? -6.216  7.811   -11.063 1.00 10.65 ? 133 PRO A N   1 
ATOM   1069 C CA  . PRO A 1 133 ? -7.153  7.063   -11.912 1.00 10.83 ? 133 PRO A CA  1 
ATOM   1070 C C   . PRO A 1 133 ? -6.633  6.809   -13.327 1.00 8.28  ? 133 PRO A C   1 
ATOM   1071 O O   . PRO A 1 133 ? -7.121  5.858   -13.968 1.00 13.55 ? 133 PRO A O   1 
ATOM   1072 C CB  . PRO A 1 133 ? -8.419  7.948   -11.906 1.00 13.38 ? 133 PRO A CB  1 
ATOM   1073 C CG  . PRO A 1 133 ? -7.927  9.312   -11.600 1.00 10.56 ? 133 PRO A CG  1 
ATOM   1074 C CD  . PRO A 1 133 ? -6.761  9.118   -10.653 1.00 9.71  ? 133 PRO A CD  1 
ATOM   1075 N N   . GLU A 1 134 ? -5.665  7.589   -13.802 1.00 8.92  ? 134 GLU A N   1 
ATOM   1076 C CA  . GLU A 1 134 ? -5.152  7.417   -15.160 1.00 14.84 ? 134 GLU A CA  1 
ATOM   1077 C C   . GLU A 1 134 ? -3.919  6.540   -15.193 1.00 9.01  ? 134 GLU A C   1 
ATOM   1078 O O   . GLU A 1 134 ? -3.245  6.482   -16.200 1.00 9.76  ? 134 GLU A O   1 
ATOM   1079 C CB  . GLU A 1 134 ? -4.779  8.757   -15.793 1.00 18.57 ? 134 GLU A CB  1 
ATOM   1080 C CG  . GLU A 1 134 ? -5.796  9.882   -15.558 1.00 30.21 ? 134 GLU A CG  1 
ATOM   1081 C CD  . GLU A 1 134 ? -7.136  9.612   -16.203 1.00 41.10 ? 134 GLU A CD  1 
ATOM   1082 O OE1 . GLU A 1 134 ? -7.171  8.891   -17.223 1.00 44.02 ? 134 GLU A OE1 1 
ATOM   1083 O OE2 . GLU A 1 134 ? -8.157  10.126  -15.693 1.00 41.28 ? 134 GLU A OE2 1 
ATOM   1084 N N   . LEU A 1 135 ? -3.603  5.890   -14.071 1.00 9.49  ? 135 LEU A N   1 
ATOM   1085 C CA  . LEU A 1 135 ? -2.345  5.162   -13.967 1.00 9.55  ? 135 LEU A CA  1 
ATOM   1086 C C   . LEU A 1 135 ? -2.219  4.059   -15.028 1.00 8.24  ? 135 LEU A C   1 
ATOM   1087 O O   . LEU A 1 135 ? -3.162  3.304   -15.240 1.00 8.71  ? 135 LEU A O   1 
ATOM   1088 C CB  . LEU A 1 135 ? -2.218  4.545   -12.580 1.00 9.62  ? 135 LEU A CB  1 
ATOM   1089 C CG  . LEU A 1 135 ? -0.866  3.934   -12.212 1.00 15.73 ? 135 LEU A CG  1 
ATOM   1090 C CD1 . LEU A 1 135 ? -0.521  4.234   -10.770 1.00 18.69 ? 135 LEU A CD1 1 
ATOM   1091 C CD2 . LEU A 1 135 ? -0.939  2.447   -12.407 1.00 16.02 ? 135 LEU A CD2 1 
ATOM   1092 N N   . VAL A 1 136 ? -1.042  4.004   -15.657 1.00 8.45  ? 136 VAL A N   1 
ATOM   1093 C CA  . VAL A 1 136 ? -0.662  2.943   -16.606 1.00 8.36  ? 136 VAL A CA  1 
ATOM   1094 C C   . VAL A 1 136 ? 0.549   2.216   -16.049 1.00 15.29 ? 136 VAL A C   1 
ATOM   1095 O O   . VAL A 1 136 ? 1.527   2.844   -15.637 1.00 13.87 ? 136 VAL A O   1 
ATOM   1096 C CB  . VAL A 1 136 ? -0.319  3.534   -17.992 1.00 11.66 ? 136 VAL A CB  1 
ATOM   1097 C CG1 . VAL A 1 136 ? 0.117   2.456   -18.966 1.00 14.65 ? 136 VAL A CG1 1 
ATOM   1098 C CG2 . VAL A 1 136 ? -1.534  4.279   -18.565 1.00 14.79 ? 136 VAL A CG2 1 
ATOM   1099 N N   . PHE A 1 137 ? 0.473   0.886   -16.000 1.00 10.70 ? 137 PHE A N   1 
ATOM   1100 C CA  . PHE A 1 137 ? 1.600   0.100   -15.497 1.00 10.71 ? 137 PHE A CA  1 
ATOM   1101 C C   . PHE A 1 137 ? 2.737   0.019   -16.506 1.00 16.15 ? 137 PHE A C   1 
ATOM   1102 O O   . PHE A 1 137 ? 2.581   0.383   -17.681 1.00 13.84 ? 137 PHE A O   1 
ATOM   1103 C CB  . PHE A 1 137 ? 1.149   -1.298  -15.134 1.00 9.56  ? 137 PHE A CB  1 
ATOM   1104 C CG  . PHE A 1 137 ? 0.231   -1.356  -13.974 1.00 10.28 ? 137 PHE A CG  1 
ATOM   1105 C CD1 . PHE A 1 137 ? -1.122  -1.130  -14.134 1.00 12.04 ? 137 PHE A CD1 1 
ATOM   1106 C CD2 . PHE A 1 137 ? 0.696   -1.675  -12.712 1.00 18.03 ? 137 PHE A CD2 1 
ATOM   1107 C CE1 . PHE A 1 137 ? -2.003  -1.200  -13.051 1.00 16.09 ? 137 PHE A CE1 1 
ATOM   1108 C CE2 . PHE A 1 137 ? -0.207  -1.737  -11.612 1.00 13.76 ? 137 PHE A CE2 1 
ATOM   1109 C CZ  . PHE A 1 137 ? -1.543  -1.508  -11.799 1.00 19.31 ? 137 PHE A CZ  1 
ATOM   1110 N N   . PRO A 1 138 ? 3.911   -0.463  -16.057 1.00 10.77 ? 138 PRO A N   1 
ATOM   1111 C CA  . PRO A 1 138 ? 5.016   -0.424  -16.994 1.00 11.22 ? 138 PRO A CA  1 
ATOM   1112 C C   . PRO A 1 138 ? 4.733   -1.230  -18.246 1.00 9.81  ? 138 PRO A C   1 
ATOM   1113 O O   . PRO A 1 138 ? 5.236   -0.854  -19.300 1.00 13.45 ? 138 PRO A O   1 
ATOM   1114 C CB  . PRO A 1 138 ? 6.172   -1.030  -16.183 1.00 11.78 ? 138 PRO A CB  1 
ATOM   1115 C CG  . PRO A 1 138 ? 5.872   -0.577  -14.789 1.00 13.41 ? 138 PRO A CG  1 
ATOM   1116 C CD  . PRO A 1 138 ? 4.368   -0.697  -14.672 1.00 12.62 ? 138 PRO A CD  1 
ATOM   1117 N N   . ASP A 1 139 ? 3.968   -2.304  -18.123 1.00 12.66 ? 139 ASP A N   1 
ATOM   1118 C CA  . ASP A 1 139 ? 3.722   -3.160  -19.284 1.00 16.78 ? 139 ASP A CA  1 
ATOM   1119 C C   . ASP A 1 139 ? 2.592   -2.651  -20.180 1.00 19.49 ? 139 ASP A C   1 
ATOM   1120 O O   . ASP A 1 139 ? 2.335   -3.213  -21.237 1.00 15.01 ? 139 ASP A O   1 
ATOM   1121 C CB  . ASP A 1 139 ? 3.458   -4.586  -18.834 1.00 11.46 ? 139 ASP A CB  1 
ATOM   1122 C CG  . ASP A 1 139 ? 2.141   -4.751  -18.151 1.00 11.51 ? 139 ASP A CG  1 
ATOM   1123 O OD1 . ASP A 1 139 ? 1.452   -3.729  -17.873 1.00 14.45 ? 139 ASP A OD1 1 
ATOM   1124 O OD2 . ASP A 1 139 ? 1.763   -5.910  -17.879 1.00 17.46 ? 139 ASP A OD2 1 
ATOM   1125 N N   . GLY A 1 140 ? 1.932   -1.573  -19.768 1.00 14.09 ? 140 GLY A N   1 
ATOM   1126 C CA  . GLY A 1 140 ? 0.902   -0.945  -20.590 1.00 12.93 ? 140 GLY A CA  1 
ATOM   1127 C C   . GLY A 1 140 ? -0.494  -1.246  -20.107 1.00 15.22 ? 140 GLY A C   1 
ATOM   1128 O O   . GLY A 1 140 ? -1.479  -0.752  -20.694 1.00 14.91 ? 140 GLY A O   1 
ATOM   1129 N N   . GLU A 1 141 ? -0.598  -2.064  -19.058 1.00 11.21 ? 141 GLU A N   1 
ATOM   1130 C CA  . GLU A 1 141 ? -1.889  -2.327  -18.450 1.00 9.35  ? 141 GLU A CA  1 
ATOM   1131 C C   . GLU A 1 141 ? -2.361  -1.029  -17.799 1.00 8.85  ? 141 GLU A C   1 
ATOM   1132 O O   . GLU A 1 141 ? -1.537  -0.179  -17.412 1.00 11.99 ? 141 GLU A O   1 
ATOM   1133 C CB  . GLU A 1 141 ? -1.830  -3.435  -17.410 1.00 11.95 ? 141 GLU A CB  1 
ATOM   1134 C CG  . GLU A 1 141 ? -1.597  -4.814  -17.989 1.00 16.01 ? 141 GLU A CG  1 
ATOM   1135 C CD  . GLU A 1 141 ? -1.369  -5.852  -16.902 1.00 13.13 ? 141 GLU A CD  1 
ATOM   1136 O OE1 . GLU A 1 141 ? -2.367  -6.234  -16.244 1.00 18.91 ? 141 GLU A OE1 1 
ATOM   1137 O OE2 . GLU A 1 141 ? -0.198  -6.283  -16.733 1.00 18.23 ? 141 GLU A OE2 1 
ATOM   1138 N N   . MET A 1 142 ? -3.679  -0.875  -17.730 1.00 13.33 ? 142 MET A N   1 
ATOM   1139 C CA  . MET A 1 142 ? -4.291  0.337   -17.177 1.00 9.41  ? 142 MET A CA  1 
ATOM   1140 C C   . MET A 1 142 ? -5.020  -0.011  -15.896 1.00 8.08  ? 142 MET A C   1 
ATOM   1141 O O   . MET A 1 142 ? -5.809  -0.926  -15.854 1.00 10.17 ? 142 MET A O   1 
ATOM   1142 C CB  . MET A 1 142 ? -5.246  0.947   -18.221 1.00 11.45 ? 142 MET A CB  1 
ATOM   1143 C CG  . MET A 1 142 ? -4.557  1.146   -19.538 1.00 27.51 ? 142 MET A CG  1 
ATOM   1144 S SD  . MET A 1 142 ? -5.628  1.697   -20.884 1.00 28.49 ? 142 MET A SD  1 
ATOM   1145 C CE  . MET A 1 142 ? -4.819  3.286   -21.168 1.00 52.51 ? 142 MET A CE  1 
ATOM   1146 N N   . LEU A 1 143 ? -4.749  0.741   -14.833 1.00 8.99  ? 143 LEU A N   1 
ATOM   1147 C CA  . LEU A 1 143 ? -5.408  0.503   -13.573 1.00 8.06  ? 143 LEU A CA  1 
ATOM   1148 C C   . LEU A 1 143 ? -6.928  0.457   -13.745 1.00 11.15 ? 143 LEU A C   1 
ATOM   1149 O O   . LEU A 1 143 ? -7.625  -0.415  -13.208 1.00 9.26  ? 143 LEU A O   1 
ATOM   1150 C CB  . LEU A 1 143 ? -5.019  1.618   -12.584 1.00 8.44  ? 143 LEU A CB  1 
ATOM   1151 C CG  . LEU A 1 143 ? -5.686  1.539   -11.225 1.00 11.05 ? 143 LEU A CG  1 
ATOM   1152 C CD1 . LEU A 1 143 ? -5.502  0.163   -10.608 1.00 14.93 ? 143 LEU A CD1 1 
ATOM   1153 C CD2 . LEU A 1 143 ? -5.155  2.625   -10.294 1.00 9.99  ? 143 LEU A CD2 1 
ATOM   1154 N N   . ARG A 1 144 ? -7.454  1.429   -14.478 1.00 10.91 ? 144 ARG A N   1 
ATOM   1155 C CA  . ARG A 1 144 ? -8.885  1.508   -14.733 1.00 13.12 ? 144 ARG A CA  1 
ATOM   1156 C C   . ARG A 1 144 ? -9.412  0.242   -15.380 1.00 9.87  ? 144 ARG A C   1 
ATOM   1157 O O   . ARG A 1 144 ? -10.485 -0.239  -15.036 1.00 11.30 ? 144 ARG A O   1 
ATOM   1158 C CB  . ARG A 1 144 ? -9.169  2.705   -15.646 1.00 13.31 ? 144 ARG A CB  1 
ATOM   1159 C CG  . ARG A 1 144 ? -10.598 2.787   -16.170 1.00 19.48 ? 144 ARG A CG  1 
ATOM   1160 C CD  . ARG A 1 144 ? -10.637 3.405   -17.580 1.00 23.13 ? 144 ARG A CD  1 
ATOM   1161 N NE  . ARG A 1 144 ? -9.347  3.975   -17.959 1.00 34.03 ? 144 ARG A NE  1 
ATOM   1162 C CZ  . ARG A 1 144 ? -8.486  3.442   -18.828 1.00 27.41 ? 144 ARG A CZ  1 
ATOM   1163 N NH1 . ARG A 1 144 ? -8.760  2.313   -19.486 1.00 26.96 ? 144 ARG A NH1 1 
ATOM   1164 N NH2 . ARG A 1 144 ? -7.331  4.053   -19.050 1.00 41.58 ? 144 ARG A NH2 1 
ATOM   1165 N N   . GLN A 1 145 ? -8.632  -0.298  -16.299 1.00 13.57 ? 145 GLN A N   1 
ATOM   1166 C CA  . GLN A 1 145 ? -9.043  -1.510  -17.010 1.00 14.82 ? 145 GLN A CA  1 
ATOM   1167 C C   . GLN A 1 145 ? -9.111  -2.713  -16.087 1.00 8.09  ? 145 GLN A C   1 
ATOM   1168 O O   . GLN A 1 145 ? -10.029 -3.506  -16.188 1.00 10.99 ? 145 GLN A O   1 
ATOM   1169 C CB  . GLN A 1 145 ? -8.097  -1.786  -18.177 1.00 18.70 ? 145 GLN A CB  1 
ATOM   1170 C CG  . GLN A 1 145 ? -8.501  -3.004  -19.017 1.00 21.54 ? 145 GLN A CG  1 
ATOM   1171 C CD  . GLN A 1 145 ? -9.759  -2.764  -19.832 1.00 28.70 ? 145 GLN A CD  1 
ATOM   1172 O OE1 . GLN A 1 145 ? -9.742  -2.002  -20.789 1.00 24.68 ? 145 GLN A OE1 1 
ATOM   1173 N NE2 . GLN A 1 145 ? -10.853 -3.422  -19.457 1.00 35.16 ? 145 GLN A NE2 1 
ATOM   1174 N N   . ILE A 1 146 ? -8.153  -2.839  -15.158 1.00 13.78 ? 146 ILE A N   1 
ATOM   1175 C CA  . ILE A 1 146 ? -8.151  -3.970  -14.246 1.00 12.92 ? 146 ILE A CA  1 
ATOM   1176 C C   . ILE A 1 146 ? -9.395  -3.956  -13.383 1.00 12.18 ? 146 ILE A C   1 
ATOM   1177 O O   . ILE A 1 146 ? -10.022 -4.973  -13.152 1.00 9.81  ? 146 ILE A O   1 
ATOM   1178 C CB  . ILE A 1 146 ? -6.875  -3.978  -13.347 1.00 12.09 ? 146 ILE A CB  1 
ATOM   1179 C CG1 . ILE A 1 146 ? -5.604  -4.094  -14.205 1.00 14.54 ? 146 ILE A CG1 1 
ATOM   1180 C CG2 . ILE A 1 146 ? -6.976  -5.081  -12.323 1.00 7.99  ? 146 ILE A CG2 1 
ATOM   1181 C CD1 . ILE A 1 146 ? -4.311  -3.771  -13.462 1.00 17.71 ? 146 ILE A CD1 1 
ATOM   1182 N N   . LEU A 1 147 ? -9.752  -2.780  -12.871 1.00 6.49  ? 147 LEU A N   1 
ATOM   1183 C CA  . LEU A 1 147 ? -10.947 -2.655  -12.053 1.00 11.28 ? 147 LEU A CA  1 
ATOM   1184 C C   . LEU A 1 147 ? -12.218 -2.941  -12.844 1.00 7.48  ? 147 LEU A C   1 
ATOM   1185 O O   . LEU A 1 147 ? -13.176 -3.489  -12.301 1.00 11.55 ? 147 LEU A O   1 
ATOM   1186 C CB  . LEU A 1 147 ? -11.004 -1.238  -11.472 1.00 10.36 ? 147 LEU A CB  1 
ATOM   1187 C CG  . LEU A 1 147 ? -10.048 -1.046  -10.293 1.00 12.30 ? 147 LEU A CG  1 
ATOM   1188 C CD1 . LEU A 1 147 ? -9.915  0.449   -9.973  1.00 14.94 ? 147 LEU A CD1 1 
ATOM   1189 C CD2 . LEU A 1 147 ? -10.502 -1.795  -9.095  1.00 9.26  ? 147 LEU A CD2 1 
ATOM   1190 N N   . HIS A 1 148 ? -12.198 -2.573  -14.118 1.00 11.84 ? 148 HIS A N   1 
ATOM   1191 C CA  . HIS A 1 148 ? -13.361 -2.773  -14.993 1.00 16.78 ? 148 HIS A CA  1 
ATOM   1192 C C   . HIS A 1 148 ? -13.505 -4.242  -15.323 1.00 19.15 ? 148 HIS A C   1 
ATOM   1193 O O   . HIS A 1 148 ? -14.609 -4.800  -15.274 1.00 21.15 ? 148 HIS A O   1 
ATOM   1194 C CB  . HIS A 1 148 ? -13.235 -1.972  -16.283 1.00 19.17 ? 148 HIS A CB  1 
ATOM   1195 C CG  . HIS A 1 148 ? -14.468 -1.170  -16.607 1.00 27.18 ? 148 HIS A CG  1 
ATOM   1196 N ND1 . HIS A 1 148 ? -15.404 -1.576  -17.533 1.00 31.70 ? 148 HIS A ND1 1 
ATOM   1197 C CD2 . HIS A 1 148 ? -14.912 0.014   -16.118 1.00 24.96 ? 148 HIS A CD2 1 
ATOM   1198 C CE1 . HIS A 1 148 ? -16.377 -0.681  -17.598 1.00 32.76 ? 148 HIS A CE1 1 
ATOM   1199 N NE2 . HIS A 1 148 ? -16.102 0.295   -16.750 1.00 26.38 ? 148 HIS A NE2 1 
ATOM   1200 N N   . THR A 1 149 ? -12.373 -4.864  -15.635 1.00 14.24 ? 149 THR A N   1 
ATOM   1201 C CA  . THR A 1 149 ? -12.350 -6.285  -16.002 1.00 14.63 ? 149 THR A CA  1 
ATOM   1202 C C   . THR A 1 149 ? -12.786 -7.179  -14.846 1.00 17.34 ? 149 THR A C   1 
ATOM   1203 O O   . THR A 1 149 ? -13.566 -8.117  -15.037 1.00 22.41 ? 149 THR A O   1 
ATOM   1204 C CB  . THR A 1 149 ? -10.934 -6.722  -16.468 1.00 16.08 ? 149 THR A CB  1 
ATOM   1205 O OG1 . THR A 1 149 ? -10.575 -6.064  -17.700 1.00 23.79 ? 149 THR A OG1 1 
ATOM   1206 C CG2 . THR A 1 149 ? -10.871 -8.225  -16.641 1.00 20.49 ? 149 THR A CG2 1 
ATOM   1207 N N   . ARG A 1 150 ? -12.282 -6.903  -13.638 1.00 12.18 ? 150 ARG A N   1 
ATOM   1208 C CA  . ARG A 1 150 ? -12.511 -7.768  -12.475 1.00 9.94  ? 150 ARG A CA  1 
ATOM   1209 C C   . ARG A 1 150 ? -13.769 -7.454  -11.658 1.00 12.75 ? 150 ARG A C   1 
ATOM   1210 O O   . ARG A 1 150 ? -14.229 -8.278  -10.847 1.00 17.38 ? 150 ARG A O   1 
ATOM   1211 C CB  . ARG A 1 150 ? -11.306 -7.691  -11.526 1.00 14.87 ? 150 ARG A CB  1 
ATOM   1212 C CG  . ARG A 1 150 ? -10.003 -8.298  -12.067 1.00 14.81 ? 150 ARG A CG  1 
ATOM   1213 C CD  . ARG A 1 150 ? -10.100 -9.812  -12.249 1.00 8.78  ? 150 ARG A CD  1 
ATOM   1214 N NE  . ARG A 1 150 ? -10.544 -10.542 -11.069 1.00 8.28  ? 150 ARG A NE  1 
ATOM   1215 C CZ  . ARG A 1 150 ? -9.714  -11.028 -10.143 1.00 9.52  ? 150 ARG A CZ  1 
ATOM   1216 N NH1 . ARG A 1 150 ? -8.412  -10.838 -10.271 1.00 10.18 ? 150 ARG A NH1 1 
ATOM   1217 N NH2 . ARG A 1 150 ? -10.180 -11.715 -9.118  1.00 13.61 ? 150 ARG A NH2 1 
ATOM   1218 N N   . ALA A 1 151 ? -14.303 -6.252  -11.826 1.00 16.76 ? 151 ALA A N   1 
ATOM   1219 C CA  . ALA A 1 151 ? -15.475 -5.841  -11.065 1.00 18.43 ? 151 ALA A CA  1 
ATOM   1220 C C   . ALA A 1 151 ? -15.337 -6.006  -9.560  1.00 18.57 ? 151 ALA A C   1 
ATOM   1221 O O   . ALA A 1 151 ? -16.270 -6.439  -8.919  1.00 23.35 ? 151 ALA A O   1 
ATOM   1222 C CB  . ALA A 1 151 ? -16.688 -6.628  -11.531 1.00 21.06 ? 151 ALA A CB  1 
ATOM   1223 N N   . PHE A 1 152 ? -14.189 -5.664  -8.984  1.00 13.52 ? 152 PHE A N   1 
ATOM   1224 C CA  . PHE A 1 152 ? -14.049 -5.703  -7.529  1.00 13.76 ? 152 PHE A CA  1 
ATOM   1225 C C   . PHE A 1 152 ? -15.004 -4.701  -6.865  1.00 15.03 ? 152 PHE A C   1 
ATOM   1226 O O   . PHE A 1 152 ? -15.128 -3.560  -7.318  1.00 15.38 ? 152 PHE A O   1 
ATOM   1227 C CB  . PHE A 1 152 ? -12.635 -5.321  -7.091  1.00 14.90 ? 152 PHE A CB  1 
ATOM   1228 C CG  . PHE A 1 152 ? -11.534 -6.254  -7.569  1.00 11.35 ? 152 PHE A CG  1 
ATOM   1229 C CD1 . PHE A 1 152 ? -11.466 -7.547  -7.138  1.00 21.34 ? 152 PHE A CD1 1 
ATOM   1230 C CD2 . PHE A 1 152 ? -10.539 -5.788  -8.394  1.00 14.11 ? 152 PHE A CD2 1 
ATOM   1231 C CE1 . PHE A 1 152 ? -10.433 -8.389  -7.558  1.00 14.05 ? 152 PHE A CE1 1 
ATOM   1232 C CE2 . PHE A 1 152 ? -9.497  -6.620  -8.803  1.00 18.78 ? 152 PHE A CE2 1 
ATOM   1233 C CZ  . PHE A 1 152 ? -9.456  -7.913  -8.373  1.00 14.99 ? 152 PHE A CZ  1 
ATOM   1234 N N   . ASP A 1 153 ? -15.650 -5.147  -5.795  1.00 13.54 ? 153 ASP A N   1 
ATOM   1235 C CA  . ASP A 1 153 ? -16.592 -4.341  -5.028  1.00 22.73 ? 153 ASP A CA  1 
ATOM   1236 C C   . ASP A 1 153 ? -15.940 -3.050  -4.612  1.00 21.72 ? 153 ASP A C   1 
ATOM   1237 O O   . ASP A 1 153 ? -14.799 -3.055  -4.160  1.00 17.04 ? 153 ASP A O   1 
ATOM   1238 C CB  . ASP A 1 153 ? -16.998 -5.064  -3.744  1.00 22.20 ? 153 ASP A CB  1 
ATOM   1239 C CG  . ASP A 1 153 ? -17.906 -6.245  -3.997  1.00 43.19 ? 153 ASP A CG  1 
ATOM   1240 O OD1 . ASP A 1 153 ? -18.655 -6.211  -4.994  1.00 32.58 ? 153 ASP A OD1 1 
ATOM   1241 O OD2 . ASP A 1 153 ? -17.868 -7.200  -3.194  1.00 37.80 ? 153 ASP A OD2 1 
ATOM   1242 N N   . LYS A 1 154 ? -16.667 -1.948  -4.734  1.00 20.87 ? 154 LYS A N   1 
ATOM   1243 C CA  . LYS A 1 154 ? -16.199 -0.684  -4.187  1.00 21.83 ? 154 LYS A CA  1 
ATOM   1244 C C   . LYS A 1 154 ? -16.031 -0.785  -2.677  1.00 11.41 ? 154 LYS A C   1 
ATOM   1245 O O   . LYS A 1 154 ? -16.645 -1.616  -2.005  1.00 16.89 ? 154 LYS A O   1 
ATOM   1246 C CB  . LYS A 1 154 ? -17.168 0.447   -4.532  1.00 22.93 ? 154 LYS A CB  1 
ATOM   1247 C CG  . LYS A 1 154 ? -17.129 0.862   -5.986  1.00 30.20 ? 154 LYS A CG  1 
ATOM   1248 C CD  . LYS A 1 154 ? -16.381 2.174   -6.180  1.00 41.47 ? 154 LYS A CD  1 
ATOM   1249 C CE  . LYS A 1 154 ? -17.304 3.387   -6.164  1.00 40.84 ? 154 LYS A CE  1 
ATOM   1250 N NZ  . LYS A 1 154 ? -18.207 3.430   -7.341  1.00 40.75 ? 154 LYS A NZ  1 
ATOM   1251 N N   . LEU A 1 155 ? -15.148 0.051   -2.154  1.00 14.29 ? 155 LEU A N   1 
ATOM   1252 C CA  . LEU A 1 155 ? -14.823 0.019   -0.741  1.00 13.75 ? 155 LEU A CA  1 
ATOM   1253 C C   . LEU A 1 155 ? -15.595 1.083   0.039   1.00 16.89 ? 155 LEU A C   1 
ATOM   1254 O O   . LEU A 1 155 ? -15.946 2.137   -0.493  1.00 19.14 ? 155 LEU A O   1 
ATOM   1255 C CB  . LEU A 1 155 ? -13.332 0.278   -0.577  1.00 13.38 ? 155 LEU A CB  1 
ATOM   1256 C CG  . LEU A 1 155 ? -12.411 -0.597  -1.418  1.00 11.71 ? 155 LEU A CG  1 
ATOM   1257 C CD1 . LEU A 1 155 ? -10.965 -0.169  -1.125  1.00 14.12 ? 155 LEU A CD1 1 
ATOM   1258 C CD2 . LEU A 1 155 ? -12.669 -2.045  -1.104  1.00 13.92 ? 155 LEU A CD2 1 
ATOM   1259 N N   . ASN A 1 156 ? -15.826 0.803   1.308   1.00 12.21 ? 156 ASN A N   1 
ATOM   1260 C CA  . ASN A 1 156 ? -16.394 1.785   2.219   1.00 17.30 ? 156 ASN A CA  1 
ATOM   1261 C C   . ASN A 1 156 ? -15.297 2.609   2.863   1.00 18.81 ? 156 ASN A C   1 
ATOM   1262 O O   . ASN A 1 156 ? -14.247 2.091   3.173   1.00 13.04 ? 156 ASN A O   1 
ATOM   1263 C CB  . ASN A 1 156 ? -17.197 1.063   3.287   1.00 20.83 ? 156 ASN A CB  1 
ATOM   1264 C CG  . ASN A 1 156 ? -18.395 0.364   2.705   1.00 28.73 ? 156 ASN A CG  1 
ATOM   1265 O OD1 . ASN A 1 156 ? -19.141 0.972   1.939   1.00 26.85 ? 156 ASN A OD1 1 
ATOM   1266 N ND2 . ASN A 1 156 ? -18.556 -0.926  3.008   1.00 24.82 ? 156 ASN A ND2 1 
ATOM   1267 N N   . LYS A 1 157 ? -15.523 3.897   3.060   1.00 13.22 ? 157 LYS A N   1 
ATOM   1268 C CA  . LYS A 1 157 ? -14.521 4.682   3.755   1.00 16.90 ? 157 LYS A CA  1 
ATOM   1269 C C   . LYS A 1 157 ? -14.561 4.366   5.230   1.00 11.14 ? 157 LYS A C   1 
ATOM   1270 O O   . LYS A 1 157 ? -15.586 3.926   5.777   1.00 13.89 ? 157 LYS A O   1 
ATOM   1271 C CB  . LYS A 1 157 ? -14.726 6.167   3.499   1.00 18.34 ? 157 LYS A CB  1 
ATOM   1272 C CG  . LYS A 1 157 ? -14.392 6.535   2.094   1.00 23.56 ? 157 LYS A CG  1 
ATOM   1273 C CD  . LYS A 1 157 ? -14.749 7.957   1.788   1.00 21.10 ? 157 LYS A CD  1 
ATOM   1274 C CE  . LYS A 1 157 ? -14.318 8.304   0.381   1.00 34.46 ? 157 LYS A CE  1 
ATOM   1275 N NZ  . LYS A 1 157 ? -14.767 9.664   -0.003  1.00 41.85 ? 157 LYS A NZ  1 
ATOM   1276 N N   . TRP A 1 158 ? -13.422 4.576   5.882   1.00 10.34 ? 158 TRP A N   1 
ATOM   1277 C CA  . TRP A 1 158 ? -13.287 4.292   7.292   1.00 13.66 ? 158 TRP A CA  1 
ATOM   1278 C C   . TRP A 1 158 ? -14.242 5.170   8.095   1.00 15.69 ? 158 TRP A C   1 
ATOM   1279 O O   . TRP A 1 158 ? -14.907 4.684   9.022   1.00 15.62 ? 158 TRP A O   1 
ATOM   1280 C CB  . TRP A 1 158 ? -11.848 4.572   7.736   1.00 13.35 ? 158 TRP A CB  1 
ATOM   1281 C CG  . TRP A 1 158 ? -11.597 4.108   9.109   1.00 19.22 ? 158 TRP A CG  1 
ATOM   1282 C CD1 . TRP A 1 158 ? -11.585 4.869   10.241  1.00 17.77 ? 158 TRP A CD1 1 
ATOM   1283 C CD2 . TRP A 1 158 ? -11.328 2.776   9.517   1.00 14.98 ? 158 TRP A CD2 1 
ATOM   1284 N NE1 . TRP A 1 158 ? -11.344 4.080   11.335  1.00 18.70 ? 158 TRP A NE1 1 
ATOM   1285 C CE2 . TRP A 1 158 ? -11.170 2.785   10.914  1.00 18.88 ? 158 TRP A CE2 1 
ATOM   1286 C CE3 . TRP A 1 158 ? -11.204 1.555   8.839   1.00 19.95 ? 158 TRP A CE3 1 
ATOM   1287 C CZ2 . TRP A 1 158 ? -10.900 1.633   11.648  1.00 21.29 ? 158 TRP A CZ2 1 
ATOM   1288 C CZ3 . TRP A 1 158 ? -10.943 0.416   9.562   1.00 14.58 ? 158 TRP A CZ3 1 
ATOM   1289 C CH2 . TRP A 1 158 ? -10.787 0.459   10.950  1.00 21.99 ? 158 TRP A CH2 1 
ATOM   1290 O OXT . TRP A 1 158 ? -14.359 6.364   7.805   1.00 15.88 ? 158 TRP A OXT 1 
HETATM 1291 C C1  . J1D B 2 .   ? 6.134   -7.447  2.691   1.00 16.71 ? 201 J1D A C1  1 
HETATM 1292 O O1  . J1D B 2 .   ? 7.304   -7.437  1.797   1.00 16.18 ? 201 J1D A O1  1 
HETATM 1293 C C2  . J1D B 2 .   ? 5.931   -5.972  3.094   1.00 17.86 ? 201 J1D A C2  1 
HETATM 1294 O O2  . J1D B 2 .   ? 5.327   -5.922  4.337   1.00 19.00 ? 201 J1D A O2  1 
HETATM 1295 C C3  . J1D B 2 .   ? 7.428   -5.451  3.131   1.00 23.99 ? 201 J1D A C3  1 
HETATM 1296 O O3  . J1D B 2 .   ? 8.176   -5.786  4.242   1.00 20.42 ? 201 J1D A O3  1 
HETATM 1297 C C4  . J1D B 2 .   ? 8.014   -6.190  1.879   1.00 17.23 ? 201 J1D A C4  1 
HETATM 1298 N N1  . J1D B 2 .   ? 7.699   -5.476  0.634   1.00 21.14 ? 201 J1D A N1  1 
HETATM 1299 C C5  . J1D B 2 .   ? 7.090   -4.203  0.399   1.00 17.23 ? 201 J1D A C5  1 
HETATM 1300 N N2  . J1D B 2 .   ? 6.956   -3.945  -0.904  1.00 12.11 ? 201 J1D A N2  1 
HETATM 1301 C C6  . J1D B 2 .   ? 7.456   -5.081  -1.540  1.00 15.50 ? 201 J1D A C6  1 
HETATM 1302 C C7  . J1D B 2 .   ? 7.562   -5.410  -2.869  1.00 14.71 ? 201 J1D A C7  1 
HETATM 1303 N N3  . J1D B 2 .   ? 7.095   -4.524  -3.824  1.00 7.47  ? 201 J1D A N3  1 
HETATM 1304 N N4  . J1D B 2 .   ? 8.134   -6.614  -3.226  1.00 14.40 ? 201 J1D A N4  1 
HETATM 1305 C C8  . J1D B 2 .   ? 8.537   -7.466  -2.229  1.00 13.09 ? 201 J1D A C8  1 
HETATM 1306 N N5  . J1D B 2 .   ? 8.487   -7.257  -0.926  1.00 14.48 ? 201 J1D A N5  1 
HETATM 1307 C C9  . J1D B 2 .   ? 7.922   -6.040  -0.612  1.00 15.83 ? 201 J1D A C9  1 
HETATM 1308 C C10 . J1D B 2 .   ? 4.871   -8.058  2.079   1.00 24.07 ? 201 J1D A C10 1 
HETATM 1309 S S1  . J1D B 2 .   ? 5.131   -9.715  1.513   1.00 20.65 ? 201 J1D A S1  1 
HETATM 1310 C C11 . J1D B 2 .   ? 3.603   -10.256 1.070   1.00 22.61 ? 201 J1D A C11 1 
HETATM 1311 N N6  . J1D B 2 .   ? 2.280   -9.684  3.004   1.00 26.65 ? 201 J1D A N6  1 
HETATM 1312 C C12 . J1D B 2 .   ? 2.802   -10.816 2.241   1.00 20.71 ? 201 J1D A C12 1 
HETATM 1313 C C13 . J1D B 2 .   ? 1.077   -9.129  2.626   1.00 29.70 ? 201 J1D A C13 1 
HETATM 1314 C C14 . J1D B 2 .   ? 0.614   -7.978  3.479   1.00 20.08 ? 201 J1D A C14 1 
HETATM 1315 N N7  . J1D B 2 .   ? -0.833  -8.000  3.565   1.00 21.07 ? 201 J1D A N7  1 
HETATM 1316 C C15 . J1D B 2 .   ? -1.566  -9.073  4.053   1.00 30.76 ? 201 J1D A C15 1 
HETATM 1317 O O4  . J1D B 2 .   ? -1.063  -10.122 4.444   1.00 29.36 ? 201 J1D A O4  1 
HETATM 1318 N N8  . J1D B 2 .   ? -7.079  -7.949  3.837   1.00 17.40 ? 201 J1D A N8  1 
HETATM 1319 C C16 . J1D B 2 .   ? -7.344  -6.660  3.749   1.00 13.72 ? 201 J1D A C16 1 
HETATM 1320 N N9  . J1D B 2 .   ? -8.650  -6.180  3.652   1.00 14.35 ? 201 J1D A N9  1 
HETATM 1321 N N10 . J1D B 2 .   ? -6.441  -5.673  3.709   1.00 13.07 ? 201 J1D A N10 1 
HETATM 1322 C C17 . J1D B 2 .   ? -5.056  -5.886  3.812   1.00 8.06  ? 201 J1D A C17 1 
HETATM 1323 O O5  . J1D B 2 .   ? -4.345  -4.906  3.777   1.00 8.90  ? 201 J1D A O5  1 
HETATM 1324 N N11 . J1D B 2 .   ? -3.384  -7.570  3.995   1.00 17.75 ? 201 J1D A N11 1 
HETATM 1325 C C18 . J1D B 2 .   ? -3.043  -8.821  4.039   1.00 24.07 ? 201 J1D A C18 1 
HETATM 1326 C C19 . J1D B 2 .   ? -3.971  -10.005 4.136   1.00 22.76 ? 201 J1D A C19 1 
HETATM 1327 C C20 . J1D B 2 .   ? -3.806  -10.699 5.497   1.00 29.53 ? 201 J1D A C20 1 
HETATM 1328 C C21 . J1D B 2 .   ? -3.749  -10.899 2.922   1.00 30.32 ? 201 J1D A C21 1 
HETATM 1329 N N12 . J1D B 2 .   ? -5.387  -9.558  4.049   1.00 20.21 ? 201 J1D A N12 1 
HETATM 1330 C C22 . J1D B 2 .   ? -5.710  -8.256  3.921   1.00 15.92 ? 201 J1D A C22 1 
HETATM 1331 C C23 . J1D B 2 .   ? -4.716  -7.281  3.917   1.00 15.30 ? 201 J1D A C23 1 
HETATM 1332 O O6  . J1D B 2 .   ? 0.434   -9.568  1.679   1.00 25.64 ? 201 J1D A O6  1 
HETATM 1333 O O7  . J1D B 2 .   ? 5.901   -9.610  0.333   1.00 19.70 ? 201 J1D A O7  1 
HETATM 1334 O O8  . J1D B 2 .   ? 5.564   -10.398 2.694   1.00 17.67 ? 201 J1D A O8  1 
HETATM 1335 O O   . HOH C 3 .   ? 6.631   0.450   -11.092 1.00 9.16  ? 301 HOH A O   1 
HETATM 1336 O O   . HOH C 3 .   ? -5.963  3.754   -15.311 1.00 10.40 ? 302 HOH A O   1 
HETATM 1337 O O   . HOH C 3 .   ? -8.717  4.088   15.208  1.00 19.82 ? 303 HOH A O   1 
HETATM 1338 O O   . HOH C 3 .   ? 7.997   -2.356  3.681   1.00 10.94 ? 304 HOH A O   1 
HETATM 1339 O O   . HOH C 3 .   ? -8.874  -11.735 -6.474  1.00 11.92 ? 305 HOH A O   1 
HETATM 1340 O O   . HOH C 3 .   ? 7.643   -7.259  -12.031 1.00 15.98 ? 306 HOH A O   1 
HETATM 1341 O O   . HOH C 3 .   ? -6.913  -9.210  -11.915 1.00 16.84 ? 307 HOH A O   1 
HETATM 1342 O O   . HOH C 3 .   ? -2.637  15.883  -3.363  1.00 12.95 ? 308 HOH A O   1 
HETATM 1343 O O   . HOH C 3 .   ? -4.086  -0.657  0.318   1.00 13.52 ? 309 HOH A O   1 
HETATM 1344 O O   . HOH C 3 .   ? -0.393  -7.990  -9.391  1.00 22.32 ? 310 HOH A O   1 
HETATM 1345 O O   . HOH C 3 .   ? -15.030 -1.721  2.080   1.00 21.49 ? 311 HOH A O   1 
HETATM 1346 O O   . HOH C 3 .   ? -3.401  -10.596 -11.351 1.00 21.67 ? 312 HOH A O   1 
HETATM 1347 O O   . HOH C 3 .   ? 11.036  7.686   8.610   1.00 10.10 ? 313 HOH A O   1 
HETATM 1348 O O   . HOH C 3 .   ? -9.687  8.616   -17.479 1.00 20.78 ? 314 HOH A O   1 
HETATM 1349 O O   . HOH C 3 .   ? 14.413  7.574   -7.391  1.00 23.29 ? 315 HOH A O   1 
HETATM 1350 O O   . HOH C 3 .   ? -5.124  -3.188  -18.643 1.00 13.15 ? 316 HOH A O   1 
HETATM 1351 O O   . HOH C 3 .   ? -4.458  -13.530 -4.676  1.00 25.83 ? 317 HOH A O   1 
HETATM 1352 O O   . HOH C 3 .   ? 0.771   6.305   -15.407 1.00 20.43 ? 318 HOH A O   1 
HETATM 1353 O O   . HOH C 3 .   ? -2.603  -3.101  1.326   1.00 20.54 ? 319 HOH A O   1 
HETATM 1354 O O   . HOH C 3 .   ? 5.432   -7.769  -4.352  1.00 14.04 ? 320 HOH A O   1 
HETATM 1355 O O   . HOH C 3 .   ? 7.434   -12.395 -6.711  1.00 28.31 ? 321 HOH A O   1 
HETATM 1356 O O   . HOH C 3 .   ? 14.597  -2.207  -12.664 1.00 27.38 ? 322 HOH A O   1 
HETATM 1357 O O   . HOH C 3 .   ? -6.619  10.334  4.006   1.00 20.88 ? 323 HOH A O   1 
HETATM 1358 O O   . HOH C 3 .   ? -3.397  -2.299  -22.127 1.00 20.06 ? 324 HOH A O   1 
HETATM 1359 O O   . HOH C 3 .   ? 11.367  13.459  4.001   1.00 20.19 ? 325 HOH A O   1 
HETATM 1360 O O   . HOH C 3 .   ? -6.055  -0.734  18.476  1.00 21.22 ? 326 HOH A O   1 
HETATM 1361 O O   . HOH C 3 .   ? 13.345  -8.137  -14.409 1.00 35.04 ? 327 HOH A O   1 
HETATM 1362 O O   . HOH C 3 .   ? 8.857   12.237  -9.425  1.00 35.64 ? 328 HOH A O   1 
HETATM 1363 O O   . HOH C 3 .   ? 3.807   -3.812  -15.596 1.00 16.44 ? 329 HOH A O   1 
HETATM 1364 O O   . HOH C 3 .   ? 14.856  5.596   12.680  1.00 13.73 ? 330 HOH A O   1 
HETATM 1365 O O   . HOH C 3 .   ? -12.857 -4.855  -3.505  1.00 23.59 ? 331 HOH A O   1 
HETATM 1366 O O   . HOH C 3 .   ? 5.197   -7.910  -11.108 1.00 17.76 ? 332 HOH A O   1 
HETATM 1367 O O   . HOH C 3 .   ? -10.154 -8.266  -3.637  1.00 17.04 ? 333 HOH A O   1 
HETATM 1368 O O   . HOH C 3 .   ? -1.249  -10.416 -10.248 1.00 28.07 ? 334 HOH A O   1 
HETATM 1369 O O   . HOH C 3 .   ? -7.673  -10.739 -2.950  1.00 22.67 ? 335 HOH A O   1 
HETATM 1370 O O   . HOH C 3 .   ? -17.724 5.105   2.260   1.00 23.90 ? 336 HOH A O   1 
HETATM 1371 O O   . HOH C 3 .   ? -10.624 8.041   -9.053  1.00 15.08 ? 337 HOH A O   1 
HETATM 1372 O O   . HOH C 3 .   ? -9.100  11.844  -14.130 1.00 26.00 ? 338 HOH A O   1 
HETATM 1373 O O   . HOH C 3 .   ? 4.019   2.666   -14.727 1.00 22.86 ? 339 HOH A O   1 
HETATM 1374 O O   . HOH C 3 .   ? 10.496  -10.268 -4.448  1.00 21.91 ? 340 HOH A O   1 
HETATM 1375 O O   . HOH C 3 .   ? -10.271 -6.372  -1.678  1.00 26.41 ? 341 HOH A O   1 
HETATM 1376 O O   . HOH C 3 .   ? 7.602   8.699   -11.492 1.00 21.77 ? 342 HOH A O   1 
HETATM 1377 O O   . HOH C 3 .   ? 15.017  -6.549  -11.463 1.00 17.14 ? 343 HOH A O   1 
HETATM 1378 O O   . HOH C 3 .   ? -3.615  2.822   16.268  1.00 17.07 ? 344 HOH A O   1 
HETATM 1379 O O   . HOH C 3 .   ? -10.065 -2.490  12.757  1.00 23.15 ? 345 HOH A O   1 
HETATM 1380 O O   . HOH C 3 .   ? 16.603  0.129   -10.096 1.00 34.62 ? 346 HOH A O   1 
HETATM 1381 O O   . HOH C 3 .   ? -6.098  4.927   16.900  1.00 22.17 ? 347 HOH A O   1 
HETATM 1382 O O   . HOH C 3 .   ? 9.227   4.799   12.238  1.00 16.44 ? 348 HOH A O   1 
HETATM 1383 O O   . HOH C 3 .   ? 12.810  14.961  2.576   1.00 26.10 ? 349 HOH A O   1 
HETATM 1384 O O   . HOH C 3 .   ? -11.642 -5.624  0.307   1.00 23.46 ? 350 HOH A O   1 
HETATM 1385 O O   . HOH C 3 .   ? 6.494   1.570   -19.880 1.00 33.55 ? 351 HOH A O   1 
HETATM 1386 O O   . HOH C 3 .   ? -8.951  6.298   -16.086 1.00 21.55 ? 352 HOH A O   1 
HETATM 1387 O O   . HOH C 3 .   ? 3.008   15.833  2.998   1.00 21.61 ? 353 HOH A O   1 
HETATM 1388 O O   . HOH C 3 .   ? -1.116  10.181  -7.630  1.00 23.06 ? 354 HOH A O   1 
HETATM 1389 O O   . HOH C 3 .   ? 10.562  -0.375  -17.334 1.00 23.66 ? 355 HOH A O   1 
HETATM 1390 O O   . HOH C 3 .   ? -3.872  9.670   -12.625 1.00 23.85 ? 356 HOH A O   1 
HETATM 1391 O O   . HOH C 3 .   ? 16.079  -5.313  -4.793  1.00 27.07 ? 357 HOH A O   1 
HETATM 1392 O O   . HOH C 3 .   ? -0.572  -3.225  2.411   1.00 23.26 ? 358 HOH A O   1 
HETATM 1393 O O   . HOH C 3 .   ? 5.453   14.381  3.566   1.00 21.10 ? 359 HOH A O   1 
HETATM 1394 O O   . HOH C 3 .   ? -1.473  -6.538  0.355   1.00 24.67 ? 360 HOH A O   1 
HETATM 1395 O O   . HOH C 3 .   ? 8.742   -11.121 -10.182 1.00 31.49 ? 361 HOH A O   1 
HETATM 1396 O O   . HOH C 3 .   ? 10.955  5.286   -13.858 1.00 21.04 ? 362 HOH A O   1 
HETATM 1397 O O   . HOH C 3 .   ? -11.344 4.651   -5.156  1.00 24.79 ? 363 HOH A O   1 
HETATM 1398 O O   . HOH C 3 .   ? -16.999 2.556   7.229   1.00 27.62 ? 364 HOH A O   1 
HETATM 1399 O O   . HOH C 3 .   ? -3.711  1.109   -1.986  1.00 20.12 ? 365 HOH A O   1 
HETATM 1400 O O   . HOH C 3 .   ? -5.600  11.152  10.078  1.00 16.31 ? 366 HOH A O   1 
HETATM 1401 O O   . HOH C 3 .   ? -0.619  8.802   15.514  1.00 20.54 ? 367 HOH A O   1 
HETATM 1402 O O   . HOH C 3 .   ? 12.428  -1.290  -15.696 1.00 18.53 ? 368 HOH A O   1 
HETATM 1403 O O   . HOH C 3 .   ? -1.700  -5.202  3.003   1.00 31.22 ? 369 HOH A O   1 
HETATM 1404 O O   . HOH C 3 .   ? 5.175   -7.377  -1.489  1.00 16.29 ? 370 HOH A O   1 
HETATM 1405 O O   . HOH C 3 .   ? -5.290  -3.579  -21.513 1.00 24.13 ? 371 HOH A O   1 
HETATM 1406 O O   . HOH C 3 .   ? -16.035 -3.735  0.274   1.00 31.24 ? 372 HOH A O   1 
HETATM 1407 O O   . HOH C 3 .   ? -13.991 -5.258  -0.450  1.00 24.66 ? 373 HOH A O   1 
HETATM 1408 O O   . HOH C 3 .   ? -9.777  12.243  -9.793  1.00 19.45 ? 374 HOH A O   1 
HETATM 1409 O O   . HOH C 3 .   ? -3.028  -15.580 -6.302  1.00 34.31 ? 375 HOH A O   1 
HETATM 1410 O O   . HOH C 3 .   ? -14.927 -7.891  -4.624  1.00 30.20 ? 376 HOH A O   1 
HETATM 1411 O O   . HOH C 3 .   ? 6.472   13.541  7.926   1.00 27.05 ? 377 HOH A O   1 
HETATM 1412 O O   . HOH C 3 .   ? 1.660   -7.443  0.275   1.00 24.96 ? 378 HOH A O   1 
HETATM 1413 O O   . HOH C 3 .   ? -19.033 2.220   -1.535  1.00 33.15 ? 379 HOH A O   1 
HETATM 1414 O O   . HOH C 3 .   ? -19.681 -2.315  -5.304  1.00 33.78 ? 380 HOH A O   1 
HETATM 1415 O O   . HOH C 3 .   ? 10.389  7.334   11.591  1.00 19.03 ? 381 HOH A O   1 
HETATM 1416 O O   . HOH C 3 .   ? 17.493  -8.336  -4.078  1.00 34.15 ? 382 HOH A O   1 
HETATM 1417 O O   . HOH C 3 .   ? 3.616   3.088   -18.316 1.00 32.42 ? 383 HOH A O   1 
HETATM 1418 O O   . HOH C 3 .   ? -13.883 2.039   -3.624  1.00 22.23 ? 384 HOH A O   1 
HETATM 1419 O O   . HOH C 3 .   ? 16.369  -3.043  -6.569  1.00 27.99 ? 385 HOH A O   1 
HETATM 1420 O O   . HOH C 3 .   ? 13.902  -5.932  -14.029 1.00 37.18 ? 386 HOH A O   1 
HETATM 1421 O O   . HOH C 3 .   ? -15.603 5.546   11.278  1.00 24.85 ? 387 HOH A O   1 
HETATM 1422 O O   . HOH C 3 .   ? 12.413  13.808  -3.977  1.00 31.12 ? 388 HOH A O   1 
HETATM 1423 O O   . HOH C 3 .   ? -10.260 10.373  -7.869  1.00 19.57 ? 389 HOH A O   1 
HETATM 1424 O O   . HOH C 3 .   ? 7.845   15.736  4.135   1.00 29.52 ? 390 HOH A O   1 
HETATM 1425 O O   . HOH C 3 .   ? -11.137 -8.021  1.660   1.00 32.05 ? 391 HOH A O   1 
HETATM 1426 O O   . HOH C 3 .   ? -7.997  -3.060  -22.343 1.00 22.45 ? 392 HOH A O   1 
HETATM 1427 O O   . HOH C 3 .   ? 12.839  7.612   12.587  1.00 29.35 ? 393 HOH A O   1 
HETATM 1428 O O   . HOH C 3 .   ? -18.660 -5.905  -7.368  1.00 37.22 ? 394 HOH A O   1 
HETATM 1429 O O   . HOH C 3 .   ? 20.112  -2.363  0.529   1.00 31.87 ? 395 HOH A O   1 
HETATM 1430 O O   . HOH C 3 .   ? -1.332  8.029   -17.641 1.00 31.59 ? 396 HOH A O   1 
HETATM 1431 O O   . HOH C 3 .   ? 18.522  2.523   3.021   1.00 35.31 ? 397 HOH A O   1 
HETATM 1432 O O   . HOH C 3 .   ? 9.012   -9.104  0.785   1.00 24.40 ? 398 HOH A O   1 
HETATM 1433 O O   . HOH C 3 .   ? -7.002  6.499   -18.646 1.00 30.23 ? 399 HOH A O   1 
HETATM 1434 O O   . HOH C 3 .   ? 1.649   2.367   -22.494 1.00 44.07 ? 400 HOH A O   1 
HETATM 1435 O O   . HOH C 3 .   ? 0.415   12.391  -7.107  1.00 33.31 ? 401 HOH A O   1 
HETATM 1436 O O   . HOH C 3 .   ? 11.790  15.024  -1.981  1.00 33.25 ? 402 HOH A O   1 
HETATM 1437 O O   . HOH C 3 .   ? -10.462 0.434   -19.362 1.00 31.34 ? 403 HOH A O   1 
HETATM 1438 O O   . HOH C 3 .   ? 1.556   -5.096  -14.379 1.00 26.58 ? 404 HOH A O   1 
HETATM 1439 O O   . HOH C 3 .   ? -0.687  -12.869 -9.042  1.00 27.93 ? 405 HOH A O   1 
HETATM 1440 O O   . HOH C 3 .   ? -13.031 5.422   13.445  1.00 27.32 ? 406 HOH A O   1 
HETATM 1441 O O   . HOH C 3 .   ? -1.419  1.601   -22.277 1.00 30.60 ? 407 HOH A O   1 
HETATM 1442 O O   . HOH C 3 .   ? 17.927  3.266   5.143   1.00 32.85 ? 408 HOH A O   1 
HETATM 1443 O O   . HOH C 3 .   ? -14.173 -3.289  -19.379 1.00 36.95 ? 409 HOH A O   1 
HETATM 1444 O O   . HOH C 3 .   ? 8.503   9.210   12.150  1.00 27.13 ? 410 HOH A O   1 
HETATM 1445 O O   . HOH C 3 .   ? -11.124 3.867   14.441  1.00 28.28 ? 411 HOH A O   1 
HETATM 1446 O O   . HOH C 3 .   ? 15.722  -9.077  -12.854 1.00 46.34 ? 412 HOH A O   1 
HETATM 1447 O O   . HOH C 3 .   ? -0.201  -14.554 -1.461  1.00 33.59 ? 413 HOH A O   1 
HETATM 1448 O O   . HOH C 3 .   ? 4.063   12.975  5.967   1.00 30.35 ? 414 HOH A O   1 
HETATM 1449 O O   . HOH C 3 .   ? -4.381  12.676  -7.345  1.00 22.89 ? 415 HOH A O   1 
HETATM 1450 O O   . HOH C 3 .   ? -4.529  6.311   -18.867 1.00 25.62 ? 416 HOH A O   1 
HETATM 1451 O O   . HOH C 3 .   ? -16.638 -2.226  5.346   1.00 26.98 ? 417 HOH A O   1 
HETATM 1452 O O   . HOH C 3 .   ? 19.642  -8.610  -5.601  1.00 35.51 ? 418 HOH A O   1 
HETATM 1453 O O   . HOH C 3 .   ? 5.905   8.480   13.093  1.00 16.69 ? 419 HOH A O   1 
HETATM 1454 O O   . HOH C 3 .   ? 11.502  -8.499  0.585   1.00 25.51 ? 420 HOH A O   1 
HETATM 1455 O O   . HOH C 3 .   ? 6.673   -10.768 -2.490  1.00 32.00 ? 421 HOH A O   1 
HETATM 1456 O O   . HOH C 3 .   ? 6.652   17.307  -6.010  1.00 42.68 ? 422 HOH A O   1 
HETATM 1457 O O   . HOH C 3 .   ? -5.427  3.753   19.364  1.00 34.51 ? 423 HOH A O   1 
HETATM 1458 O O   . HOH C 3 .   ? -11.936 1.604   15.577  1.00 30.78 ? 424 HOH A O   1 
HETATM 1459 O O   . HOH C 3 .   ? 16.032  14.723  2.882   1.00 30.26 ? 425 HOH A O   1 
HETATM 1460 O O   . HOH C 3 .   ? -14.119 -8.235  10.157  1.00 41.09 ? 426 HOH A O   1 
HETATM 1461 O O   . HOH C 3 .   ? -5.844  -12.056 -3.587  1.00 33.44 ? 427 HOH A O   1 
HETATM 1462 O O   . HOH C 3 .   ? 4.666   5.351   -10.211 1.00 24.33 ? 428 HOH A O   1 
HETATM 1463 O O   . HOH C 3 .   ? 1.440   17.421  -3.931  1.00 32.66 ? 429 HOH A O   1 
HETATM 1464 O O   . HOH C 3 .   ? 21.320  0.797   -3.081  1.00 31.60 ? 430 HOH A O   1 
HETATM 1465 O O   . HOH C 3 .   ? -20.482 -9.045  -4.954  1.00 45.38 ? 431 HOH A O   1 
HETATM 1466 O O   . HOH C 3 .   ? 0.333   -0.072  17.325  1.00 37.50 ? 432 HOH A O   1 
HETATM 1467 O O   . HOH C 3 .   ? 0.157   -12.533 4.242   1.00 31.66 ? 433 HOH A O   1 
HETATM 1468 O O   . HOH C 3 .   ? -14.750 -2.766  11.160  1.00 34.40 ? 434 HOH A O   1 
HETATM 1469 O O   . HOH C 3 .   ? 0.356   18.539  -1.482  1.00 38.53 ? 435 HOH A O   1 
HETATM 1470 O O   . HOH C 3 .   ? 12.877  10.637  -11.272 1.00 42.45 ? 436 HOH A O   1 
HETATM 1471 O O   . HOH C 3 .   ? 21.942  -12.061 -6.805  1.00 33.85 ? 437 HOH A O   1 
HETATM 1472 O O   . HOH C 3 .   ? 3.161   2.565   17.230  1.00 41.07 ? 438 HOH A O   1 
HETATM 1473 O O   . HOH C 3 .   ? 9.200   -8.504  -15.261 1.00 29.66 ? 439 HOH A O   1 
HETATM 1474 O O   . HOH C 3 .   ? -0.958  -13.177 1.657   1.00 35.27 ? 440 HOH A O   1 
HETATM 1475 O O   . HOH C 3 .   ? 3.410   5.235   -14.030 1.00 31.26 ? 441 HOH A O   1 
HETATM 1476 O O   . HOH C 3 .   ? 13.790  -3.202  -15.466 0.50 23.05 ? 442 HOH A O   1 
HETATM 1477 O O   . HOH C 3 .   ? -12.752 6.491   -7.182  1.00 24.39 ? 443 HOH A O   1 
HETATM 1478 O O   . HOH C 3 .   ? 2.310   -21.701 2.478   1.00 26.14 ? 444 HOH A O   1 
HETATM 1479 O O   . HOH C 3 .   ? 4.531   -4.080  11.067  1.00 18.34 ? 445 HOH A O   1 
HETATM 1480 O O   . HOH C 3 .   ? -21.374 4.195   -6.113  1.00 33.11 ? 446 HOH A O   1 
HETATM 1481 O O   . HOH C 3 .   ? 6.345   -6.259  11.992  1.00 32.55 ? 447 HOH A O   1 
HETATM 1482 O O   . HOH C 3 .   ? 1.552   -9.249  -14.929 1.00 23.32 ? 448 HOH A O   1 
HETATM 1483 O O   . HOH C 3 .   ? -5.138  -8.650  -14.367 1.00 31.43 ? 449 HOH A O   1 
HETATM 1484 O O   . HOH C 3 .   ? -2.386  -5.192  5.945   1.00 37.05 ? 450 HOH A O   1 
HETATM 1485 O O   . HOH C 3 .   ? 12.310  16.088  -0.025  1.00 32.05 ? 451 HOH A O   1 
HETATM 1486 O O   . HOH C 3 .   ? -1.266  -14.540 -7.238  1.00 33.18 ? 452 HOH A O   1 
HETATM 1487 O O   . HOH C 3 .   ? 12.764  13.326  -6.539  1.00 35.27 ? 453 HOH A O   1 
HETATM 1488 O O   . HOH C 3 .   ? 19.097  13.275  3.277   1.00 32.17 ? 454 HOH A O   1 
HETATM 1489 O O   . HOH C 3 .   ? 19.476  -4.485  -1.034  1.00 33.50 ? 455 HOH A O   1 
HETATM 1490 O O   . HOH C 3 .   ? -3.377  8.034   22.342  1.00 39.49 ? 456 HOH A O   1 
HETATM 1491 O O   . HOH C 3 .   ? -12.809 -7.613  -3.542  1.00 38.39 ? 457 HOH A O   1 
HETATM 1492 O O   . HOH C 3 .   ? 5.361   -10.064 5.613   1.00 53.53 ? 458 HOH A O   1 
HETATM 1493 O O   . HOH C 3 .   ? -19.571 3.738   2.623   1.00 37.27 ? 459 HOH A O   1 
HETATM 1494 O O   . HOH C 3 .   ? -17.322 7.725   10.812  1.00 29.23 ? 460 HOH A O   1 
HETATM 1495 O O   . HOH C 3 .   ? -15.704 8.901   7.615   1.00 35.40 ? 461 HOH A O   1 
HETATM 1496 O O   . HOH C 3 .   ? -13.005 7.972   6.768   1.00 28.76 ? 462 HOH A O   1 
HETATM 1497 O O   . HOH C 3 .   ? 13.784  -7.755  2.222   1.00 17.77 ? 463 HOH A O   1 
HETATM 1498 O O   . HOH C 3 .   ? 13.120  -11.129 0.904   1.00 37.55 ? 464 HOH A O   1 
HETATM 1499 O O   . HOH C 3 .   ? 6.814   -12.600 -3.912  1.00 33.78 ? 465 HOH A O   1 
HETATM 1500 O O   . HOH C 3 .   ? -3.265  12.278  8.681   1.00 31.92 ? 466 HOH A O   1 
HETATM 1501 O O   . HOH C 3 .   ? -8.521  6.765   16.959  1.00 32.05 ? 467 HOH A O   1 
HETATM 1502 O O   . HOH C 3 .   ? -11.573 11.513  -3.046  1.00 30.43 ? 468 HOH A O   1 
HETATM 1503 O O   . HOH C 3 .   ? 0.799   -9.718  -11.591 1.00 30.24 ? 469 HOH A O   1 
HETATM 1504 O O   . HOH C 3 .   ? 9.858   -2.282  -19.226 0.50 31.18 ? 470 HOH A O   1 
HETATM 1505 O O   . HOH C 3 .   ? -14.596 9.989   -2.307  1.00 34.03 ? 471 HOH A O   1 
# 
loop_
_pdbx_poly_seq_scheme.asym_id 
_pdbx_poly_seq_scheme.entity_id 
_pdbx_poly_seq_scheme.seq_id 
_pdbx_poly_seq_scheme.mon_id 
_pdbx_poly_seq_scheme.ndb_seq_num 
_pdbx_poly_seq_scheme.pdb_seq_num 
_pdbx_poly_seq_scheme.auth_seq_num 
_pdbx_poly_seq_scheme.pdb_mon_id 
_pdbx_poly_seq_scheme.auth_mon_id 
_pdbx_poly_seq_scheme.pdb_strand_id 
_pdbx_poly_seq_scheme.pdb_ins_code 
_pdbx_poly_seq_scheme.hetero 
A 1 1   THR 1   1   1   THR THR A . n 
A 1 2   VAL 2   2   2   VAL VAL A . n 
A 1 3   ALA 3   3   3   ALA ALA A . n 
A 1 4   TYR 4   4   4   TYR TYR A . n 
A 1 5   ILE 5   5   5   ILE ILE A . n 
A 1 6   ALA 6   6   6   ALA ALA A . n 
A 1 7   ILE 7   7   7   ILE ILE A . n 
A 1 8   GLY 8   8   8   GLY GLY A . n 
A 1 9   SER 9   9   9   SER SER A . n 
A 1 10  ASN 10  10  10  ASN ASN A . n 
A 1 11  LEU 11  11  11  LEU LEU A . n 
A 1 12  ALA 12  12  12  ALA ALA A . n 
A 1 13  SER 13  13  13  SER SER A . n 
A 1 14  PRO 14  14  14  PRO PRO A . n 
A 1 15  LEU 15  15  15  LEU LEU A . n 
A 1 16  GLU 16  16  16  GLU GLU A . n 
A 1 17  GLN 17  17  17  GLN GLN A . n 
A 1 18  VAL 18  18  18  VAL VAL A . n 
A 1 19  ASN 19  19  19  ASN ASN A . n 
A 1 20  ALA 20  20  20  ALA ALA A . n 
A 1 21  ALA 21  21  21  ALA ALA A . n 
A 1 22  LEU 22  22  22  LEU LEU A . n 
A 1 23  LYS 23  23  23  LYS LYS A . n 
A 1 24  ALA 24  24  24  ALA ALA A . n 
A 1 25  LEU 25  25  25  LEU LEU A . n 
A 1 26  GLY 26  26  26  GLY GLY A . n 
A 1 27  ASP 27  27  27  ASP ASP A . n 
A 1 28  ILE 28  28  28  ILE ILE A . n 
A 1 29  PRO 29  29  29  PRO PRO A . n 
A 1 30  GLU 30  30  30  GLU GLU A . n 
A 1 31  SER 31  31  31  SER SER A . n 
A 1 32  HIS 32  32  32  HIS HIS A . n 
A 1 33  ILE 33  33  33  ILE ILE A . n 
A 1 34  LEU 34  34  34  LEU LEU A . n 
A 1 35  THR 35  35  35  THR THR A . n 
A 1 36  VAL 36  36  36  VAL VAL A . n 
A 1 37  SER 37  37  37  SER SER A . n 
A 1 38  SER 38  38  38  SER SER A . n 
A 1 39  PHE 39  39  39  PHE PHE A . n 
A 1 40  TYR 40  40  40  TYR TYR A . n 
A 1 41  ARG 41  41  41  ARG ARG A . n 
A 1 42  THR 42  42  42  THR THR A . n 
A 1 43  PRO 43  43  43  PRO PRO A . n 
A 1 44  PRO 44  44  44  PRO PRO A . n 
A 1 45  LEU 45  45  45  LEU LEU A . n 
A 1 46  GLY 46  46  46  GLY GLY A . n 
A 1 47  PRO 47  47  47  PRO PRO A . n 
A 1 48  GLN 48  48  48  GLN GLN A . n 
A 1 49  ASP 49  49  49  ASP ASP A . n 
A 1 50  GLN 50  50  50  GLN GLN A . n 
A 1 51  PRO 51  51  51  PRO PRO A . n 
A 1 52  ASP 52  52  52  ASP ASP A . n 
A 1 53  TYR 53  53  53  TYR TYR A . n 
A 1 54  LEU 54  54  54  LEU LEU A . n 
A 1 55  ASN 55  55  55  ASN ASN A . n 
A 1 56  ALA 56  56  56  ALA ALA A . n 
A 1 57  ALA 57  57  57  ALA ALA A . n 
A 1 58  VAL 58  58  58  VAL VAL A . n 
A 1 59  ALA 59  59  59  ALA ALA A . n 
A 1 60  LEU 60  60  60  LEU LEU A . n 
A 1 61  GLU 61  61  61  GLU GLU A . n 
A 1 62  THR 62  62  62  THR THR A . n 
A 1 63  SER 63  63  63  SER SER A . n 
A 1 64  LEU 64  64  64  LEU LEU A . n 
A 1 65  ALA 65  65  65  ALA ALA A . n 
A 1 66  PRO 66  66  66  PRO PRO A . n 
A 1 67  GLU 67  67  67  GLU GLU A . n 
A 1 68  GLU 68  68  68  GLU GLU A . n 
A 1 69  LEU 69  69  69  LEU LEU A . n 
A 1 70  LEU 70  70  70  LEU LEU A . n 
A 1 71  ASN 71  71  71  ASN ASN A . n 
A 1 72  HIS 72  72  72  HIS HIS A . n 
A 1 73  THR 73  73  73  THR THR A . n 
A 1 74  GLN 74  74  74  GLN GLN A . n 
A 1 75  ARG 75  75  75  ARG ARG A . n 
A 1 76  ILE 76  76  76  ILE ILE A . n 
A 1 77  GLU 77  77  77  GLU GLU A . n 
A 1 78  LEU 78  78  78  LEU LEU A . n 
A 1 79  GLN 79  79  79  GLN GLN A . n 
A 1 80  GLN 80  80  80  GLN GLN A . n 
A 1 81  GLY 81  81  81  GLY GLY A . n 
A 1 82  ARG 82  82  82  ARG ARG A . n 
A 1 83  VAL 83  83  83  VAL VAL A . n 
A 1 84  ARG 84  84  84  ARG ARG A . n 
A 1 85  LYS 85  85  85  LYS LYS A . n 
A 1 86  ALA 86  86  86  ALA ALA A . n 
A 1 87  GLU 87  87  87  GLU GLU A . n 
A 1 88  ARG 88  88  88  ARG ARG A . n 
A 1 89  TRP 89  89  89  TRP TRP A . n 
A 1 90  GLY 90  90  90  GLY GLY A . n 
A 1 91  PRO 91  91  91  PRO PRO A . n 
A 1 92  ARG 92  92  92  ARG ARG A . n 
A 1 93  THR 93  93  93  THR THR A . n 
A 1 94  LEU 94  94  94  LEU LEU A . n 
A 1 95  ASP 95  95  95  ASP ASP A . n 
A 1 96  LEU 96  96  96  LEU LEU A . n 
A 1 97  ASP 97  97  97  ASP ASP A . n 
A 1 98  ILE 98  98  98  ILE ILE A . n 
A 1 99  MET 99  99  99  MET MET A . n 
A 1 100 LEU 100 100 100 LEU LEU A . n 
A 1 101 PHE 101 101 101 PHE PHE A . n 
A 1 102 GLY 102 102 102 GLY GLY A . n 
A 1 103 ASN 103 103 103 ASN ASN A . n 
A 1 104 GLU 104 104 104 GLU GLU A . n 
A 1 105 VAL 105 105 105 VAL VAL A . n 
A 1 106 ILE 106 106 106 ILE ILE A . n 
A 1 107 ASN 107 107 107 ASN ASN A . n 
A 1 108 THR 108 108 108 THR THR A . n 
A 1 109 GLU 109 109 109 GLU GLU A . n 
A 1 110 ARG 110 110 110 ARG ARG A . n 
A 1 111 LEU 111 111 111 LEU LEU A . n 
A 1 112 THR 112 112 112 THR THR A . n 
A 1 113 VAL 113 113 113 VAL VAL A . n 
A 1 114 PRO 114 114 114 PRO PRO A . n 
A 1 115 HIS 115 115 115 HIS HIS A . n 
A 1 116 TYR 116 116 116 TYR TYR A . n 
A 1 117 ASP 117 117 117 ASP ASP A . n 
A 1 118 MET 118 118 118 MET MET A . n 
A 1 119 LYS 119 119 119 LYS LYS A . n 
A 1 120 ASN 120 120 120 ASN ASN A . n 
A 1 121 ARG 121 121 121 ARG ARG A . n 
A 1 122 GLY 122 122 122 GLY GLY A . n 
A 1 123 PHE 123 123 123 PHE PHE A . n 
A 1 124 MET 124 124 124 MET MET A . n 
A 1 125 LEU 125 125 125 LEU LEU A . n 
A 1 126 TRP 126 126 126 TRP TRP A . n 
A 1 127 PRO 127 127 127 PRO PRO A . n 
A 1 128 LEU 128 128 128 LEU LEU A . n 
A 1 129 PHE 129 129 129 PHE PHE A . n 
A 1 130 GLU 130 130 130 GLU GLU A . n 
A 1 131 ILE 131 131 131 ILE ILE A . n 
A 1 132 ALA 132 132 132 ALA ALA A . n 
A 1 133 PRO 133 133 133 PRO PRO A . n 
A 1 134 GLU 134 134 134 GLU GLU A . n 
A 1 135 LEU 135 135 135 LEU LEU A . n 
A 1 136 VAL 136 136 136 VAL VAL A . n 
A 1 137 PHE 137 137 137 PHE PHE A . n 
A 1 138 PRO 138 138 138 PRO PRO A . n 
A 1 139 ASP 139 139 139 ASP ASP A . n 
A 1 140 GLY 140 140 140 GLY GLY A . n 
A 1 141 GLU 141 141 141 GLU GLU A . n 
A 1 142 MET 142 142 142 MET MET A . n 
A 1 143 LEU 143 143 143 LEU LEU A . n 
A 1 144 ARG 144 144 144 ARG ARG A . n 
A 1 145 GLN 145 145 145 GLN GLN A . n 
A 1 146 ILE 146 146 146 ILE ILE A . n 
A 1 147 LEU 147 147 147 LEU LEU A . n 
A 1 148 HIS 148 148 148 HIS HIS A . n 
A 1 149 THR 149 149 149 THR THR A . n 
A 1 150 ARG 150 150 150 ARG ARG A . n 
A 1 151 ALA 151 151 151 ALA ALA A . n 
A 1 152 PHE 152 152 152 PHE PHE A . n 
A 1 153 ASP 153 153 153 ASP ASP A . n 
A 1 154 LYS 154 154 154 LYS LYS A . n 
A 1 155 LEU 155 155 155 LEU LEU A . n 
A 1 156 ASN 156 156 156 ASN ASN A . n 
A 1 157 LYS 157 157 157 LYS LYS A . n 
A 1 158 TRP 158 158 158 TRP TRP A . n 
# 
loop_
_pdbx_nonpoly_scheme.asym_id 
_pdbx_nonpoly_scheme.entity_id 
_pdbx_nonpoly_scheme.mon_id 
_pdbx_nonpoly_scheme.ndb_seq_num 
_pdbx_nonpoly_scheme.pdb_seq_num 
_pdbx_nonpoly_scheme.auth_seq_num 
_pdbx_nonpoly_scheme.pdb_mon_id 
_pdbx_nonpoly_scheme.auth_mon_id 
_pdbx_nonpoly_scheme.pdb_strand_id 
_pdbx_nonpoly_scheme.pdb_ins_code 
B 2 J1D 1   201 171 J1D J1D A . 
C 3 HOH 1   301 201 HOH HOH A . 
C 3 HOH 2   302 202 HOH HOH A . 
C 3 HOH 3   303 203 HOH HOH A . 
C 3 HOH 4   304 204 HOH HOH A . 
C 3 HOH 5   305 205 HOH HOH A . 
C 3 HOH 6   306 206 HOH HOH A . 
C 3 HOH 7   307 207 HOH HOH A . 
C 3 HOH 8   308 208 HOH HOH A . 
C 3 HOH 9   309 209 HOH HOH A . 
C 3 HOH 10  310 210 HOH HOH A . 
C 3 HOH 11  311 211 HOH HOH A . 
C 3 HOH 12  312 212 HOH HOH A . 
C 3 HOH 13  313 213 HOH HOH A . 
C 3 HOH 14  314 214 HOH HOH A . 
C 3 HOH 15  315 215 HOH HOH A . 
C 3 HOH 16  316 216 HOH HOH A . 
C 3 HOH 17  317 217 HOH HOH A . 
C 3 HOH 18  318 218 HOH HOH A . 
C 3 HOH 19  319 219 HOH HOH A . 
C 3 HOH 20  320 220 HOH HOH A . 
C 3 HOH 21  321 221 HOH HOH A . 
C 3 HOH 22  322 222 HOH HOH A . 
C 3 HOH 23  323 223 HOH HOH A . 
C 3 HOH 24  324 224 HOH HOH A . 
C 3 HOH 25  325 225 HOH HOH A . 
C 3 HOH 26  326 226 HOH HOH A . 
C 3 HOH 27  327 227 HOH HOH A . 
C 3 HOH 28  328 228 HOH HOH A . 
C 3 HOH 29  329 229 HOH HOH A . 
C 3 HOH 30  330 230 HOH HOH A . 
C 3 HOH 31  331 231 HOH HOH A . 
C 3 HOH 32  332 232 HOH HOH A . 
C 3 HOH 33  333 233 HOH HOH A . 
C 3 HOH 34  334 234 HOH HOH A . 
C 3 HOH 35  335 235 HOH HOH A . 
C 3 HOH 36  336 236 HOH HOH A . 
C 3 HOH 37  337 237 HOH HOH A . 
C 3 HOH 38  338 238 HOH HOH A . 
C 3 HOH 39  339 239 HOH HOH A . 
C 3 HOH 40  340 240 HOH HOH A . 
C 3 HOH 41  341 241 HOH HOH A . 
C 3 HOH 42  342 242 HOH HOH A . 
C 3 HOH 43  343 243 HOH HOH A . 
C 3 HOH 44  344 244 HOH HOH A . 
C 3 HOH 45  345 245 HOH HOH A . 
C 3 HOH 46  346 246 HOH HOH A . 
C 3 HOH 47  347 247 HOH HOH A . 
C 3 HOH 48  348 248 HOH HOH A . 
C 3 HOH 49  349 249 HOH HOH A . 
C 3 HOH 50  350 250 HOH HOH A . 
C 3 HOH 51  351 251 HOH HOH A . 
C 3 HOH 52  352 252 HOH HOH A . 
C 3 HOH 53  353 253 HOH HOH A . 
C 3 HOH 54  354 254 HOH HOH A . 
C 3 HOH 55  355 255 HOH HOH A . 
C 3 HOH 56  356 256 HOH HOH A . 
C 3 HOH 57  357 257 HOH HOH A . 
C 3 HOH 58  358 258 HOH HOH A . 
C 3 HOH 59  359 259 HOH HOH A . 
C 3 HOH 60  360 260 HOH HOH A . 
C 3 HOH 61  361 261 HOH HOH A . 
C 3 HOH 62  362 262 HOH HOH A . 
C 3 HOH 63  363 263 HOH HOH A . 
C 3 HOH 64  364 264 HOH HOH A . 
C 3 HOH 65  365 265 HOH HOH A . 
C 3 HOH 66  366 266 HOH HOH A . 
C 3 HOH 67  367 267 HOH HOH A . 
C 3 HOH 68  368 268 HOH HOH A . 
C 3 HOH 69  369 269 HOH HOH A . 
C 3 HOH 70  370 270 HOH HOH A . 
C 3 HOH 71  371 271 HOH HOH A . 
C 3 HOH 72  372 272 HOH HOH A . 
C 3 HOH 73  373 273 HOH HOH A . 
C 3 HOH 74  374 274 HOH HOH A . 
C 3 HOH 75  375 275 HOH HOH A . 
C 3 HOH 76  376 276 HOH HOH A . 
C 3 HOH 77  377 277 HOH HOH A . 
C 3 HOH 78  378 278 HOH HOH A . 
C 3 HOH 79  379 279 HOH HOH A . 
C 3 HOH 80  380 280 HOH HOH A . 
C 3 HOH 81  381 281 HOH HOH A . 
C 3 HOH 82  382 282 HOH HOH A . 
C 3 HOH 83  383 283 HOH HOH A . 
C 3 HOH 84  384 284 HOH HOH A . 
C 3 HOH 85  385 285 HOH HOH A . 
C 3 HOH 86  386 286 HOH HOH A . 
C 3 HOH 87  387 287 HOH HOH A . 
C 3 HOH 88  388 288 HOH HOH A . 
C 3 HOH 89  389 289 HOH HOH A . 
C 3 HOH 90  390 290 HOH HOH A . 
C 3 HOH 91  391 291 HOH HOH A . 
C 3 HOH 92  392 292 HOH HOH A . 
C 3 HOH 93  393 293 HOH HOH A . 
C 3 HOH 94  394 294 HOH HOH A . 
C 3 HOH 95  395 295 HOH HOH A . 
C 3 HOH 96  396 296 HOH HOH A . 
C 3 HOH 97  397 297 HOH HOH A . 
C 3 HOH 98  398 298 HOH HOH A . 
C 3 HOH 99  399 299 HOH HOH A . 
C 3 HOH 100 400 300 HOH HOH A . 
C 3 HOH 101 401 301 HOH HOH A . 
C 3 HOH 102 402 302 HOH HOH A . 
C 3 HOH 103 403 303 HOH HOH A . 
C 3 HOH 104 404 304 HOH HOH A . 
C 3 HOH 105 405 305 HOH HOH A . 
C 3 HOH 106 406 306 HOH HOH A . 
C 3 HOH 107 407 307 HOH HOH A . 
C 3 HOH 108 408 308 HOH HOH A . 
C 3 HOH 109 409 309 HOH HOH A . 
C 3 HOH 110 410 310 HOH HOH A . 
C 3 HOH 111 411 311 HOH HOH A . 
C 3 HOH 112 412 312 HOH HOH A . 
C 3 HOH 113 413 313 HOH HOH A . 
C 3 HOH 114 414 314 HOH HOH A . 
C 3 HOH 115 415 315 HOH HOH A . 
C 3 HOH 116 416 316 HOH HOH A . 
C 3 HOH 117 417 317 HOH HOH A . 
C 3 HOH 118 418 318 HOH HOH A . 
C 3 HOH 119 419 319 HOH HOH A . 
C 3 HOH 120 420 320 HOH HOH A . 
C 3 HOH 121 421 321 HOH HOH A . 
C 3 HOH 122 422 322 HOH HOH A . 
C 3 HOH 123 423 323 HOH HOH A . 
C 3 HOH 124 424 324 HOH HOH A . 
C 3 HOH 125 425 325 HOH HOH A . 
C 3 HOH 126 426 326 HOH HOH A . 
C 3 HOH 127 427 327 HOH HOH A . 
C 3 HOH 128 428 328 HOH HOH A . 
C 3 HOH 129 429 329 HOH HOH A . 
C 3 HOH 130 430 330 HOH HOH A . 
C 3 HOH 131 431 331 HOH HOH A . 
C 3 HOH 132 432 332 HOH HOH A . 
C 3 HOH 133 433 333 HOH HOH A . 
C 3 HOH 134 434 334 HOH HOH A . 
C 3 HOH 135 435 335 HOH HOH A . 
C 3 HOH 136 436 336 HOH HOH A . 
C 3 HOH 137 437 337 HOH HOH A . 
C 3 HOH 138 438 338 HOH HOH A . 
C 3 HOH 139 439 339 HOH HOH A . 
C 3 HOH 140 440 340 HOH HOH A . 
C 3 HOH 141 441 341 HOH HOH A . 
C 3 HOH 142 442 342 HOH HOH A . 
C 3 HOH 143 443 343 HOH HOH A . 
C 3 HOH 144 444 344 HOH HOH A . 
C 3 HOH 145 445 345 HOH HOH A . 
C 3 HOH 146 446 346 HOH HOH A . 
C 3 HOH 147 447 347 HOH HOH A . 
C 3 HOH 148 448 348 HOH HOH A . 
C 3 HOH 149 449 349 HOH HOH A . 
C 3 HOH 150 450 350 HOH HOH A . 
C 3 HOH 151 451 351 HOH HOH A . 
C 3 HOH 152 452 352 HOH HOH A . 
C 3 HOH 153 453 353 HOH HOH A . 
C 3 HOH 154 454 354 HOH HOH A . 
C 3 HOH 155 455 355 HOH HOH A . 
C 3 HOH 156 456 356 HOH HOH A . 
C 3 HOH 157 457 357 HOH HOH A . 
C 3 HOH 158 458 358 HOH HOH A . 
C 3 HOH 159 459 359 HOH HOH A . 
C 3 HOH 160 460 360 HOH HOH A . 
C 3 HOH 161 461 361 HOH HOH A . 
C 3 HOH 162 462 362 HOH HOH A . 
C 3 HOH 163 463 363 HOH HOH A . 
C 3 HOH 164 464 364 HOH HOH A . 
C 3 HOH 165 465 365 HOH HOH A . 
C 3 HOH 166 466 366 HOH HOH A . 
C 3 HOH 167 467 367 HOH HOH A . 
C 3 HOH 168 468 368 HOH HOH A . 
C 3 HOH 169 469 369 HOH HOH A . 
C 3 HOH 170 470 370 HOH HOH A . 
C 3 HOH 171 471 371 HOH HOH A . 
# 
_pdbx_struct_assembly.id                   1 
_pdbx_struct_assembly.details              author_and_software_defined_assembly 
_pdbx_struct_assembly.method_details       PISA 
_pdbx_struct_assembly.oligomeric_details   monomeric 
_pdbx_struct_assembly.oligomeric_count     1 
# 
_pdbx_struct_assembly_gen.assembly_id       1 
_pdbx_struct_assembly_gen.oper_expression   1 
_pdbx_struct_assembly_gen.asym_id_list      A,B,C 
# 
_pdbx_struct_oper_list.id                   1 
_pdbx_struct_oper_list.type                 'identity operation' 
_pdbx_struct_oper_list.name                 1_555 
_pdbx_struct_oper_list.symmetry_operation   x,y,z 
_pdbx_struct_oper_list.matrix[1][1]         1.0000000000 
_pdbx_struct_oper_list.matrix[1][2]         0.0000000000 
_pdbx_struct_oper_list.matrix[1][3]         0.0000000000 
_pdbx_struct_oper_list.vector[1]            0.0000000000 
_pdbx_struct_oper_list.matrix[2][1]         0.0000000000 
_pdbx_struct_oper_list.matrix[2][2]         1.0000000000 
_pdbx_struct_oper_list.matrix[2][3]         0.0000000000 
_pdbx_struct_oper_list.vector[2]            0.0000000000 
_pdbx_struct_oper_list.matrix[3][1]         0.0000000000 
_pdbx_struct_oper_list.matrix[3][2]         0.0000000000 
_pdbx_struct_oper_list.matrix[3][3]         1.0000000000 
_pdbx_struct_oper_list.vector[3]            0.0000000000 
# 
loop_
_pdbx_struct_special_symmetry.id 
_pdbx_struct_special_symmetry.PDB_model_num 
_pdbx_struct_special_symmetry.auth_asym_id 
_pdbx_struct_special_symmetry.auth_comp_id 
_pdbx_struct_special_symmetry.auth_seq_id 
_pdbx_struct_special_symmetry.PDB_ins_code 
_pdbx_struct_special_symmetry.label_asym_id 
_pdbx_struct_special_symmetry.label_comp_id 
_pdbx_struct_special_symmetry.label_seq_id 
1 1 A HOH 442 ? C HOH . 
2 1 A HOH 470 ? C HOH . 
# 
loop_
_pdbx_audit_revision_history.ordinal 
_pdbx_audit_revision_history.data_content_type 
_pdbx_audit_revision_history.major_revision 
_pdbx_audit_revision_history.minor_revision 
_pdbx_audit_revision_history.revision_date 
1 'Structure model' 1 0 2012-07-11 
2 'Structure model' 1 1 2012-07-25 
3 'Structure model' 1 2 2023-08-30 
4 'Structure model' 1 3 2023-09-13 
# 
_pdbx_audit_revision_details.ordinal             1 
_pdbx_audit_revision_details.revision_ordinal    1 
_pdbx_audit_revision_details.data_content_type   'Structure model' 
_pdbx_audit_revision_details.provider            repository 
_pdbx_audit_revision_details.type                'Initial release' 
_pdbx_audit_revision_details.description         ? 
_pdbx_audit_revision_details.details             ? 
# 
loop_
_pdbx_audit_revision_group.ordinal 
_pdbx_audit_revision_group.revision_ordinal 
_pdbx_audit_revision_group.data_content_type 
_pdbx_audit_revision_group.group 
1 2 'Structure model' 'Database references'    
2 3 'Structure model' 'Data collection'        
3 3 'Structure model' 'Database references'    
4 3 'Structure model' 'Derived calculations'   
5 3 'Structure model' 'Structure summary'      
6 4 'Structure model' 'Refinement description' 
# 
loop_
_pdbx_audit_revision_category.ordinal 
_pdbx_audit_revision_category.revision_ordinal 
_pdbx_audit_revision_category.data_content_type 
_pdbx_audit_revision_category.category 
1 3 'Structure model' audit_author                  
2 3 'Structure model' chem_comp_atom                
3 3 'Structure model' chem_comp_bond                
4 3 'Structure model' citation_author               
5 3 'Structure model' database_2                    
6 3 'Structure model' struct_site                   
7 4 'Structure model' pdbx_initial_refinement_model 
# 
loop_
_pdbx_audit_revision_item.ordinal 
_pdbx_audit_revision_item.revision_ordinal 
_pdbx_audit_revision_item.data_content_type 
_pdbx_audit_revision_item.item 
1 3 'Structure model' '_audit_author.identifier_ORCID'      
2 3 'Structure model' '_citation_author.identifier_ORCID'   
3 3 'Structure model' '_database_2.pdbx_DOI'                
4 3 'Structure model' '_database_2.pdbx_database_accession' 
5 3 'Structure model' '_struct_site.pdbx_auth_asym_id'      
6 3 'Structure model' '_struct_site.pdbx_auth_comp_id'      
7 3 'Structure model' '_struct_site.pdbx_auth_seq_id'       
# 
_phasing.method   MR 
# 
loop_
_software.pdbx_ordinal 
_software.name 
_software.version 
_software.date 
_software.type 
_software.contact_author 
_software.contact_author_email 
_software.classification 
_software.location 
_software.language 
_software.citation_id 
1 SCALEPACK   .         ?                program 'Zbyszek Otwinowski' hkl@hkl-xray.com            'data scaling'    
http://www.hkl-xray.com/                    ?   ? 
2 PHASER      .         ?                program 'Randy J. Read'      cimr-phaser@lists.cam.ac.uk phasing           
http://www-structmed.cimr.cam.ac.uk/phaser/ ?   ? 
3 PHENIX      1.7.2_869 ?                package 'Paul D. Adams'      PDAdams@lbl.gov             refinement        
http://www.phenix-online.org/               C++ ? 
4 PDB_EXTRACT 3.11      'April 22, 2011' package PDB                  deposit@deposit.rcsb.org    'data extraction' 
http://sw-tools.pdb.org/apps/PDB_EXTRACT/   C++ ? 
5 MAR345dtb   .         ?                ?       ?                    ?                           'data collection' ? ?   ? 
6 HKL-2000    .         ?                ?       ?                    ?                           'data reduction'  ? ?   ? 
# 
loop_
_pdbx_validate_torsion.id 
_pdbx_validate_torsion.PDB_model_num 
_pdbx_validate_torsion.auth_comp_id 
_pdbx_validate_torsion.auth_asym_id 
_pdbx_validate_torsion.auth_seq_id 
_pdbx_validate_torsion.PDB_ins_code 
_pdbx_validate_torsion.label_alt_id 
_pdbx_validate_torsion.phi 
_pdbx_validate_torsion.psi 
1 1 ASP A 49  ? ? -95.48  42.85  
2 1 VAL A 83  ? ? -81.40  33.91  
3 1 LYS A 85  ? ? -54.15  2.89   
4 1 LEU A 94  ? ? -167.98 117.42 
5 1 ALA A 132 ? ? -151.44 62.78  
# 
loop_
_chem_comp_atom.comp_id 
_chem_comp_atom.atom_id 
_chem_comp_atom.type_symbol 
_chem_comp_atom.pdbx_aromatic_flag 
_chem_comp_atom.pdbx_stereo_config 
_chem_comp_atom.pdbx_ordinal 
ALA N    N N N 1   
ALA CA   C N S 2   
ALA C    C N N 3   
ALA O    O N N 4   
ALA CB   C N N 5   
ALA OXT  O N N 6   
ALA H    H N N 7   
ALA H2   H N N 8   
ALA HA   H N N 9   
ALA HB1  H N N 10  
ALA HB2  H N N 11  
ALA HB3  H N N 12  
ALA HXT  H N N 13  
ARG N    N N N 14  
ARG CA   C N S 15  
ARG C    C N N 16  
ARG O    O N N 17  
ARG CB   C N N 18  
ARG CG   C N N 19  
ARG CD   C N N 20  
ARG NE   N N N 21  
ARG CZ   C N N 22  
ARG NH1  N N N 23  
ARG NH2  N N N 24  
ARG OXT  O N N 25  
ARG H    H N N 26  
ARG H2   H N N 27  
ARG HA   H N N 28  
ARG HB2  H N N 29  
ARG HB3  H N N 30  
ARG HG2  H N N 31  
ARG HG3  H N N 32  
ARG HD2  H N N 33  
ARG HD3  H N N 34  
ARG HE   H N N 35  
ARG HH11 H N N 36  
ARG HH12 H N N 37  
ARG HH21 H N N 38  
ARG HH22 H N N 39  
ARG HXT  H N N 40  
ASN N    N N N 41  
ASN CA   C N S 42  
ASN C    C N N 43  
ASN O    O N N 44  
ASN CB   C N N 45  
ASN CG   C N N 46  
ASN OD1  O N N 47  
ASN ND2  N N N 48  
ASN OXT  O N N 49  
ASN H    H N N 50  
ASN H2   H N N 51  
ASN HA   H N N 52  
ASN HB2  H N N 53  
ASN HB3  H N N 54  
ASN HD21 H N N 55  
ASN HD22 H N N 56  
ASN HXT  H N N 57  
ASP N    N N N 58  
ASP CA   C N S 59  
ASP C    C N N 60  
ASP O    O N N 61  
ASP CB   C N N 62  
ASP CG   C N N 63  
ASP OD1  O N N 64  
ASP OD2  O N N 65  
ASP OXT  O N N 66  
ASP H    H N N 67  
ASP H2   H N N 68  
ASP HA   H N N 69  
ASP HB2  H N N 70  
ASP HB3  H N N 71  
ASP HD2  H N N 72  
ASP HXT  H N N 73  
GLN N    N N N 74  
GLN CA   C N S 75  
GLN C    C N N 76  
GLN O    O N N 77  
GLN CB   C N N 78  
GLN CG   C N N 79  
GLN CD   C N N 80  
GLN OE1  O N N 81  
GLN NE2  N N N 82  
GLN OXT  O N N 83  
GLN H    H N N 84  
GLN H2   H N N 85  
GLN HA   H N N 86  
GLN HB2  H N N 87  
GLN HB3  H N N 88  
GLN HG2  H N N 89  
GLN HG3  H N N 90  
GLN HE21 H N N 91  
GLN HE22 H N N 92  
GLN HXT  H N N 93  
GLU N    N N N 94  
GLU CA   C N S 95  
GLU C    C N N 96  
GLU O    O N N 97  
GLU CB   C N N 98  
GLU CG   C N N 99  
GLU CD   C N N 100 
GLU OE1  O N N 101 
GLU OE2  O N N 102 
GLU OXT  O N N 103 
GLU H    H N N 104 
GLU H2   H N N 105 
GLU HA   H N N 106 
GLU HB2  H N N 107 
GLU HB3  H N N 108 
GLU HG2  H N N 109 
GLU HG3  H N N 110 
GLU HE2  H N N 111 
GLU HXT  H N N 112 
GLY N    N N N 113 
GLY CA   C N N 114 
GLY C    C N N 115 
GLY O    O N N 116 
GLY OXT  O N N 117 
GLY H    H N N 118 
GLY H2   H N N 119 
GLY HA2  H N N 120 
GLY HA3  H N N 121 
GLY HXT  H N N 122 
HIS N    N N N 123 
HIS CA   C N S 124 
HIS C    C N N 125 
HIS O    O N N 126 
HIS CB   C N N 127 
HIS CG   C Y N 128 
HIS ND1  N Y N 129 
HIS CD2  C Y N 130 
HIS CE1  C Y N 131 
HIS NE2  N Y N 132 
HIS OXT  O N N 133 
HIS H    H N N 134 
HIS H2   H N N 135 
HIS HA   H N N 136 
HIS HB2  H N N 137 
HIS HB3  H N N 138 
HIS HD1  H N N 139 
HIS HD2  H N N 140 
HIS HE1  H N N 141 
HIS HE2  H N N 142 
HIS HXT  H N N 143 
HOH O    O N N 144 
HOH H1   H N N 145 
HOH H2   H N N 146 
ILE N    N N N 147 
ILE CA   C N S 148 
ILE C    C N N 149 
ILE O    O N N 150 
ILE CB   C N S 151 
ILE CG1  C N N 152 
ILE CG2  C N N 153 
ILE CD1  C N N 154 
ILE OXT  O N N 155 
ILE H    H N N 156 
ILE H2   H N N 157 
ILE HA   H N N 158 
ILE HB   H N N 159 
ILE HG12 H N N 160 
ILE HG13 H N N 161 
ILE HG21 H N N 162 
ILE HG22 H N N 163 
ILE HG23 H N N 164 
ILE HD11 H N N 165 
ILE HD12 H N N 166 
ILE HD13 H N N 167 
ILE HXT  H N N 168 
J1D C1   C N S 169 
J1D O1   O N N 170 
J1D C2   C N S 171 
J1D O2   O N N 172 
J1D C3   C N R 173 
J1D O3   O N N 174 
J1D C4   C N R 175 
J1D N1   N Y N 176 
J1D C5   C Y N 177 
J1D N2   N Y N 178 
J1D C6   C Y N 179 
J1D C7   C Y N 180 
J1D N3   N N N 181 
J1D N4   N Y N 182 
J1D C8   C Y N 183 
J1D N5   N Y N 184 
J1D C9   C Y N 185 
J1D C10  C N N 186 
J1D S1   S N N 187 
J1D C11  C N N 188 
J1D N6   N N N 189 
J1D C12  C N N 190 
J1D C13  C N N 191 
J1D C14  C N N 192 
J1D N7   N N N 193 
J1D C15  C N N 194 
J1D O4   O N N 195 
J1D N8   N N N 196 
J1D C16  C N N 197 
J1D N9   N N N 198 
J1D N10  N N N 199 
J1D C17  C N N 200 
J1D O5   O N N 201 
J1D N11  N N N 202 
J1D C18  C N N 203 
J1D C19  C N N 204 
J1D C20  C N N 205 
J1D C21  C N N 206 
J1D N12  N N N 207 
J1D C22  C N N 208 
J1D C23  C N N 209 
J1D O6   O N N 210 
J1D O7   O N N 211 
J1D O8   O N N 212 
J1D H1   H N N 213 
J1D H2   H N N 214 
J1D H3   H N N 215 
J1D H4   H N N 216 
J1D H5   H N N 217 
J1D H6   H N N 218 
J1D H7   H N N 219 
J1D H8   H N N 220 
J1D H9   H N N 221 
J1D H10  H N N 222 
J1D H11  H N N 223 
J1D H12  H N N 224 
J1D H13  H N N 225 
J1D H14  H N N 226 
J1D H15  H N N 227 
J1D H16  H N N 228 
J1D H17  H N N 229 
J1D H18  H N N 230 
J1D H19  H N N 231 
J1D H20  H N N 232 
J1D H21  H N N 233 
J1D H22  H N N 234 
J1D H23  H N N 235 
J1D H24  H N N 236 
J1D H25  H N N 237 
J1D H26  H N N 238 
J1D H27  H N N 239 
J1D H28  H N N 240 
J1D H29  H N N 241 
J1D H31  H N N 242 
LEU N    N N N 243 
LEU CA   C N S 244 
LEU C    C N N 245 
LEU O    O N N 246 
LEU CB   C N N 247 
LEU CG   C N N 248 
LEU CD1  C N N 249 
LEU CD2  C N N 250 
LEU OXT  O N N 251 
LEU H    H N N 252 
LEU H2   H N N 253 
LEU HA   H N N 254 
LEU HB2  H N N 255 
LEU HB3  H N N 256 
LEU HG   H N N 257 
LEU HD11 H N N 258 
LEU HD12 H N N 259 
LEU HD13 H N N 260 
LEU HD21 H N N 261 
LEU HD22 H N N 262 
LEU HD23 H N N 263 
LEU HXT  H N N 264 
LYS N    N N N 265 
LYS CA   C N S 266 
LYS C    C N N 267 
LYS O    O N N 268 
LYS CB   C N N 269 
LYS CG   C N N 270 
LYS CD   C N N 271 
LYS CE   C N N 272 
LYS NZ   N N N 273 
LYS OXT  O N N 274 
LYS H    H N N 275 
LYS H2   H N N 276 
LYS HA   H N N 277 
LYS HB2  H N N 278 
LYS HB3  H N N 279 
LYS HG2  H N N 280 
LYS HG3  H N N 281 
LYS HD2  H N N 282 
LYS HD3  H N N 283 
LYS HE2  H N N 284 
LYS HE3  H N N 285 
LYS HZ1  H N N 286 
LYS HZ2  H N N 287 
LYS HZ3  H N N 288 
LYS HXT  H N N 289 
MET N    N N N 290 
MET CA   C N S 291 
MET C    C N N 292 
MET O    O N N 293 
MET CB   C N N 294 
MET CG   C N N 295 
MET SD   S N N 296 
MET CE   C N N 297 
MET OXT  O N N 298 
MET H    H N N 299 
MET H2   H N N 300 
MET HA   H N N 301 
MET HB2  H N N 302 
MET HB3  H N N 303 
MET HG2  H N N 304 
MET HG3  H N N 305 
MET HE1  H N N 306 
MET HE2  H N N 307 
MET HE3  H N N 308 
MET HXT  H N N 309 
PHE N    N N N 310 
PHE CA   C N S 311 
PHE C    C N N 312 
PHE O    O N N 313 
PHE CB   C N N 314 
PHE CG   C Y N 315 
PHE CD1  C Y N 316 
PHE CD2  C Y N 317 
PHE CE1  C Y N 318 
PHE CE2  C Y N 319 
PHE CZ   C Y N 320 
PHE OXT  O N N 321 
PHE H    H N N 322 
PHE H2   H N N 323 
PHE HA   H N N 324 
PHE HB2  H N N 325 
PHE HB3  H N N 326 
PHE HD1  H N N 327 
PHE HD2  H N N 328 
PHE HE1  H N N 329 
PHE HE2  H N N 330 
PHE HZ   H N N 331 
PHE HXT  H N N 332 
PRO N    N N N 333 
PRO CA   C N S 334 
PRO C    C N N 335 
PRO O    O N N 336 
PRO CB   C N N 337 
PRO CG   C N N 338 
PRO CD   C N N 339 
PRO OXT  O N N 340 
PRO H    H N N 341 
PRO HA   H N N 342 
PRO HB2  H N N 343 
PRO HB3  H N N 344 
PRO HG2  H N N 345 
PRO HG3  H N N 346 
PRO HD2  H N N 347 
PRO HD3  H N N 348 
PRO HXT  H N N 349 
SER N    N N N 350 
SER CA   C N S 351 
SER C    C N N 352 
SER O    O N N 353 
SER CB   C N N 354 
SER OG   O N N 355 
SER OXT  O N N 356 
SER H    H N N 357 
SER H2   H N N 358 
SER HA   H N N 359 
SER HB2  H N N 360 
SER HB3  H N N 361 
SER HG   H N N 362 
SER HXT  H N N 363 
THR N    N N N 364 
THR CA   C N S 365 
THR C    C N N 366 
THR O    O N N 367 
THR CB   C N R 368 
THR OG1  O N N 369 
THR CG2  C N N 370 
THR OXT  O N N 371 
THR H    H N N 372 
THR H2   H N N 373 
THR HA   H N N 374 
THR HB   H N N 375 
THR HG1  H N N 376 
THR HG21 H N N 377 
THR HG22 H N N 378 
THR HG23 H N N 379 
THR HXT  H N N 380 
TRP N    N N N 381 
TRP CA   C N S 382 
TRP C    C N N 383 
TRP O    O N N 384 
TRP CB   C N N 385 
TRP CG   C Y N 386 
TRP CD1  C Y N 387 
TRP CD2  C Y N 388 
TRP NE1  N Y N 389 
TRP CE2  C Y N 390 
TRP CE3  C Y N 391 
TRP CZ2  C Y N 392 
TRP CZ3  C Y N 393 
TRP CH2  C Y N 394 
TRP OXT  O N N 395 
TRP H    H N N 396 
TRP H2   H N N 397 
TRP HA   H N N 398 
TRP HB2  H N N 399 
TRP HB3  H N N 400 
TRP HD1  H N N 401 
TRP HE1  H N N 402 
TRP HE3  H N N 403 
TRP HZ2  H N N 404 
TRP HZ3  H N N 405 
TRP HH2  H N N 406 
TRP HXT  H N N 407 
TYR N    N N N 408 
TYR CA   C N S 409 
TYR C    C N N 410 
TYR O    O N N 411 
TYR CB   C N N 412 
TYR CG   C Y N 413 
TYR CD1  C Y N 414 
TYR CD2  C Y N 415 
TYR CE1  C Y N 416 
TYR CE2  C Y N 417 
TYR CZ   C Y N 418 
TYR OH   O N N 419 
TYR OXT  O N N 420 
TYR H    H N N 421 
TYR H2   H N N 422 
TYR HA   H N N 423 
TYR HB2  H N N 424 
TYR HB3  H N N 425 
TYR HD1  H N N 426 
TYR HD2  H N N 427 
TYR HE1  H N N 428 
TYR HE2  H N N 429 
TYR HH   H N N 430 
TYR HXT  H N N 431 
VAL N    N N N 432 
VAL CA   C N S 433 
VAL C    C N N 434 
VAL O    O N N 435 
VAL CB   C N N 436 
VAL CG1  C N N 437 
VAL CG2  C N N 438 
VAL OXT  O N N 439 
VAL H    H N N 440 
VAL H2   H N N 441 
VAL HA   H N N 442 
VAL HB   H N N 443 
VAL HG11 H N N 444 
VAL HG12 H N N 445 
VAL HG13 H N N 446 
VAL HG21 H N N 447 
VAL HG22 H N N 448 
VAL HG23 H N N 449 
VAL HXT  H N N 450 
# 
loop_
_chem_comp_bond.comp_id 
_chem_comp_bond.atom_id_1 
_chem_comp_bond.atom_id_2 
_chem_comp_bond.value_order 
_chem_comp_bond.pdbx_aromatic_flag 
_chem_comp_bond.pdbx_stereo_config 
_chem_comp_bond.pdbx_ordinal 
ALA N   CA   sing N N 1   
ALA N   H    sing N N 2   
ALA N   H2   sing N N 3   
ALA CA  C    sing N N 4   
ALA CA  CB   sing N N 5   
ALA CA  HA   sing N N 6   
ALA C   O    doub N N 7   
ALA C   OXT  sing N N 8   
ALA CB  HB1  sing N N 9   
ALA CB  HB2  sing N N 10  
ALA CB  HB3  sing N N 11  
ALA OXT HXT  sing N N 12  
ARG N   CA   sing N N 13  
ARG N   H    sing N N 14  
ARG N   H2   sing N N 15  
ARG CA  C    sing N N 16  
ARG CA  CB   sing N N 17  
ARG CA  HA   sing N N 18  
ARG C   O    doub N N 19  
ARG C   OXT  sing N N 20  
ARG CB  CG   sing N N 21  
ARG CB  HB2  sing N N 22  
ARG CB  HB3  sing N N 23  
ARG CG  CD   sing N N 24  
ARG CG  HG2  sing N N 25  
ARG CG  HG3  sing N N 26  
ARG CD  NE   sing N N 27  
ARG CD  HD2  sing N N 28  
ARG CD  HD3  sing N N 29  
ARG NE  CZ   sing N N 30  
ARG NE  HE   sing N N 31  
ARG CZ  NH1  sing N N 32  
ARG CZ  NH2  doub N N 33  
ARG NH1 HH11 sing N N 34  
ARG NH1 HH12 sing N N 35  
ARG NH2 HH21 sing N N 36  
ARG NH2 HH22 sing N N 37  
ARG OXT HXT  sing N N 38  
ASN N   CA   sing N N 39  
ASN N   H    sing N N 40  
ASN N   H2   sing N N 41  
ASN CA  C    sing N N 42  
ASN CA  CB   sing N N 43  
ASN CA  HA   sing N N 44  
ASN C   O    doub N N 45  
ASN C   OXT  sing N N 46  
ASN CB  CG   sing N N 47  
ASN CB  HB2  sing N N 48  
ASN CB  HB3  sing N N 49  
ASN CG  OD1  doub N N 50  
ASN CG  ND2  sing N N 51  
ASN ND2 HD21 sing N N 52  
ASN ND2 HD22 sing N N 53  
ASN OXT HXT  sing N N 54  
ASP N   CA   sing N N 55  
ASP N   H    sing N N 56  
ASP N   H2   sing N N 57  
ASP CA  C    sing N N 58  
ASP CA  CB   sing N N 59  
ASP CA  HA   sing N N 60  
ASP C   O    doub N N 61  
ASP C   OXT  sing N N 62  
ASP CB  CG   sing N N 63  
ASP CB  HB2  sing N N 64  
ASP CB  HB3  sing N N 65  
ASP CG  OD1  doub N N 66  
ASP CG  OD2  sing N N 67  
ASP OD2 HD2  sing N N 68  
ASP OXT HXT  sing N N 69  
GLN N   CA   sing N N 70  
GLN N   H    sing N N 71  
GLN N   H2   sing N N 72  
GLN CA  C    sing N N 73  
GLN CA  CB   sing N N 74  
GLN CA  HA   sing N N 75  
GLN C   O    doub N N 76  
GLN C   OXT  sing N N 77  
GLN CB  CG   sing N N 78  
GLN CB  HB2  sing N N 79  
GLN CB  HB3  sing N N 80  
GLN CG  CD   sing N N 81  
GLN CG  HG2  sing N N 82  
GLN CG  HG3  sing N N 83  
GLN CD  OE1  doub N N 84  
GLN CD  NE2  sing N N 85  
GLN NE2 HE21 sing N N 86  
GLN NE2 HE22 sing N N 87  
GLN OXT HXT  sing N N 88  
GLU N   CA   sing N N 89  
GLU N   H    sing N N 90  
GLU N   H2   sing N N 91  
GLU CA  C    sing N N 92  
GLU CA  CB   sing N N 93  
GLU CA  HA   sing N N 94  
GLU C   O    doub N N 95  
GLU C   OXT  sing N N 96  
GLU CB  CG   sing N N 97  
GLU CB  HB2  sing N N 98  
GLU CB  HB3  sing N N 99  
GLU CG  CD   sing N N 100 
GLU CG  HG2  sing N N 101 
GLU CG  HG3  sing N N 102 
GLU CD  OE1  doub N N 103 
GLU CD  OE2  sing N N 104 
GLU OE2 HE2  sing N N 105 
GLU OXT HXT  sing N N 106 
GLY N   CA   sing N N 107 
GLY N   H    sing N N 108 
GLY N   H2   sing N N 109 
GLY CA  C    sing N N 110 
GLY CA  HA2  sing N N 111 
GLY CA  HA3  sing N N 112 
GLY C   O    doub N N 113 
GLY C   OXT  sing N N 114 
GLY OXT HXT  sing N N 115 
HIS N   CA   sing N N 116 
HIS N   H    sing N N 117 
HIS N   H2   sing N N 118 
HIS CA  C    sing N N 119 
HIS CA  CB   sing N N 120 
HIS CA  HA   sing N N 121 
HIS C   O    doub N N 122 
HIS C   OXT  sing N N 123 
HIS CB  CG   sing N N 124 
HIS CB  HB2  sing N N 125 
HIS CB  HB3  sing N N 126 
HIS CG  ND1  sing Y N 127 
HIS CG  CD2  doub Y N 128 
HIS ND1 CE1  doub Y N 129 
HIS ND1 HD1  sing N N 130 
HIS CD2 NE2  sing Y N 131 
HIS CD2 HD2  sing N N 132 
HIS CE1 NE2  sing Y N 133 
HIS CE1 HE1  sing N N 134 
HIS NE2 HE2  sing N N 135 
HIS OXT HXT  sing N N 136 
HOH O   H1   sing N N 137 
HOH O   H2   sing N N 138 
ILE N   CA   sing N N 139 
ILE N   H    sing N N 140 
ILE N   H2   sing N N 141 
ILE CA  C    sing N N 142 
ILE CA  CB   sing N N 143 
ILE CA  HA   sing N N 144 
ILE C   O    doub N N 145 
ILE C   OXT  sing N N 146 
ILE CB  CG1  sing N N 147 
ILE CB  CG2  sing N N 148 
ILE CB  HB   sing N N 149 
ILE CG1 CD1  sing N N 150 
ILE CG1 HG12 sing N N 151 
ILE CG1 HG13 sing N N 152 
ILE CG2 HG21 sing N N 153 
ILE CG2 HG22 sing N N 154 
ILE CG2 HG23 sing N N 155 
ILE CD1 HD11 sing N N 156 
ILE CD1 HD12 sing N N 157 
ILE CD1 HD13 sing N N 158 
ILE OXT HXT  sing N N 159 
J1D N9  C16  sing N N 160 
J1D C16 N10  sing N N 161 
J1D C16 N8   doub N N 162 
J1D N10 C17  sing N N 163 
J1D N8  C22  sing N N 164 
J1D C17 O5   doub N N 165 
J1D C17 C23  sing N N 166 
J1D C22 N12  sing N N 167 
J1D C22 C23  doub N N 168 
J1D N12 C19  sing N N 169 
J1D C23 N11  sing N N 170 
J1D C21 C19  sing N N 171 
J1D N11 C18  doub N N 172 
J1D C19 C18  sing N N 173 
J1D C19 C20  sing N N 174 
J1D C18 C15  sing N N 175 
J1D O6  C13  doub N N 176 
J1D C15 N7   sing N N 177 
J1D C15 O4   doub N N 178 
J1D N7  C14  sing N N 179 
J1D N3  C7   sing N N 180 
J1D C13 C14  sing N N 181 
J1D C13 N6   sing N N 182 
J1D C7  N4   doub Y N 183 
J1D C7  C6   sing Y N 184 
J1D N4  C8   sing Y N 185 
J1D N2  C6   sing Y N 186 
J1D N2  C5   doub Y N 187 
J1D C11 C12  sing N N 188 
J1D C11 S1   sing N N 189 
J1D C6  C9   doub Y N 190 
J1D N6  C12  sing N N 191 
J1D C8  N5   doub Y N 192 
J1D C5  N1   sing Y N 193 
J1D O7  S1   doub N N 194 
J1D C10 S1   sing N N 195 
J1D C10 C1   sing N N 196 
J1D C9  N5   sing Y N 197 
J1D C9  N1   sing Y N 198 
J1D S1  O8   doub N N 199 
J1D N1  C4   sing N N 200 
J1D C2  C1   sing N N 201 
J1D C2  O2   sing N N 202 
J1D C2  C3   sing N N 203 
J1D C1  O1   sing N N 204 
J1D O1  C4   sing N N 205 
J1D C4  C3   sing N N 206 
J1D C3  O3   sing N N 207 
J1D C1  H1   sing N N 208 
J1D C2  H2   sing N N 209 
J1D O2  H3   sing N N 210 
J1D C3  H4   sing N N 211 
J1D O3  H5   sing N N 212 
J1D C4  H6   sing N N 213 
J1D C5  H7   sing N N 214 
J1D N3  H8   sing N N 215 
J1D N3  H9   sing N N 216 
J1D C8  H10  sing N N 217 
J1D C10 H11  sing N N 218 
J1D C10 H12  sing N N 219 
J1D C11 H13  sing N N 220 
J1D C11 H14  sing N N 221 
J1D N6  H15  sing N N 222 
J1D C12 H16  sing N N 223 
J1D C12 H17  sing N N 224 
J1D C14 H18  sing N N 225 
J1D C14 H19  sing N N 226 
J1D N7  H20  sing N N 227 
J1D N9  H21  sing N N 228 
J1D N9  H22  sing N N 229 
J1D N10 H23  sing N N 230 
J1D C20 H24  sing N N 231 
J1D C20 H25  sing N N 232 
J1D C20 H26  sing N N 233 
J1D C21 H27  sing N N 234 
J1D C21 H28  sing N N 235 
J1D C21 H29  sing N N 236 
J1D N12 H31  sing N N 237 
LEU N   CA   sing N N 238 
LEU N   H    sing N N 239 
LEU N   H2   sing N N 240 
LEU CA  C    sing N N 241 
LEU CA  CB   sing N N 242 
LEU CA  HA   sing N N 243 
LEU C   O    doub N N 244 
LEU C   OXT  sing N N 245 
LEU CB  CG   sing N N 246 
LEU CB  HB2  sing N N 247 
LEU CB  HB3  sing N N 248 
LEU CG  CD1  sing N N 249 
LEU CG  CD2  sing N N 250 
LEU CG  HG   sing N N 251 
LEU CD1 HD11 sing N N 252 
LEU CD1 HD12 sing N N 253 
LEU CD1 HD13 sing N N 254 
LEU CD2 HD21 sing N N 255 
LEU CD2 HD22 sing N N 256 
LEU CD2 HD23 sing N N 257 
LEU OXT HXT  sing N N 258 
LYS N   CA   sing N N 259 
LYS N   H    sing N N 260 
LYS N   H2   sing N N 261 
LYS CA  C    sing N N 262 
LYS CA  CB   sing N N 263 
LYS CA  HA   sing N N 264 
LYS C   O    doub N N 265 
LYS C   OXT  sing N N 266 
LYS CB  CG   sing N N 267 
LYS CB  HB2  sing N N 268 
LYS CB  HB3  sing N N 269 
LYS CG  CD   sing N N 270 
LYS CG  HG2  sing N N 271 
LYS CG  HG3  sing N N 272 
LYS CD  CE   sing N N 273 
LYS CD  HD2  sing N N 274 
LYS CD  HD3  sing N N 275 
LYS CE  NZ   sing N N 276 
LYS CE  HE2  sing N N 277 
LYS CE  HE3  sing N N 278 
LYS NZ  HZ1  sing N N 279 
LYS NZ  HZ2  sing N N 280 
LYS NZ  HZ3  sing N N 281 
LYS OXT HXT  sing N N 282 
MET N   CA   sing N N 283 
MET N   H    sing N N 284 
MET N   H2   sing N N 285 
MET CA  C    sing N N 286 
MET CA  CB   sing N N 287 
MET CA  HA   sing N N 288 
MET C   O    doub N N 289 
MET C   OXT  sing N N 290 
MET CB  CG   sing N N 291 
MET CB  HB2  sing N N 292 
MET CB  HB3  sing N N 293 
MET CG  SD   sing N N 294 
MET CG  HG2  sing N N 295 
MET CG  HG3  sing N N 296 
MET SD  CE   sing N N 297 
MET CE  HE1  sing N N 298 
MET CE  HE2  sing N N 299 
MET CE  HE3  sing N N 300 
MET OXT HXT  sing N N 301 
PHE N   CA   sing N N 302 
PHE N   H    sing N N 303 
PHE N   H2   sing N N 304 
PHE CA  C    sing N N 305 
PHE CA  CB   sing N N 306 
PHE CA  HA   sing N N 307 
PHE C   O    doub N N 308 
PHE C   OXT  sing N N 309 
PHE CB  CG   sing N N 310 
PHE CB  HB2  sing N N 311 
PHE CB  HB3  sing N N 312 
PHE CG  CD1  doub Y N 313 
PHE CG  CD2  sing Y N 314 
PHE CD1 CE1  sing Y N 315 
PHE CD1 HD1  sing N N 316 
PHE CD2 CE2  doub Y N 317 
PHE CD2 HD2  sing N N 318 
PHE CE1 CZ   doub Y N 319 
PHE CE1 HE1  sing N N 320 
PHE CE2 CZ   sing Y N 321 
PHE CE2 HE2  sing N N 322 
PHE CZ  HZ   sing N N 323 
PHE OXT HXT  sing N N 324 
PRO N   CA   sing N N 325 
PRO N   CD   sing N N 326 
PRO N   H    sing N N 327 
PRO CA  C    sing N N 328 
PRO CA  CB   sing N N 329 
PRO CA  HA   sing N N 330 
PRO C   O    doub N N 331 
PRO C   OXT  sing N N 332 
PRO CB  CG   sing N N 333 
PRO CB  HB2  sing N N 334 
PRO CB  HB3  sing N N 335 
PRO CG  CD   sing N N 336 
PRO CG  HG2  sing N N 337 
PRO CG  HG3  sing N N 338 
PRO CD  HD2  sing N N 339 
PRO CD  HD3  sing N N 340 
PRO OXT HXT  sing N N 341 
SER N   CA   sing N N 342 
SER N   H    sing N N 343 
SER N   H2   sing N N 344 
SER CA  C    sing N N 345 
SER CA  CB   sing N N 346 
SER CA  HA   sing N N 347 
SER C   O    doub N N 348 
SER C   OXT  sing N N 349 
SER CB  OG   sing N N 350 
SER CB  HB2  sing N N 351 
SER CB  HB3  sing N N 352 
SER OG  HG   sing N N 353 
SER OXT HXT  sing N N 354 
THR N   CA   sing N N 355 
THR N   H    sing N N 356 
THR N   H2   sing N N 357 
THR CA  C    sing N N 358 
THR CA  CB   sing N N 359 
THR CA  HA   sing N N 360 
THR C   O    doub N N 361 
THR C   OXT  sing N N 362 
THR CB  OG1  sing N N 363 
THR CB  CG2  sing N N 364 
THR CB  HB   sing N N 365 
THR OG1 HG1  sing N N 366 
THR CG2 HG21 sing N N 367 
THR CG2 HG22 sing N N 368 
THR CG2 HG23 sing N N 369 
THR OXT HXT  sing N N 370 
TRP N   CA   sing N N 371 
TRP N   H    sing N N 372 
TRP N   H2   sing N N 373 
TRP CA  C    sing N N 374 
TRP CA  CB   sing N N 375 
TRP CA  HA   sing N N 376 
TRP C   O    doub N N 377 
TRP C   OXT  sing N N 378 
TRP CB  CG   sing N N 379 
TRP CB  HB2  sing N N 380 
TRP CB  HB3  sing N N 381 
TRP CG  CD1  doub Y N 382 
TRP CG  CD2  sing Y N 383 
TRP CD1 NE1  sing Y N 384 
TRP CD1 HD1  sing N N 385 
TRP CD2 CE2  doub Y N 386 
TRP CD2 CE3  sing Y N 387 
TRP NE1 CE2  sing Y N 388 
TRP NE1 HE1  sing N N 389 
TRP CE2 CZ2  sing Y N 390 
TRP CE3 CZ3  doub Y N 391 
TRP CE3 HE3  sing N N 392 
TRP CZ2 CH2  doub Y N 393 
TRP CZ2 HZ2  sing N N 394 
TRP CZ3 CH2  sing Y N 395 
TRP CZ3 HZ3  sing N N 396 
TRP CH2 HH2  sing N N 397 
TRP OXT HXT  sing N N 398 
TYR N   CA   sing N N 399 
TYR N   H    sing N N 400 
TYR N   H2   sing N N 401 
TYR CA  C    sing N N 402 
TYR CA  CB   sing N N 403 
TYR CA  HA   sing N N 404 
TYR C   O    doub N N 405 
TYR C   OXT  sing N N 406 
TYR CB  CG   sing N N 407 
TYR CB  HB2  sing N N 408 
TYR CB  HB3  sing N N 409 
TYR CG  CD1  doub Y N 410 
TYR CG  CD2  sing Y N 411 
TYR CD1 CE1  sing Y N 412 
TYR CD1 HD1  sing N N 413 
TYR CD2 CE2  doub Y N 414 
TYR CD2 HD2  sing N N 415 
TYR CE1 CZ   doub Y N 416 
TYR CE1 HE1  sing N N 417 
TYR CE2 CZ   sing Y N 418 
TYR CE2 HE2  sing N N 419 
TYR CZ  OH   sing N N 420 
TYR OH  HH   sing N N 421 
TYR OXT HXT  sing N N 422 
VAL N   CA   sing N N 423 
VAL N   H    sing N N 424 
VAL N   H2   sing N N 425 
VAL CA  C    sing N N 426 
VAL CA  CB   sing N N 427 
VAL CA  HA   sing N N 428 
VAL C   O    doub N N 429 
VAL C   OXT  sing N N 430 
VAL CB  CG1  sing N N 431 
VAL CB  CG2  sing N N 432 
VAL CB  HB   sing N N 433 
VAL CG1 HG11 sing N N 434 
VAL CG1 HG12 sing N N 435 
VAL CG1 HG13 sing N N 436 
VAL CG2 HG21 sing N N 437 
VAL CG2 HG22 sing N N 438 
VAL CG2 HG23 sing N N 439 
VAL OXT HXT  sing N N 440 
# 
loop_
_pdbx_entity_nonpoly.entity_id 
_pdbx_entity_nonpoly.name 
_pdbx_entity_nonpoly.comp_id 
2 
"5'-{[2-({N-[(2-amino-7,7-dimethyl-4-oxo-3,4,7,8-tetrahydropteridin-6-yl)carbonyl]glycyl}amino)ethyl]sulfonyl}-5'-deoxyadenosine" 
J1D 
3 water HOH 
# 
_pdbx_initial_refinement_model.id               1 
_pdbx_initial_refinement_model.entity_id_list   ? 
_pdbx_initial_refinement_model.type             'experimental model' 
_pdbx_initial_refinement_model.source_name      PDB 
_pdbx_initial_refinement_model.accession_code   3UDV 
_pdbx_initial_refinement_model.details          'PDB entry 3UDV' 
# 
